data_9CBS
#
_entry.id   9CBS
#
_cell.length_a   126.091
_cell.length_b   132.554
_cell.length_c   138.961
_cell.angle_alpha   90.000
_cell.angle_beta   90.000
_cell.angle_gamma   90.000
#
_symmetry.space_group_name_H-M   'P 21 21 21'
#
loop_
_entity.id
_entity.type
_entity.pdbx_description
1 polymer 'non-specific serine/threonine protein kinase'
2 water water
#
_entity_poly.entity_id   1
_entity_poly.type   'polypeptide(L)'
_entity_poly.pdbx_seq_one_letter_code
;STLPTPDDL(MSE)RRFIVKDTLITIFRRHGAVEAPTATLYPKSSHYGPNAVHLLDRNGTVLQLPFDLV(MSE)GHARSL
ARIASGPVPQRAYSFGNIFRDRQDGGQPDVYGEVDFDIVTTDA(MSE)DLA(MSE)KEAEVIKVLDEIIAAFPTTSSTP
(MSE)CFQLGHSDLLQLIFDFCNVEHGARQAAAEVLSKLNIRNFTWQKVRSELRSPLVGISATSVDELQRFDWRDTPTKA
FTKIRNLFEGTEYYDKVSSTLAHLKEVYEYSKKFKVNTKIYIAPLSSINEAFFRGGILFSCLYDRKV(MSE)DVFAAGGR
YDGLIKAHRPRIGSRFEERHAVGFSLNWEKQLAKP
;
_entity_poly.pdbx_strand_id   A,B,C,D
#
# COMPACT_ATOMS: atom_id res chain seq x y z
N LEU A 3 -53.02 8.07 -23.96
CA LEU A 3 -54.11 7.59 -23.11
C LEU A 3 -54.01 6.10 -22.87
N PRO A 4 -53.69 5.71 -21.64
CA PRO A 4 -53.48 4.29 -21.34
C PRO A 4 -54.78 3.50 -21.28
N THR A 5 -54.63 2.20 -21.45
CA THR A 5 -55.68 1.25 -21.14
C THR A 5 -55.63 0.92 -19.65
N PRO A 6 -56.73 0.41 -19.08
CA PRO A 6 -56.67 -0.10 -17.71
C PRO A 6 -55.61 -1.18 -17.54
N ASP A 7 -55.39 -1.98 -18.59
CA ASP A 7 -54.34 -3.00 -18.54
C ASP A 7 -52.97 -2.37 -18.35
N ASP A 8 -52.71 -1.20 -18.95
CA ASP A 8 -51.41 -0.56 -18.79
C ASP A 8 -51.15 -0.22 -17.33
N LEU A 9 -52.14 0.37 -16.66
CA LEU A 9 -51.99 0.70 -15.24
C LEU A 9 -51.85 -0.54 -14.39
N MSE A 10 -52.61 -1.59 -14.72
CA MSE A 10 -52.49 -2.83 -13.96
C MSE A 10 -51.10 -3.45 -14.13
O MSE A 10 -50.52 -3.96 -13.17
CB MSE A 10 -53.57 -3.82 -14.37
CG MSE A 10 -53.33 -5.17 -13.77
SE MSE A 10 -53.88 -5.26 -11.90
CE MSE A 10 -55.15 -3.77 -11.84
N ARG A 11 -50.58 -3.40 -15.35
CA ARG A 11 -49.25 -3.95 -15.61
C ARG A 11 -48.18 -3.17 -14.86
N ARG A 12 -48.32 -1.85 -14.80
CA ARG A 12 -47.37 -1.06 -14.01
C ARG A 12 -47.43 -1.45 -12.53
N PHE A 13 -48.64 -1.65 -11.99
CA PHE A 13 -48.78 -2.09 -10.61
C PHE A 13 -48.10 -3.44 -10.39
N ILE A 14 -48.32 -4.38 -11.30
CA ILE A 14 -47.79 -5.74 -11.16
C ILE A 14 -46.26 -5.72 -11.25
N VAL A 15 -45.72 -4.91 -12.17
CA VAL A 15 -44.26 -4.79 -12.27
C VAL A 15 -43.68 -4.24 -10.96
N LYS A 16 -44.34 -3.23 -10.39
CA LYS A 16 -43.87 -2.67 -9.12
C LYS A 16 -43.87 -3.73 -8.03
N ASP A 17 -44.95 -4.51 -7.95
CA ASP A 17 -45.04 -5.56 -6.95
C ASP A 17 -43.96 -6.62 -7.14
N THR A 18 -43.66 -6.98 -8.39
CA THR A 18 -42.61 -7.96 -8.65
C THR A 18 -41.25 -7.44 -8.20
N LEU A 19 -40.94 -6.17 -8.50
CA LEU A 19 -39.67 -5.60 -8.03
C LEU A 19 -39.59 -5.63 -6.51
N ILE A 20 -40.68 -5.21 -5.84
CA ILE A 20 -40.70 -5.22 -4.38
C ILE A 20 -40.45 -6.63 -3.87
N THR A 21 -41.06 -7.63 -4.51
CA THR A 21 -40.87 -9.01 -4.09
C THR A 21 -39.41 -9.45 -4.22
N ILE A 22 -38.78 -9.12 -5.35
CA ILE A 22 -37.38 -9.49 -5.55
C ILE A 22 -36.52 -8.85 -4.46
N PHE A 23 -36.79 -7.57 -4.15
CA PHE A 23 -36.04 -6.90 -3.10
C PHE A 23 -36.27 -7.54 -1.74
N ARG A 24 -37.52 -7.90 -1.43
CA ARG A 24 -37.82 -8.58 -0.18
C ARG A 24 -37.05 -9.89 -0.06
N ARG A 25 -37.11 -10.73 -1.08
CA ARG A 25 -36.49 -12.04 -1.02
C ARG A 25 -34.96 -11.97 -0.97
N HIS A 26 -34.38 -10.79 -1.24
CA HIS A 26 -32.95 -10.59 -1.03
C HIS A 26 -32.64 -9.84 0.26
N GLY A 27 -33.62 -9.66 1.15
CA GLY A 27 -33.37 -9.09 2.45
C GLY A 27 -33.37 -7.58 2.52
N ALA A 28 -33.75 -6.90 1.44
CA ALA A 28 -33.80 -5.45 1.47
C ALA A 28 -35.13 -4.97 2.04
N VAL A 29 -35.12 -3.73 2.55
CA VAL A 29 -36.32 -3.07 3.05
C VAL A 29 -36.45 -1.72 2.37
N GLU A 30 -37.67 -1.19 2.38
CA GLU A 30 -37.96 0.07 1.70
C GLU A 30 -37.44 1.25 2.51
N ALA A 31 -36.82 2.20 1.82
CA ALA A 31 -36.35 3.48 2.34
C ALA A 31 -37.22 4.60 1.78
N PRO A 32 -37.15 5.82 2.33
CA PRO A 32 -38.12 6.86 1.96
C PRO A 32 -38.13 7.18 0.47
N THR A 33 -39.35 7.32 -0.06
CA THR A 33 -39.55 7.80 -1.42
C THR A 33 -39.05 9.23 -1.54
N ALA A 34 -38.53 9.58 -2.71
CA ALA A 34 -37.87 10.86 -2.90
C ALA A 34 -38.14 11.42 -4.28
N THR A 35 -38.15 12.75 -4.37
CA THR A 35 -38.27 13.46 -5.63
C THR A 35 -37.11 14.42 -5.78
N LEU A 36 -36.49 14.41 -6.96
CA LEU A 36 -35.40 15.31 -7.29
C LEU A 36 -35.95 16.50 -8.07
N TYR A 37 -35.84 17.69 -7.48
CA TYR A 37 -36.21 18.93 -8.15
C TYR A 37 -34.97 19.53 -8.79
N PRO A 38 -34.90 19.58 -10.13
CA PRO A 38 -33.69 20.07 -10.79
C PRO A 38 -33.43 21.55 -10.56
N LYS A 39 -32.15 21.91 -10.63
CA LYS A 39 -31.72 23.29 -10.46
C LYS A 39 -32.30 24.20 -11.53
N SER A 40 -32.43 25.49 -11.20
CA SER A 40 -32.95 26.48 -12.12
C SER A 40 -31.86 27.28 -12.84
N SER A 41 -30.64 27.27 -12.33
CA SER A 41 -29.49 27.86 -13.01
C SER A 41 -28.34 26.86 -12.97
N HIS A 42 -27.31 27.13 -13.79
CA HIS A 42 -26.25 26.14 -13.96
C HIS A 42 -25.54 25.83 -12.64
N TYR A 43 -25.25 26.86 -11.85
CA TYR A 43 -24.55 26.67 -10.58
C TYR A 43 -25.48 26.54 -9.38
N GLY A 44 -26.79 26.60 -9.60
CA GLY A 44 -27.75 26.47 -8.51
C GLY A 44 -27.86 25.04 -8.04
N PRO A 45 -28.33 24.85 -6.81
CA PRO A 45 -28.41 23.50 -6.24
C PRO A 45 -29.60 22.71 -6.79
N ASN A 46 -29.47 21.39 -6.71
CA ASN A 46 -30.58 20.49 -6.99
C ASN A 46 -31.19 20.06 -5.67
N ALA A 47 -32.50 20.17 -5.53
CA ALA A 47 -33.10 19.82 -4.25
C ALA A 47 -33.65 18.40 -4.29
N VAL A 48 -33.68 17.74 -3.14
CA VAL A 48 -34.32 16.44 -3.01
C VAL A 48 -35.31 16.50 -1.86
N HIS A 49 -36.55 16.11 -2.14
CA HIS A 49 -37.61 16.02 -1.13
C HIS A 49 -37.77 14.54 -0.76
N LEU A 50 -37.65 14.24 0.52
CA LEU A 50 -37.89 12.89 1.02
C LEU A 50 -39.28 12.81 1.62
N LEU A 51 -40.04 11.80 1.24
CA LEU A 51 -41.38 11.58 1.80
C LEU A 51 -41.25 10.73 3.06
N ASP A 52 -40.61 11.31 4.06
CA ASP A 52 -40.35 10.66 5.33
C ASP A 52 -41.14 11.36 6.44
N ARG A 53 -40.84 11.00 7.69
CA ARG A 53 -41.54 11.56 8.83
C ARG A 53 -41.63 13.08 8.75
N ASN A 54 -40.50 13.73 8.46
CA ASN A 54 -40.42 15.19 8.50
C ASN A 54 -40.65 15.86 7.16
N GLY A 55 -40.72 15.11 6.06
CA GLY A 55 -40.75 15.77 4.76
C GLY A 55 -39.47 16.54 4.50
N THR A 56 -38.33 15.93 4.83
CA THR A 56 -37.04 16.60 4.76
C THR A 56 -36.70 17.00 3.34
N VAL A 57 -36.14 18.21 3.18
CA VAL A 57 -35.65 18.69 1.90
C VAL A 57 -34.17 19.01 2.03
N LEU A 58 -33.37 18.44 1.13
CA LEU A 58 -31.93 18.62 1.14
C LEU A 58 -31.46 19.26 -0.16
N GLN A 59 -30.57 20.25 -0.05
CA GLN A 59 -29.98 20.90 -1.20
C GLN A 59 -28.66 20.22 -1.53
N LEU A 60 -28.53 19.71 -2.76
CA LEU A 60 -27.44 18.96 -3.36
C LEU A 60 -26.65 19.82 -4.36
N PRO A 61 -25.37 19.48 -4.57
CA PRO A 61 -24.53 20.28 -5.47
C PRO A 61 -25.07 20.34 -6.89
N PHE A 62 -24.61 21.37 -7.62
CA PHE A 62 -25.23 21.71 -8.90
C PHE A 62 -25.00 20.64 -9.97
N ASP A 63 -24.00 19.78 -9.81
CA ASP A 63 -23.68 18.78 -10.81
C ASP A 63 -24.39 17.45 -10.58
N LEU A 64 -25.17 17.31 -9.51
CA LEU A 64 -25.87 16.07 -9.21
C LEU A 64 -27.30 16.13 -9.76
N VAL A 65 -27.40 15.99 -11.08
CA VAL A 65 -28.67 16.09 -11.78
C VAL A 65 -29.27 14.72 -12.11
N MSE A 66 -28.67 13.65 -11.60
CA MSE A 66 -29.11 12.29 -11.93
C MSE A 66 -29.91 11.71 -10.76
O MSE A 66 -29.62 12.00 -9.60
CB MSE A 66 -27.91 11.40 -12.27
CG MSE A 66 -27.06 10.98 -11.07
SE MSE A 66 -25.89 12.37 -10.40
CE MSE A 66 -24.64 12.51 -11.88
N GLY A 67 -30.90 10.87 -11.08
CA GLY A 67 -31.85 10.41 -10.07
C GLY A 67 -31.21 9.72 -8.88
N HIS A 68 -30.09 9.02 -9.09
CA HIS A 68 -29.44 8.33 -7.99
C HIS A 68 -28.97 9.29 -6.89
N ALA A 69 -28.88 10.59 -7.19
CA ALA A 69 -28.55 11.56 -6.15
C ALA A 69 -29.52 11.45 -4.97
N ARG A 70 -30.75 11.01 -5.22
CA ARG A 70 -31.70 10.81 -4.13
C ARG A 70 -31.10 9.98 -3.01
N SER A 71 -30.36 8.94 -3.36
CA SER A 71 -29.76 8.07 -2.34
C SER A 71 -28.80 8.87 -1.47
N LEU A 72 -27.95 9.69 -2.09
CA LEU A 72 -27.07 10.54 -1.31
C LEU A 72 -27.87 11.37 -0.32
N ALA A 73 -28.99 11.96 -0.78
CA ALA A 73 -29.83 12.74 0.11
C ALA A 73 -30.25 11.91 1.31
N ARG A 74 -30.73 10.69 1.07
CA ARG A 74 -31.12 9.83 2.18
C ARG A 74 -29.95 9.64 3.14
N ILE A 75 -28.77 9.37 2.59
CA ILE A 75 -27.60 9.12 3.44
C ILE A 75 -27.24 10.38 4.21
N ALA A 76 -27.44 11.56 3.60
CA ALA A 76 -27.15 12.79 4.32
C ALA A 76 -28.20 13.09 5.39
N SER A 77 -29.41 12.55 5.25
CA SER A 77 -30.48 12.96 6.16
C SER A 77 -30.40 12.25 7.49
N GLY A 78 -29.82 11.05 7.52
CA GLY A 78 -29.71 10.29 8.74
C GLY A 78 -29.32 8.86 8.46
N PRO A 79 -29.55 7.98 9.43
CA PRO A 79 -29.23 6.56 9.23
C PRO A 79 -30.10 5.95 8.14
N VAL A 80 -29.53 4.95 7.47
CA VAL A 80 -30.23 4.22 6.41
C VAL A 80 -30.07 2.74 6.70
N PRO A 81 -30.98 1.90 6.18
CA PRO A 81 -30.79 0.45 6.35
C PRO A 81 -29.62 -0.04 5.52
N GLN A 82 -29.02 -1.15 5.97
CA GLN A 82 -27.89 -1.71 5.24
C GLN A 82 -28.24 -2.00 3.79
N ARG A 83 -29.35 -2.71 3.57
CA ARG A 83 -29.82 -3.05 2.22
C ARG A 83 -31.19 -2.41 2.02
N ALA A 84 -31.28 -1.47 1.08
CA ALA A 84 -32.53 -0.73 0.92
C ALA A 84 -32.84 -0.48 -0.53
N TYR A 85 -34.13 -0.29 -0.80
CA TYR A 85 -34.63 0.18 -2.08
C TYR A 85 -35.63 1.30 -1.81
N SER A 86 -35.70 2.25 -2.73
CA SER A 86 -36.58 3.41 -2.57
C SER A 86 -37.09 3.83 -3.93
N PHE A 87 -38.39 4.11 -4.01
CA PHE A 87 -38.96 4.60 -5.25
C PHE A 87 -38.77 6.11 -5.32
N GLY A 88 -38.72 6.62 -6.55
CA GLY A 88 -38.51 8.05 -6.71
C GLY A 88 -38.74 8.47 -8.14
N ASN A 89 -38.72 9.78 -8.34
CA ASN A 89 -38.80 10.36 -9.68
C ASN A 89 -38.03 11.67 -9.69
N ILE A 90 -37.99 12.30 -10.85
CA ILE A 90 -37.41 13.62 -11.03
C ILE A 90 -38.52 14.57 -11.43
N PHE A 91 -38.64 15.69 -10.73
CA PHE A 91 -39.75 16.59 -10.98
C PHE A 91 -39.71 17.09 -12.42
N ARG A 92 -40.85 17.01 -13.09
CA ARG A 92 -41.09 17.63 -14.39
C ARG A 92 -42.42 18.36 -14.31
N ASP A 93 -42.47 19.57 -14.86
CA ASP A 93 -43.68 20.39 -14.76
C ASP A 93 -44.87 19.65 -15.37
N ARG A 94 -46.02 19.77 -14.71
CA ARG A 94 -47.22 19.10 -15.21
C ARG A 94 -47.59 19.59 -16.60
N GLN A 95 -47.41 20.89 -16.86
CA GLN A 95 -47.66 21.45 -18.18
C GLN A 95 -46.65 20.97 -19.22
N ASP A 96 -45.59 20.28 -18.81
CA ASP A 96 -44.56 19.76 -19.71
C ASP A 96 -44.52 18.24 -19.70
N GLY A 97 -45.62 17.60 -19.35
CA GLY A 97 -45.69 16.16 -19.37
C GLY A 97 -45.18 15.44 -18.13
N GLY A 98 -45.12 16.13 -16.99
CA GLY A 98 -44.72 15.48 -15.75
C GLY A 98 -45.87 14.69 -15.15
N GLN A 99 -45.54 13.56 -14.54
CA GLN A 99 -46.51 12.71 -13.86
C GLN A 99 -46.11 12.61 -12.40
N PRO A 100 -46.50 13.59 -11.58
CA PRO A 100 -45.95 13.71 -10.22
C PRO A 100 -46.32 12.58 -9.28
N ASP A 101 -47.39 11.83 -9.56
CA ASP A 101 -47.81 10.74 -8.69
C ASP A 101 -47.29 9.38 -9.16
N VAL A 102 -46.47 9.34 -10.20
CA VAL A 102 -45.83 8.12 -10.67
C VAL A 102 -44.36 8.19 -10.27
N TYR A 103 -43.95 7.28 -9.39
CA TYR A 103 -42.54 7.19 -8.98
C TYR A 103 -41.93 6.04 -9.77
N GLY A 104 -41.61 6.34 -11.02
CA GLY A 104 -41.19 5.33 -11.97
C GLY A 104 -39.73 4.93 -11.92
N GLU A 105 -38.97 5.47 -10.97
CA GLU A 105 -37.60 5.06 -10.78
C GLU A 105 -37.47 4.35 -9.44
N VAL A 106 -36.44 3.50 -9.34
CA VAL A 106 -36.13 2.81 -8.09
C VAL A 106 -34.62 2.84 -7.89
N ASP A 107 -34.20 3.11 -6.67
CA ASP A 107 -32.79 3.11 -6.30
C ASP A 107 -32.56 1.97 -5.31
N PHE A 108 -31.58 1.12 -5.58
CA PHE A 108 -31.18 0.05 -4.68
C PHE A 108 -29.76 0.32 -4.20
N ASP A 109 -29.55 0.23 -2.88
CA ASP A 109 -28.25 0.56 -2.30
C ASP A 109 -27.91 -0.37 -1.16
N ILE A 110 -26.64 -0.73 -1.07
CA ILE A 110 -26.07 -1.42 0.08
C ILE A 110 -25.10 -0.45 0.74
N VAL A 111 -25.35 -0.13 2.01
CA VAL A 111 -24.60 0.86 2.76
C VAL A 111 -24.02 0.17 3.98
N THR A 112 -22.70 0.13 4.05
CA THR A 112 -21.97 -0.49 5.15
C THR A 112 -21.14 0.55 5.87
N THR A 113 -20.67 0.18 7.06
CA THR A 113 -19.77 1.03 7.83
C THR A 113 -18.36 0.47 7.87
N ASP A 114 -18.15 -0.72 7.33
CA ASP A 114 -16.86 -1.38 7.29
C ASP A 114 -16.30 -1.28 5.89
N ALA A 115 -14.98 -1.19 5.79
CA ALA A 115 -14.32 -1.03 4.50
C ALA A 115 -13.73 -2.34 3.99
N MSE A 116 -13.93 -3.43 4.70
CA MSE A 116 -13.23 -4.67 4.41
C MSE A 116 -13.87 -5.52 3.30
O MSE A 116 -13.23 -6.44 2.79
CB MSE A 116 -13.08 -5.50 5.68
CG MSE A 116 -12.24 -4.85 6.77
SE MSE A 116 -10.34 -4.70 6.32
CE MSE A 116 -10.31 -2.87 5.62
N ASP A 117 -15.12 -5.23 2.93
CA ASP A 117 -15.81 -6.07 1.95
C ASP A 117 -16.50 -5.22 0.89
N LEU A 118 -15.81 -4.21 0.36
CA LEU A 118 -16.43 -3.34 -0.63
C LEU A 118 -16.72 -4.10 -1.92
N ALA A 119 -15.74 -4.88 -2.40
CA ALA A 119 -15.93 -5.64 -3.62
C ALA A 119 -17.07 -6.65 -3.49
N MSE A 120 -17.17 -7.28 -2.32
CA MSE A 120 -18.24 -8.24 -2.08
C MSE A 120 -19.60 -7.58 -2.20
O MSE A 120 -20.51 -8.12 -2.84
CB MSE A 120 -18.06 -8.88 -0.70
CG MSE A 120 -19.04 -10.01 -0.41
SE MSE A 120 -19.05 -10.44 1.49
CE MSE A 120 -17.41 -11.48 1.58
N LYS A 121 -19.75 -6.40 -1.58
CA LYS A 121 -21.03 -5.68 -1.64
C LYS A 121 -21.37 -5.28 -3.08
N GLU A 122 -20.36 -4.85 -3.84
CA GLU A 122 -20.60 -4.53 -5.24
C GLU A 122 -21.08 -5.77 -6.00
N ALA A 123 -20.47 -6.92 -5.75
CA ALA A 123 -20.91 -8.15 -6.39
C ALA A 123 -22.35 -8.49 -5.99
N GLU A 124 -22.71 -8.21 -4.73
CA GLU A 124 -24.08 -8.46 -4.28
C GLU A 124 -25.08 -7.57 -5.02
N VAL A 125 -24.73 -6.31 -5.23
CA VAL A 125 -25.59 -5.41 -6.02
C VAL A 125 -25.76 -5.96 -7.43
N ILE A 126 -24.67 -6.43 -8.03
CA ILE A 126 -24.75 -7.01 -9.37
C ILE A 126 -25.66 -8.24 -9.36
N LYS A 127 -25.57 -9.06 -8.32
CA LYS A 127 -26.43 -10.24 -8.23
C LYS A 127 -27.90 -9.86 -8.13
N VAL A 128 -28.20 -8.79 -7.37
CA VAL A 128 -29.57 -8.31 -7.29
C VAL A 128 -30.07 -7.88 -8.66
N LEU A 129 -29.23 -7.18 -9.42
CA LEU A 129 -29.61 -6.80 -10.78
C LEU A 129 -29.85 -8.04 -11.64
N ASP A 130 -29.03 -9.08 -11.47
CA ASP A 130 -29.21 -10.32 -12.19
C ASP A 130 -30.57 -10.95 -11.89
N GLU A 131 -30.98 -10.94 -10.62
CA GLU A 131 -32.29 -11.47 -10.26
C GLU A 131 -33.41 -10.64 -10.88
N ILE A 132 -33.25 -9.31 -10.87
CA ILE A 132 -34.27 -8.46 -11.49
C ILE A 132 -34.46 -8.81 -12.95
N ILE A 133 -33.36 -8.88 -13.72
CA ILE A 133 -33.49 -9.20 -15.14
C ILE A 133 -34.08 -10.59 -15.33
N ALA A 134 -33.75 -11.53 -14.45
CA ALA A 134 -34.31 -12.87 -14.58
C ALA A 134 -35.83 -12.87 -14.39
N ALA A 135 -36.36 -11.94 -13.60
CA ALA A 135 -37.78 -12.00 -13.25
C ALA A 135 -38.73 -11.45 -14.32
N PHE A 136 -38.23 -10.85 -15.39
CA PHE A 136 -39.13 -10.19 -16.32
C PHE A 136 -38.93 -10.68 -17.76
N PRO A 137 -40.02 -10.87 -18.51
CA PRO A 137 -39.89 -11.43 -19.87
C PRO A 137 -39.11 -10.53 -20.82
N THR A 138 -39.21 -9.21 -20.67
CA THR A 138 -38.47 -8.30 -21.54
C THR A 138 -36.98 -8.53 -21.44
N THR A 139 -36.49 -8.86 -20.24
CA THR A 139 -35.06 -9.01 -20.01
C THR A 139 -34.58 -10.45 -19.93
N SER A 140 -35.48 -11.41 -19.68
CA SER A 140 -35.05 -12.81 -19.55
C SER A 140 -35.02 -13.55 -20.88
N SER A 141 -35.65 -13.02 -21.92
CA SER A 141 -35.68 -13.70 -23.21
C SER A 141 -34.68 -13.14 -24.21
N THR A 142 -34.19 -11.95 -23.99
CA THR A 142 -33.22 -11.29 -24.83
C THR A 142 -31.84 -11.29 -24.17
N PRO A 143 -30.77 -11.31 -24.96
CA PRO A 143 -29.43 -11.38 -24.36
C PRO A 143 -29.08 -10.09 -23.62
N MSE A 144 -28.61 -10.23 -22.40
CA MSE A 144 -28.17 -9.09 -21.59
C MSE A 144 -26.71 -9.24 -21.19
O MSE A 144 -26.13 -10.32 -21.31
CB MSE A 144 -29.02 -8.96 -20.31
CG MSE A 144 -30.51 -9.08 -20.54
SE MSE A 144 -31.32 -7.45 -21.20
CE MSE A 144 -30.86 -6.27 -19.69
N CYS A 145 -26.11 -8.16 -20.72
CA CYS A 145 -24.75 -8.23 -20.23
C CYS A 145 -24.51 -7.15 -19.18
N PHE A 146 -23.46 -7.37 -18.39
CA PHE A 146 -22.94 -6.38 -17.45
C PHE A 146 -21.63 -5.86 -18.00
N GLN A 147 -21.43 -4.55 -17.92
CA GLN A 147 -20.17 -3.92 -18.29
C GLN A 147 -19.61 -3.20 -17.07
N LEU A 148 -18.42 -3.60 -16.65
CA LEU A 148 -17.76 -3.07 -15.48
C LEU A 148 -16.59 -2.18 -15.87
N GLY A 149 -16.41 -1.11 -15.12
CA GLY A 149 -15.24 -0.27 -15.21
C GLY A 149 -14.98 0.34 -13.84
N HIS A 150 -14.10 1.31 -13.76
CA HIS A 150 -13.82 1.93 -12.47
C HIS A 150 -13.42 3.37 -12.71
N SER A 151 -13.88 4.26 -11.82
CA SER A 151 -13.58 5.67 -11.96
C SER A 151 -12.07 5.92 -11.91
N ASP A 152 -11.34 5.17 -11.08
CA ASP A 152 -9.90 5.27 -11.05
C ASP A 152 -9.28 4.85 -12.38
N LEU A 153 -9.81 3.78 -12.98
CA LEU A 153 -9.33 3.35 -14.29
C LEU A 153 -9.58 4.42 -15.35
N LEU A 154 -10.76 5.01 -15.35
CA LEU A 154 -11.09 6.04 -16.32
C LEU A 154 -10.19 7.27 -16.15
N GLN A 155 -9.96 7.68 -14.91
CA GLN A 155 -9.07 8.82 -14.67
C GLN A 155 -7.65 8.51 -15.09
N LEU A 156 -7.18 7.28 -14.86
CA LEU A 156 -5.83 6.93 -15.29
C LEU A 156 -5.74 6.93 -16.82
N ILE A 157 -6.79 6.49 -17.51
CA ILE A 157 -6.81 6.55 -18.96
C ILE A 157 -6.76 7.99 -19.44
N PHE A 158 -7.54 8.86 -18.80
CA PHE A 158 -7.48 10.29 -19.11
C PHE A 158 -6.09 10.86 -18.90
N ASP A 159 -5.41 10.42 -17.83
CA ASP A 159 -4.04 10.86 -17.60
C ASP A 159 -3.12 10.38 -18.71
N PHE A 160 -3.27 9.12 -19.11
CA PHE A 160 -2.45 8.52 -20.15
C PHE A 160 -2.66 9.21 -21.49
N CYS A 161 -3.89 9.65 -21.77
CA CYS A 161 -4.22 10.31 -23.03
C CYS A 161 -4.05 11.82 -22.97
N ASN A 162 -3.54 12.35 -21.85
CA ASN A 162 -3.27 13.78 -21.68
C ASN A 162 -4.55 14.61 -21.90
N VAL A 163 -5.64 14.16 -21.30
CA VAL A 163 -6.87 14.94 -21.26
C VAL A 163 -6.83 15.80 -20.00
N GLU A 164 -6.83 17.12 -20.19
CA GLU A 164 -6.78 18.02 -19.05
C GLU A 164 -8.04 17.92 -18.22
N HIS A 165 -7.90 18.11 -16.91
CA HIS A 165 -9.08 18.12 -16.04
C HIS A 165 -9.99 19.27 -16.46
N GLY A 166 -11.15 19.38 -15.85
CA GLY A 166 -12.13 20.37 -16.27
C GLY A 166 -12.67 20.15 -17.68
N ALA A 167 -12.00 19.31 -18.46
CA ALA A 167 -12.56 18.77 -19.69
C ALA A 167 -13.01 17.34 -19.53
N ARG A 168 -12.71 16.72 -18.37
CA ARG A 168 -13.00 15.31 -18.16
C ARG A 168 -14.46 15.05 -17.86
N GLN A 169 -15.18 16.01 -17.27
CA GLN A 169 -16.60 15.81 -17.03
C GLN A 169 -17.36 15.69 -18.35
N ALA A 170 -17.10 16.61 -19.27
CA ALA A 170 -17.73 16.55 -20.59
C ALA A 170 -17.31 15.30 -21.33
N ALA A 171 -16.03 14.93 -21.23
CA ALA A 171 -15.55 13.74 -21.91
C ALA A 171 -16.24 12.48 -21.37
N ALA A 172 -16.39 12.40 -20.04
CA ALA A 172 -17.09 11.26 -19.45
C ALA A 172 -18.55 11.22 -19.86
N GLU A 173 -19.21 12.39 -19.91
CA GLU A 173 -20.59 12.43 -20.35
C GLU A 173 -20.72 11.95 -21.79
N VAL A 174 -19.79 12.35 -22.66
CA VAL A 174 -19.83 11.90 -24.05
C VAL A 174 -19.58 10.39 -24.13
N LEU A 175 -18.58 9.90 -23.39
CA LEU A 175 -18.22 8.49 -23.45
C LEU A 175 -19.28 7.60 -22.81
N SER A 176 -20.12 8.16 -21.95
CA SER A 176 -21.22 7.39 -21.37
C SER A 176 -22.22 6.97 -22.43
N LYS A 177 -22.22 7.62 -23.59
CA LYS A 177 -23.11 7.28 -24.69
C LYS A 177 -22.48 6.31 -25.68
N LEU A 178 -21.23 5.90 -25.48
CA LEU A 178 -20.51 5.13 -26.48
C LEU A 178 -21.16 3.78 -26.71
N ASN A 179 -21.42 3.47 -28.00
CA ASN A 179 -22.00 2.20 -28.44
C ASN A 179 -23.42 2.00 -27.92
N ILE A 180 -24.09 3.08 -27.53
CA ILE A 180 -25.48 3.05 -27.08
C ILE A 180 -26.32 3.79 -28.10
N ARG A 181 -27.38 3.15 -28.58
CA ARG A 181 -28.32 3.75 -29.52
C ARG A 181 -27.59 4.33 -30.73
N ASN A 182 -26.69 3.53 -31.29
CA ASN A 182 -25.90 3.86 -32.48
C ASN A 182 -24.98 5.05 -32.28
N PHE A 183 -24.60 5.39 -31.03
CA PHE A 183 -23.62 6.44 -30.81
C PHE A 183 -22.23 5.83 -30.93
N THR A 184 -21.79 5.67 -32.17
CA THR A 184 -20.52 5.01 -32.47
C THR A 184 -19.34 5.88 -32.08
N TRP A 185 -18.14 5.33 -32.22
CA TRP A 185 -16.94 6.08 -31.87
C TRP A 185 -16.76 7.30 -32.76
N GLN A 186 -17.25 7.27 -33.99
CA GLN A 186 -17.11 8.44 -34.87
C GLN A 186 -17.84 9.64 -34.28
N LYS A 187 -19.07 9.44 -33.81
CA LYS A 187 -19.81 10.52 -33.17
C LYS A 187 -19.16 10.93 -31.85
N VAL A 188 -18.61 9.97 -31.11
CA VAL A 188 -17.91 10.30 -29.87
C VAL A 188 -16.74 11.23 -30.17
N ARG A 189 -15.95 10.89 -31.20
CA ARG A 189 -14.82 11.71 -31.59
C ARG A 189 -15.28 13.09 -32.04
N SER A 190 -16.35 13.15 -32.82
CA SER A 190 -16.85 14.43 -33.30
C SER A 190 -17.29 15.31 -32.13
N GLU A 191 -17.91 14.72 -31.11
CA GLU A 191 -18.32 15.52 -29.96
C GLU A 191 -17.14 15.89 -29.07
N LEU A 192 -16.13 15.03 -28.97
CA LEU A 192 -14.99 15.32 -28.11
C LEU A 192 -14.09 16.38 -28.72
N ARG A 193 -13.96 16.40 -30.05
CA ARG A 193 -13.13 17.40 -30.69
C ARG A 193 -13.85 18.73 -30.88
N SER A 194 -15.16 18.78 -30.67
CA SER A 194 -15.90 20.02 -30.80
C SER A 194 -15.37 21.06 -29.82
N PRO A 195 -15.47 22.35 -30.15
CA PRO A 195 -14.95 23.39 -29.24
C PRO A 195 -15.63 23.38 -27.89
N LEU A 196 -16.83 22.82 -27.78
CA LEU A 196 -17.50 22.71 -26.49
C LEU A 196 -16.70 21.86 -25.51
N VAL A 197 -16.09 20.79 -26.01
CA VAL A 197 -15.28 19.91 -25.19
C VAL A 197 -13.79 20.14 -25.42
N GLY A 198 -13.41 20.38 -26.67
CA GLY A 198 -12.05 20.75 -27.04
C GLY A 198 -10.92 19.82 -26.65
N ILE A 199 -11.08 18.53 -26.89
CA ILE A 199 -10.01 17.57 -26.66
C ILE A 199 -9.21 17.45 -27.95
N SER A 200 -7.88 17.38 -27.84
CA SER A 200 -7.05 17.38 -29.02
C SER A 200 -7.22 16.09 -29.81
N ALA A 201 -6.86 16.15 -31.09
CA ALA A 201 -6.99 14.97 -31.96
C ALA A 201 -6.11 13.82 -31.48
N THR A 202 -4.89 14.13 -31.04
CA THR A 202 -4.01 13.09 -30.53
C THR A 202 -4.59 12.43 -29.28
N SER A 203 -5.18 13.22 -28.38
CA SER A 203 -5.78 12.66 -27.18
C SER A 203 -6.94 11.73 -27.52
N VAL A 204 -7.76 12.12 -28.51
CA VAL A 204 -8.87 11.27 -28.93
C VAL A 204 -8.35 9.98 -29.56
N ASP A 205 -7.30 10.08 -30.37
CA ASP A 205 -6.72 8.90 -30.99
C ASP A 205 -6.18 7.95 -29.92
N GLU A 206 -5.60 8.48 -28.86
CA GLU A 206 -5.11 7.65 -27.77
C GLU A 206 -6.27 7.02 -27.01
N LEU A 207 -7.35 7.77 -26.80
CA LEU A 207 -8.52 7.23 -26.14
C LEU A 207 -9.14 6.08 -26.94
N GLN A 208 -9.04 6.15 -28.26
CA GLN A 208 -9.61 5.10 -29.11
C GLN A 208 -8.99 3.73 -28.83
N ARG A 209 -7.75 3.70 -28.32
CA ARG A 209 -7.12 2.44 -27.97
C ARG A 209 -7.80 1.75 -26.79
N PHE A 210 -8.71 2.43 -26.10
CA PHE A 210 -9.44 1.83 -24.99
C PHE A 210 -10.90 1.57 -25.34
N ASP A 211 -11.28 1.73 -26.61
CA ASP A 211 -12.66 1.51 -27.06
C ASP A 211 -12.84 0.04 -27.39
N TRP A 212 -13.07 -0.74 -26.35
CA TRP A 212 -13.31 -2.17 -26.50
C TRP A 212 -13.86 -2.70 -25.18
N ARG A 213 -14.28 -3.95 -25.20
CA ARG A 213 -14.70 -4.65 -24.00
C ARG A 213 -14.23 -6.09 -24.12
N ASP A 214 -14.06 -6.74 -22.98
CA ASP A 214 -13.60 -8.12 -22.97
C ASP A 214 -13.89 -8.75 -21.61
N THR A 215 -13.77 -10.07 -21.58
CA THR A 215 -13.87 -10.81 -20.33
C THR A 215 -12.71 -10.45 -19.40
N PRO A 216 -12.89 -10.58 -18.09
CA PRO A 216 -11.97 -9.92 -17.14
C PRO A 216 -10.48 -10.26 -17.31
N THR A 217 -10.12 -11.53 -17.41
CA THR A 217 -8.69 -11.87 -17.49
C THR A 217 -8.04 -11.24 -18.71
N LYS A 218 -8.66 -11.44 -19.88
CA LYS A 218 -8.13 -10.87 -21.11
C LYS A 218 -8.08 -9.35 -21.03
N ALA A 219 -9.13 -8.73 -20.47
CA ALA A 219 -9.16 -7.28 -20.38
C ALA A 219 -8.05 -6.76 -19.49
N PHE A 220 -7.77 -7.44 -18.38
CA PHE A 220 -6.70 -7.01 -17.49
C PHE A 220 -5.35 -7.08 -18.19
N THR A 221 -5.08 -8.20 -18.90
CA THR A 221 -3.82 -8.27 -19.63
C THR A 221 -3.75 -7.19 -20.71
N LYS A 222 -4.87 -6.90 -21.36
CA LYS A 222 -4.89 -5.87 -22.39
C LYS A 222 -4.58 -4.49 -21.82
N ILE A 223 -5.20 -4.15 -20.68
CA ILE A 223 -4.94 -2.86 -20.04
C ILE A 223 -3.48 -2.77 -19.60
N ARG A 224 -2.96 -3.86 -19.02
CA ARG A 224 -1.55 -3.86 -18.61
C ARG A 224 -0.63 -3.66 -19.80
N ASN A 225 -0.89 -4.35 -20.92
CA ASN A 225 -0.03 -4.23 -22.09
C ASN A 225 -0.11 -2.82 -22.67
N LEU A 226 -1.29 -2.20 -22.60
CA LEU A 226 -1.41 -0.81 -23.04
C LEU A 226 -0.57 0.10 -22.15
N PHE A 227 -0.55 -0.15 -20.85
CA PHE A 227 0.18 0.72 -19.93
C PHE A 227 1.64 0.32 -19.74
N GLU A 228 2.08 -0.81 -20.28
CA GLU A 228 3.45 -1.25 -20.06
C GLU A 228 4.45 -0.23 -20.62
N GLY A 229 5.52 -0.01 -19.87
CA GLY A 229 6.52 0.98 -20.21
C GLY A 229 6.21 2.39 -19.76
N THR A 230 5.12 2.60 -19.03
CA THR A 230 4.75 3.92 -18.51
C THR A 230 4.51 3.81 -17.01
N GLU A 231 4.42 4.98 -16.37
CA GLU A 231 4.19 5.04 -14.93
C GLU A 231 2.81 4.48 -14.57
N TYR A 232 1.90 4.36 -15.54
CA TYR A 232 0.54 3.94 -15.26
C TYR A 232 0.42 2.43 -15.07
N TYR A 233 1.42 1.66 -15.51
CA TYR A 233 1.40 0.22 -15.29
C TYR A 233 1.26 -0.10 -13.81
N ASP A 234 2.06 0.57 -12.97
CA ASP A 234 2.02 0.34 -11.53
C ASP A 234 0.82 1.01 -10.88
N LYS A 235 0.45 2.20 -11.36
CA LYS A 235 -0.67 2.94 -10.78
C LYS A 235 -2.00 2.23 -10.94
N VAL A 236 -2.11 1.31 -11.91
CA VAL A 236 -3.38 0.66 -12.22
C VAL A 236 -3.60 -0.63 -11.43
N SER A 237 -2.53 -1.24 -10.89
CA SER A 237 -2.63 -2.56 -10.27
C SER A 237 -3.76 -2.66 -9.25
N SER A 238 -3.84 -1.71 -8.31
CA SER A 238 -4.85 -1.81 -7.26
C SER A 238 -6.26 -1.84 -7.84
N THR A 239 -6.54 -0.97 -8.82
CA THR A 239 -7.84 -0.96 -9.47
C THR A 239 -8.15 -2.30 -10.12
N LEU A 240 -7.19 -2.85 -10.87
CA LEU A 240 -7.42 -4.13 -11.55
C LEU A 240 -7.66 -5.24 -10.54
N ALA A 241 -6.91 -5.23 -9.43
CA ALA A 241 -7.13 -6.22 -8.39
C ALA A 241 -8.54 -6.11 -7.81
N HIS A 242 -8.99 -4.88 -7.56
CA HIS A 242 -10.35 -4.70 -7.06
C HIS A 242 -11.38 -5.27 -8.02
N LEU A 243 -11.23 -4.95 -9.31
CA LEU A 243 -12.16 -5.48 -10.31
C LEU A 243 -12.13 -7.00 -10.32
N LYS A 244 -10.94 -7.59 -10.24
CA LYS A 244 -10.84 -9.05 -10.20
C LYS A 244 -11.58 -9.62 -9.00
N GLU A 245 -11.42 -9.01 -7.82
CA GLU A 245 -12.15 -9.46 -6.63
C GLU A 245 -13.65 -9.40 -6.85
N VAL A 246 -14.14 -8.30 -7.43
CA VAL A 246 -15.57 -8.19 -7.73
C VAL A 246 -16.01 -9.33 -8.63
N TYR A 247 -15.24 -9.61 -9.68
CA TYR A 247 -15.58 -10.70 -10.59
C TYR A 247 -15.61 -12.04 -9.87
N GLU A 248 -14.64 -12.30 -8.99
CA GLU A 248 -14.62 -13.59 -8.30
C GLU A 248 -15.82 -13.73 -7.38
N TYR A 249 -16.18 -12.65 -6.68
CA TYR A 249 -17.37 -12.72 -5.83
C TYR A 249 -18.63 -12.90 -6.66
N SER A 250 -18.70 -12.25 -7.82
CA SER A 250 -19.85 -12.44 -8.70
C SER A 250 -19.95 -13.90 -9.14
N LYS A 251 -18.81 -14.54 -9.40
CA LYS A 251 -18.85 -15.97 -9.73
C LYS A 251 -19.31 -16.77 -8.52
N LYS A 252 -18.90 -16.37 -7.32
CA LYS A 252 -19.33 -17.08 -6.11
C LYS A 252 -20.84 -16.93 -5.89
N PHE A 253 -21.38 -15.76 -6.21
CA PHE A 253 -22.82 -15.51 -6.04
C PHE A 253 -23.64 -16.07 -7.20
N LYS A 254 -23.01 -16.77 -8.13
CA LYS A 254 -23.70 -17.44 -9.24
C LYS A 254 -24.51 -16.44 -10.07
N VAL A 255 -23.82 -15.41 -10.55
CA VAL A 255 -24.43 -14.47 -11.50
C VAL A 255 -24.47 -15.11 -12.87
N ASN A 256 -25.66 -15.15 -13.47
CA ASN A 256 -25.82 -15.83 -14.75
C ASN A 256 -25.49 -14.96 -15.95
N THR A 257 -25.72 -13.65 -15.85
CA THR A 257 -25.48 -12.76 -16.96
C THR A 257 -23.98 -12.59 -17.22
N LYS A 258 -23.62 -12.53 -18.50
CA LYS A 258 -22.22 -12.38 -18.89
C LYS A 258 -21.69 -11.04 -18.40
N ILE A 259 -20.41 -11.03 -18.00
CA ILE A 259 -19.76 -9.86 -17.42
C ILE A 259 -18.53 -9.51 -18.26
N TYR A 260 -18.51 -8.28 -18.78
CA TYR A 260 -17.39 -7.73 -19.52
C TYR A 260 -16.73 -6.62 -18.72
N ILE A 261 -15.46 -6.38 -19.03
CA ILE A 261 -14.74 -5.22 -18.53
C ILE A 261 -14.66 -4.22 -19.67
N ALA A 262 -15.25 -3.05 -19.48
CA ALA A 262 -15.19 -1.97 -20.49
C ALA A 262 -14.43 -0.79 -19.90
N PRO A 263 -13.18 -0.59 -20.31
CA PRO A 263 -12.34 0.42 -19.63
C PRO A 263 -12.87 1.84 -19.73
N LEU A 264 -13.69 2.16 -20.73
CA LEU A 264 -14.21 3.51 -20.90
C LEU A 264 -15.61 3.67 -20.30
N SER A 265 -16.01 2.79 -19.38
CA SER A 265 -17.29 2.97 -18.69
C SER A 265 -17.32 4.31 -17.99
N SER A 266 -18.39 5.08 -18.21
CA SER A 266 -18.43 6.46 -17.72
C SER A 266 -19.77 6.96 -17.20
N ILE A 267 -20.81 6.12 -17.12
CA ILE A 267 -22.12 6.65 -16.77
C ILE A 267 -22.10 7.19 -15.34
N ASN A 268 -22.42 8.48 -15.20
CA ASN A 268 -22.48 9.13 -13.88
C ASN A 268 -21.16 9.01 -13.11
N GLU A 269 -20.04 9.14 -13.83
CA GLU A 269 -18.74 8.98 -13.18
C GLU A 269 -18.53 10.01 -12.09
N ALA A 270 -19.02 11.24 -12.30
CA ALA A 270 -18.92 12.27 -11.26
C ALA A 270 -19.57 11.80 -9.96
N PHE A 271 -20.69 11.11 -10.06
CA PHE A 271 -21.36 10.62 -8.85
C PHE A 271 -20.55 9.51 -8.19
N PHE A 272 -19.93 8.63 -8.99
CA PHE A 272 -19.24 7.45 -8.48
C PHE A 272 -17.74 7.62 -8.42
N ARG A 273 -17.24 8.77 -7.99
CA ARG A 273 -15.81 9.00 -7.94
C ARG A 273 -15.32 8.80 -6.51
N GLY A 274 -14.31 7.95 -6.35
CA GLY A 274 -13.81 7.11 -7.42
C GLY A 274 -13.99 5.66 -7.00
N GLY A 275 -15.00 5.02 -7.59
CA GLY A 275 -15.30 3.66 -7.23
C GLY A 275 -15.64 2.86 -8.46
N ILE A 276 -16.10 1.62 -8.27
CA ILE A 276 -16.50 0.81 -9.40
C ILE A 276 -17.69 1.46 -10.10
N LEU A 277 -17.75 1.27 -11.42
CA LEU A 277 -18.88 1.63 -12.25
C LEU A 277 -19.38 0.37 -12.93
N PHE A 278 -20.70 0.22 -13.03
CA PHE A 278 -21.21 -0.90 -13.78
C PHE A 278 -22.52 -0.49 -14.44
N SER A 279 -22.76 -1.06 -15.61
CA SER A 279 -24.01 -0.89 -16.31
C SER A 279 -24.53 -2.26 -16.68
N CYS A 280 -25.85 -2.40 -16.66
CA CYS A 280 -26.55 -3.57 -17.16
C CYS A 280 -27.22 -3.14 -18.47
N LEU A 281 -26.87 -3.83 -19.55
CA LEU A 281 -27.24 -3.45 -20.90
C LEU A 281 -27.94 -4.58 -21.62
N TYR A 282 -28.76 -4.20 -22.61
CA TYR A 282 -29.31 -5.11 -23.59
C TYR A 282 -28.20 -5.41 -24.60
N ASP A 283 -27.71 -6.66 -24.59
CA ASP A 283 -26.58 -7.08 -25.41
C ASP A 283 -27.09 -7.42 -26.81
N ARG A 284 -27.24 -6.38 -27.64
CA ARG A 284 -27.84 -6.51 -28.96
C ARG A 284 -26.98 -5.79 -29.99
N LYS A 285 -27.41 -5.86 -31.25
CA LYS A 285 -26.70 -5.14 -32.31
C LYS A 285 -26.69 -3.65 -32.03
N VAL A 286 -27.81 -3.11 -31.58
CA VAL A 286 -27.90 -1.74 -31.07
C VAL A 286 -28.10 -1.84 -29.56
N MSE A 287 -27.05 -1.53 -28.81
CA MSE A 287 -27.09 -1.60 -27.35
C MSE A 287 -27.98 -0.53 -26.73
O MSE A 287 -28.16 0.54 -27.30
CB MSE A 287 -25.69 -1.47 -26.77
CG MSE A 287 -24.64 -2.40 -27.36
SE MSE A 287 -23.33 -2.83 -25.99
CE MSE A 287 -24.06 -4.54 -25.46
N ASP A 288 -28.52 -0.83 -25.56
CA ASP A 288 -29.21 0.16 -24.75
C ASP A 288 -28.98 -0.16 -23.28
N VAL A 289 -29.12 0.87 -22.45
CA VAL A 289 -28.86 0.76 -21.02
C VAL A 289 -30.14 0.36 -20.29
N PHE A 290 -30.07 -0.72 -19.53
CA PHE A 290 -31.16 -1.10 -18.64
C PHE A 290 -31.01 -0.43 -17.29
N ALA A 291 -29.83 -0.51 -16.68
CA ALA A 291 -29.60 0.16 -15.41
C ALA A 291 -28.13 0.49 -15.25
N ALA A 292 -27.83 1.38 -14.33
CA ALA A 292 -26.45 1.76 -14.07
C ALA A 292 -26.26 2.02 -12.58
N GLY A 293 -25.02 1.81 -12.13
CA GLY A 293 -24.70 2.06 -10.74
C GLY A 293 -23.21 2.03 -10.51
N GLY A 294 -22.86 2.02 -9.24
CA GLY A 294 -21.47 2.00 -8.84
C GLY A 294 -21.33 2.32 -7.36
N ARG A 295 -20.09 2.54 -6.96
CA ARG A 295 -19.76 2.87 -5.57
C ARG A 295 -19.54 4.37 -5.46
N TYR A 296 -20.17 5.00 -4.48
CA TYR A 296 -20.10 6.45 -4.31
C TYR A 296 -19.70 6.84 -2.90
N ASP A 297 -18.70 6.15 -2.34
CA ASP A 297 -18.15 6.56 -1.05
C ASP A 297 -17.60 7.98 -1.10
N GLY A 298 -16.92 8.32 -2.20
CA GLY A 298 -16.27 9.61 -2.30
C GLY A 298 -17.23 10.78 -2.11
N LEU A 299 -18.38 10.72 -2.78
CA LEU A 299 -19.36 11.80 -2.65
C LEU A 299 -19.93 11.86 -1.24
N ILE A 300 -20.18 10.69 -0.63
CA ILE A 300 -20.69 10.66 0.73
C ILE A 300 -19.71 11.34 1.68
N LYS A 301 -18.42 11.02 1.53
CA LYS A 301 -17.41 11.64 2.37
C LYS A 301 -17.28 13.13 2.07
N ALA A 302 -17.38 13.51 0.79
CA ALA A 302 -17.13 14.90 0.40
C ALA A 302 -18.26 15.82 0.84
N HIS A 303 -19.50 15.34 0.85
CA HIS A 303 -20.64 16.18 1.16
C HIS A 303 -21.32 15.79 2.47
N ARG A 304 -20.54 15.27 3.41
CA ARG A 304 -21.03 14.94 4.73
C ARG A 304 -21.45 16.22 5.47
N PRO A 305 -22.34 16.09 6.45
CA PRO A 305 -22.68 17.24 7.29
C PRO A 305 -21.72 17.37 8.48
N ILE A 307 -18.27 19.15 8.75
CA ILE A 307 -16.90 19.39 8.29
C ILE A 307 -15.93 19.40 9.46
N GLY A 308 -16.22 20.24 10.44
CA GLY A 308 -15.42 20.29 11.64
C GLY A 308 -15.76 19.26 12.68
N SER A 309 -16.77 18.42 12.40
CA SER A 309 -17.19 17.37 13.30
C SER A 309 -16.81 16.02 12.72
N ARG A 310 -16.32 15.12 13.57
CA ARG A 310 -15.95 13.79 13.12
C ARG A 310 -17.19 12.96 12.83
N PHE A 311 -17.10 12.12 11.80
CA PHE A 311 -18.21 11.38 11.24
C PHE A 311 -17.85 9.91 11.15
N GLU A 312 -18.83 9.04 11.37
CA GLU A 312 -18.64 7.62 11.14
C GLU A 312 -18.65 7.38 9.64
N GLU A 313 -17.50 6.99 9.09
CA GLU A 313 -17.37 6.82 7.64
C GLU A 313 -18.36 5.77 7.15
N ARG A 314 -19.08 6.10 6.08
CA ARG A 314 -20.09 5.23 5.53
C ARG A 314 -19.82 5.00 4.04
N HIS A 315 -19.98 3.74 3.62
CA HIS A 315 -19.71 3.33 2.25
C HIS A 315 -20.99 2.82 1.60
N ALA A 316 -21.19 3.16 0.34
CA ALA A 316 -22.42 2.79 -0.35
C ALA A 316 -22.13 2.38 -1.78
N VAL A 317 -22.77 1.30 -2.20
CA VAL A 317 -22.76 0.89 -3.60
C VAL A 317 -24.20 0.63 -4.01
N GLY A 318 -24.57 1.02 -5.23
CA GLY A 318 -25.94 0.78 -5.62
C GLY A 318 -26.17 1.08 -7.08
N PHE A 319 -27.42 0.89 -7.49
CA PHE A 319 -27.83 1.17 -8.86
C PHE A 319 -29.15 1.92 -8.85
N SER A 320 -29.47 2.50 -10.00
CA SER A 320 -30.75 3.16 -10.21
C SER A 320 -31.37 2.66 -11.51
N LEU A 321 -32.68 2.43 -11.48
CA LEU A 321 -33.37 1.82 -12.60
C LEU A 321 -34.69 2.54 -12.86
N ASN A 322 -34.88 2.99 -14.09
CA ASN A 322 -36.15 3.57 -14.51
C ASN A 322 -37.09 2.43 -14.89
N TRP A 323 -37.73 1.88 -13.86
CA TRP A 323 -38.50 0.65 -14.05
C TRP A 323 -39.77 0.88 -14.86
N GLU A 324 -40.36 2.07 -14.79
CA GLU A 324 -41.54 2.34 -15.60
C GLU A 324 -41.19 2.38 -17.07
N LYS A 325 -40.02 2.95 -17.41
CA LYS A 325 -39.61 3.01 -18.81
C LYS A 325 -39.25 1.63 -19.36
N GLN A 326 -38.55 0.81 -18.58
CA GLN A 326 -38.00 -0.44 -19.07
C GLN A 326 -38.91 -1.65 -18.90
N LEU A 327 -39.83 -1.63 -17.93
CA LEU A 327 -40.55 -2.85 -17.58
C LEU A 327 -42.06 -2.75 -17.65
N ALA A 328 -42.63 -1.54 -17.66
CA ALA A 328 -44.07 -1.40 -17.63
C ALA A 328 -44.67 -0.81 -18.90
N LYS A 329 -43.84 -0.35 -19.82
CA LYS A 329 -44.33 0.16 -21.10
C LYS A 329 -44.63 -0.96 -22.10
N PRO A 330 -43.76 -2.00 -22.24
CA PRO A 330 -44.12 -3.10 -23.14
C PRO A 330 -45.48 -3.77 -22.87
N LEU B 3 -11.78 9.73 29.60
CA LEU B 3 -12.12 10.53 30.77
C LEU B 3 -11.83 9.76 32.06
N PRO B 4 -10.58 9.82 32.52
CA PRO B 4 -10.19 9.11 33.74
C PRO B 4 -10.36 9.96 34.99
N THR B 5 -10.92 9.33 36.03
CA THR B 5 -11.12 10.01 37.30
C THR B 5 -9.79 10.14 38.05
N PRO B 6 -9.70 11.09 38.98
CA PRO B 6 -8.46 11.20 39.79
C PRO B 6 -8.12 9.92 40.52
N ASP B 7 -9.12 9.14 40.95
CA ASP B 7 -8.85 7.86 41.57
C ASP B 7 -8.14 6.91 40.60
N ASP B 8 -8.54 6.94 39.33
CA ASP B 8 -7.87 6.12 38.31
C ASP B 8 -6.40 6.48 38.21
N LEU B 9 -6.11 7.78 38.14
CA LEU B 9 -4.72 8.22 38.05
C LEU B 9 -3.93 7.82 39.27
N MSE B 10 -4.55 7.90 40.46
CA MSE B 10 -3.88 7.50 41.68
C MSE B 10 -3.55 5.99 41.71
O MSE B 10 -2.44 5.60 42.09
CB MSE B 10 -4.72 7.88 42.91
CG MSE B 10 -4.08 7.50 44.23
SE MSE B 10 -2.41 8.48 44.57
CE MSE B 10 -3.17 10.24 44.98
N ARG B 11 -4.50 5.14 41.32
CA ARG B 11 -4.20 3.72 41.23
C ARG B 11 -3.07 3.48 40.25
N ARG B 12 -3.11 4.16 39.11
CA ARG B 12 -2.07 3.99 38.10
C ARG B 12 -0.70 4.38 38.65
N PHE B 13 -0.65 5.51 39.35
CA PHE B 13 0.60 5.99 39.95
C PHE B 13 1.14 4.98 40.96
N ILE B 14 0.26 4.47 41.82
CA ILE B 14 0.71 3.55 42.87
C ILE B 14 1.20 2.25 42.26
N VAL B 15 0.49 1.73 41.25
CA VAL B 15 0.91 0.49 40.61
C VAL B 15 2.27 0.68 39.93
N LYS B 16 2.43 1.79 39.22
CA LYS B 16 3.71 2.04 38.54
C LYS B 16 4.84 2.17 39.53
N ASP B 17 4.60 2.86 40.65
CA ASP B 17 5.65 3.02 41.67
C ASP B 17 6.01 1.68 42.29
N THR B 18 5.00 0.82 42.53
CA THR B 18 5.27 -0.50 43.07
C THR B 18 6.13 -1.32 42.11
N LEU B 19 5.80 -1.29 40.81
CA LEU B 19 6.61 -2.01 39.84
C LEU B 19 8.04 -1.50 39.83
N ILE B 20 8.21 -0.18 39.79
CA ILE B 20 9.55 0.39 39.78
C ILE B 20 10.34 -0.06 41.00
N THR B 21 9.69 -0.06 42.16
CA THR B 21 10.38 -0.49 43.39
C THR B 21 10.81 -1.94 43.28
N ILE B 22 9.94 -2.82 42.78
CA ILE B 22 10.31 -4.24 42.67
C ILE B 22 11.51 -4.40 41.74
N PHE B 23 11.50 -3.69 40.61
CA PHE B 23 12.64 -3.77 39.70
C PHE B 23 13.92 -3.24 40.33
N ARG B 24 13.83 -2.11 41.05
CA ARG B 24 14.98 -1.55 41.74
C ARG B 24 15.58 -2.55 42.70
N ARG B 25 14.74 -3.12 43.57
CA ARG B 25 15.21 -4.02 44.61
C ARG B 25 15.87 -5.25 44.04
N HIS B 26 15.55 -5.60 42.79
CA HIS B 26 16.19 -6.70 42.09
C HIS B 26 17.35 -6.24 41.22
N GLY B 27 17.80 -5.01 41.38
CA GLY B 27 18.99 -4.53 40.71
C GLY B 27 18.80 -4.06 39.29
N ALA B 28 17.57 -3.97 38.80
CA ALA B 28 17.34 -3.49 37.45
C ALA B 28 17.30 -1.97 37.42
N VAL B 29 17.57 -1.41 36.24
CA VAL B 29 17.49 0.03 36.01
C VAL B 29 16.62 0.29 34.79
N GLU B 30 16.10 1.52 34.71
CA GLU B 30 15.18 1.89 33.64
C GLU B 30 15.94 2.17 32.33
N ALA B 31 15.43 1.62 31.24
CA ALA B 31 15.90 1.84 29.89
C ALA B 31 14.86 2.68 29.13
N PRO B 32 15.21 3.22 27.95
CA PRO B 32 14.35 4.22 27.32
C PRO B 32 12.92 3.74 27.07
N THR B 33 11.98 4.63 27.33
CA THR B 33 10.58 4.40 26.98
C THR B 33 10.44 4.31 25.46
N ALA B 34 9.53 3.46 25.00
CA ALA B 34 9.41 3.17 23.58
C ALA B 34 7.95 3.01 23.17
N THR B 35 7.68 3.37 21.92
CA THR B 35 6.36 3.16 21.33
C THR B 35 6.49 2.34 20.06
N LEU B 36 5.66 1.30 19.94
CA LEU B 36 5.58 0.47 18.75
C LEU B 36 4.42 0.98 17.89
N TYR B 37 4.73 1.45 16.69
CA TYR B 37 3.75 1.88 15.70
C TYR B 37 3.44 0.71 14.79
N PRO B 38 2.22 0.17 14.80
CA PRO B 38 1.91 -1.00 13.96
C PRO B 38 1.95 -0.68 12.48
N LYS B 39 2.25 -1.73 11.71
CA LYS B 39 2.34 -1.65 10.26
C LYS B 39 1.01 -1.25 9.64
N SER B 40 1.09 -0.66 8.44
CA SER B 40 -0.10 -0.25 7.72
C SER B 40 -0.57 -1.27 6.69
N SER B 41 0.30 -2.19 6.30
CA SER B 41 -0.06 -3.32 5.46
C SER B 41 0.55 -4.57 6.07
N HIS B 42 0.08 -5.74 5.61
CA HIS B 42 0.46 -6.99 6.26
C HIS B 42 1.96 -7.23 6.22
N TYR B 43 2.60 -6.94 5.08
CA TYR B 43 4.03 -7.17 4.93
C TYR B 43 4.87 -5.93 5.22
N GLY B 44 4.25 -4.81 5.58
CA GLY B 44 4.97 -3.60 5.91
C GLY B 44 5.63 -3.68 7.27
N PRO B 45 6.64 -2.85 7.49
CA PRO B 45 7.37 -2.89 8.77
C PRO B 45 6.60 -2.22 9.91
N ASN B 46 6.94 -2.66 11.13
CA ASN B 46 6.46 -2.02 12.36
C ASN B 46 7.55 -1.12 12.92
N ALA B 47 7.22 0.11 13.23
CA ALA B 47 8.26 1.02 13.69
C ALA B 47 8.30 1.06 15.21
N VAL B 48 9.48 1.31 15.76
CA VAL B 48 9.63 1.53 17.19
C VAL B 48 10.37 2.86 17.37
N HIS B 49 9.75 3.77 18.12
CA HIS B 49 10.38 5.03 18.49
C HIS B 49 10.87 4.91 19.92
N LEU B 50 12.13 5.26 20.14
CA LEU B 50 12.73 5.24 21.47
C LEU B 50 12.81 6.66 22.03
N LEU B 51 12.45 6.79 23.31
CA LEU B 51 12.59 8.08 23.99
C LEU B 51 14.01 8.21 24.55
N ASP B 52 14.97 8.21 23.64
CA ASP B 52 16.39 8.33 23.97
C ASP B 52 16.96 9.62 23.38
N ARG B 53 18.18 9.95 23.79
CA ARG B 53 18.79 11.20 23.34
C ARG B 53 18.92 11.24 21.83
N ASN B 54 19.19 10.09 21.21
CA ASN B 54 19.37 10.00 19.76
C ASN B 54 18.06 10.11 18.98
N GLY B 55 16.90 10.04 19.65
CA GLY B 55 15.65 10.03 18.90
C GLY B 55 15.57 8.84 17.98
N THR B 56 15.97 7.67 18.45
CA THR B 56 16.08 6.49 17.60
C THR B 56 14.72 6.07 17.07
N VAL B 57 14.66 5.79 15.77
CA VAL B 57 13.51 5.18 15.11
C VAL B 57 14.02 3.92 14.41
N LEU B 58 13.41 2.79 14.72
CA LEU B 58 13.83 1.51 14.17
C LEU B 58 12.69 0.86 13.41
N GLN B 59 12.99 0.33 12.22
CA GLN B 59 12.02 -0.42 11.43
C GLN B 59 12.21 -1.91 11.70
N LEU B 60 11.16 -2.57 12.20
CA LEU B 60 11.16 -3.97 12.53
C LEU B 60 10.34 -4.77 11.51
N PRO B 61 10.67 -6.05 11.33
CA PRO B 61 9.98 -6.88 10.34
C PRO B 61 8.48 -6.97 10.60
N PHE B 62 7.76 -7.39 9.56
CA PHE B 62 6.30 -7.28 9.55
C PHE B 62 5.62 -8.15 10.60
N ASP B 63 6.28 -9.22 11.07
CA ASP B 63 5.65 -10.12 12.02
C ASP B 63 5.93 -9.75 13.48
N LEU B 64 6.69 -8.68 13.73
CA LEU B 64 7.00 -8.28 15.10
C LEU B 64 5.97 -7.24 15.55
N VAL B 65 4.77 -7.74 15.83
CA VAL B 65 3.64 -6.90 16.21
C VAL B 65 3.38 -6.89 17.70
N MSE B 66 4.01 -7.79 18.45
CA MSE B 66 3.91 -7.82 19.90
C MSE B 66 4.77 -6.74 20.57
O MSE B 66 5.82 -6.34 20.04
CB MSE B 66 4.31 -9.22 20.40
CG MSE B 66 5.81 -9.47 20.45
SE MSE B 66 6.54 -9.81 18.66
CE MSE B 66 5.24 -11.13 18.01
N GLY B 67 4.31 -6.24 21.72
CA GLY B 67 4.98 -5.11 22.36
C GLY B 67 6.42 -5.39 22.74
N HIS B 68 6.73 -6.64 23.06
CA HIS B 68 8.09 -6.98 23.47
C HIS B 68 9.11 -6.70 22.37
N ALA B 69 8.66 -6.52 21.13
CA ALA B 69 9.56 -6.13 20.05
C ALA B 69 10.32 -4.86 20.41
N ARG B 70 9.73 -3.98 21.23
CA ARG B 70 10.43 -2.79 21.68
C ARG B 70 11.81 -3.14 22.23
N SER B 71 11.90 -4.22 23.00
CA SER B 71 13.19 -4.64 23.56
C SER B 71 14.19 -4.93 22.45
N LEU B 72 13.76 -5.68 21.43
CA LEU B 72 14.66 -5.93 20.30
C LEU B 72 15.15 -4.61 19.73
N ALA B 73 14.25 -3.63 19.57
CA ALA B 73 14.67 -2.33 19.06
C ALA B 73 15.78 -1.75 19.91
N ARG B 74 15.58 -1.74 21.24
CA ARG B 74 16.60 -1.21 22.13
C ARG B 74 17.92 -1.93 21.92
N ILE B 75 17.88 -3.26 21.81
CA ILE B 75 19.11 -4.01 21.68
C ILE B 75 19.79 -3.68 20.35
N ALA B 76 19.00 -3.43 19.30
CA ALA B 76 19.60 -3.05 18.04
C ALA B 76 20.14 -1.63 18.05
N SER B 77 19.63 -0.79 18.95
CA SER B 77 19.97 0.63 18.90
C SER B 77 21.32 0.96 19.52
N GLY B 78 21.78 0.15 20.48
CA GLY B 78 23.04 0.41 21.13
C GLY B 78 23.21 -0.42 22.38
N PRO B 79 24.13 0.00 23.26
CA PRO B 79 24.34 -0.74 24.50
C PRO B 79 23.12 -0.68 25.40
N VAL B 80 22.92 -1.74 26.16
CA VAL B 80 21.81 -1.81 27.12
C VAL B 80 22.36 -2.31 28.46
N PRO B 81 21.69 -2.00 29.55
CA PRO B 81 22.09 -2.56 30.84
C PRO B 81 21.77 -4.05 30.92
N GLN B 82 22.54 -4.76 31.75
CA GLN B 82 22.32 -6.18 31.95
C GLN B 82 20.89 -6.48 32.38
N ARG B 83 20.41 -5.78 33.41
CA ARG B 83 19.06 -5.94 33.92
C ARG B 83 18.32 -4.63 33.75
N ALA B 84 17.28 -4.63 32.92
CA ALA B 84 16.60 -3.38 32.60
C ALA B 84 15.09 -3.59 32.52
N TYR B 85 14.36 -2.49 32.75
CA TYR B 85 12.93 -2.42 32.53
C TYR B 85 12.63 -1.16 31.74
N SER B 86 11.55 -1.22 30.95
CA SER B 86 11.18 -0.09 30.10
C SER B 86 9.67 -0.03 29.98
N PHE B 87 9.12 1.16 30.16
CA PHE B 87 7.71 1.37 29.94
C PHE B 87 7.45 1.67 28.47
N GLY B 88 6.26 1.33 28.01
CA GLY B 88 5.96 1.54 26.61
C GLY B 88 4.49 1.33 26.31
N ASN B 89 4.14 1.59 25.06
CA ASN B 89 2.80 1.34 24.57
C ASN B 89 2.89 0.93 23.11
N ILE B 90 1.72 0.59 22.55
CA ILE B 90 1.55 0.34 21.12
C ILE B 90 0.63 1.43 20.60
N PHE B 91 1.06 2.12 19.54
CA PHE B 91 0.27 3.25 19.06
C PHE B 91 -1.11 2.80 18.61
N ARG B 92 -2.11 3.57 18.99
CA ARG B 92 -3.49 3.33 18.59
C ARG B 92 -4.14 4.70 18.44
N ASP B 93 -4.91 4.86 17.37
CA ASP B 93 -5.53 6.16 17.08
C ASP B 93 -6.31 6.67 18.29
N ARG B 94 -6.17 7.97 18.55
CA ARG B 94 -6.85 8.59 19.68
C ARG B 94 -8.35 8.39 19.61
N GLN B 95 -8.90 8.28 18.40
CA GLN B 95 -10.32 8.05 18.25
C GLN B 95 -10.71 6.61 18.56
N ASP B 96 -9.78 5.68 18.45
CA ASP B 96 -10.01 4.31 18.85
C ASP B 96 -9.60 4.06 20.30
N GLY B 97 -9.59 5.11 21.12
CA GLY B 97 -9.28 4.95 22.53
C GLY B 97 -7.81 4.91 22.87
N GLY B 98 -6.95 5.44 22.00
CA GLY B 98 -5.53 5.43 22.27
C GLY B 98 -5.13 6.52 23.26
N GLN B 99 -4.18 6.19 24.13
CA GLN B 99 -3.63 7.10 25.12
C GLN B 99 -2.13 7.21 24.88
N PRO B 100 -1.70 8.07 23.96
CA PRO B 100 -0.28 8.06 23.56
C PRO B 100 0.67 8.48 24.66
N ASP B 101 0.19 9.18 25.69
CA ASP B 101 1.02 9.59 26.82
C ASP B 101 0.92 8.65 28.00
N VAL B 102 0.19 7.56 27.87
CA VAL B 102 0.09 6.52 28.88
C VAL B 102 0.89 5.33 28.38
N TYR B 103 1.97 5.00 29.10
CA TYR B 103 2.80 3.86 28.75
C TYR B 103 2.41 2.69 29.66
N GLY B 104 1.31 2.04 29.29
CA GLY B 104 0.68 1.02 30.11
C GLY B 104 1.27 -0.36 30.04
N GLU B 105 2.34 -0.54 29.27
CA GLU B 105 3.06 -1.80 29.23
C GLU B 105 4.45 -1.61 29.81
N VAL B 106 5.04 -2.71 30.28
CA VAL B 106 6.40 -2.71 30.78
C VAL B 106 7.11 -3.95 30.23
N ASP B 107 8.36 -3.77 29.83
CA ASP B 107 9.20 -4.86 29.34
C ASP B 107 10.37 -5.01 30.31
N PHE B 108 10.60 -6.22 30.80
CA PHE B 108 11.74 -6.52 31.65
C PHE B 108 12.66 -7.48 30.91
N ASP B 109 13.96 -7.19 30.92
CA ASP B 109 14.92 -7.99 30.16
C ASP B 109 16.24 -8.15 30.91
N ILE B 110 16.81 -9.35 30.81
CA ILE B 110 18.18 -9.63 31.21
C ILE B 110 18.96 -9.93 29.94
N VAL B 111 19.96 -9.10 29.66
CA VAL B 111 20.73 -9.15 28.43
C VAL B 111 22.20 -9.33 28.81
N THR B 112 22.76 -10.46 28.44
CA THR B 112 24.16 -10.77 28.71
C THR B 112 24.91 -10.98 27.41
N THR B 113 26.23 -10.99 27.52
CA THR B 113 27.12 -11.30 26.42
C THR B 113 27.78 -12.65 26.63
N ASP B 114 27.40 -13.35 27.70
CA ASP B 114 28.10 -14.53 28.18
C ASP B 114 27.66 -15.82 27.49
N ALA B 115 26.37 -16.14 27.58
CA ALA B 115 25.79 -17.42 27.13
C ALA B 115 26.19 -18.57 28.04
N MSE B 116 26.63 -18.27 29.26
CA MSE B 116 27.11 -19.30 30.17
C MSE B 116 26.03 -19.80 31.11
O MSE B 116 25.97 -20.99 31.43
CB MSE B 116 28.29 -18.77 30.99
CG MSE B 116 29.34 -19.83 31.30
SE MSE B 116 30.63 -20.00 29.86
CE MSE B 116 29.80 -21.49 28.89
N ASP B 117 25.16 -18.90 31.55
CA ASP B 117 24.15 -19.18 32.57
C ASP B 117 22.77 -18.82 32.07
N LEU B 118 22.43 -19.29 30.87
CA LEU B 118 21.16 -18.91 30.25
C LEU B 118 19.98 -19.40 31.08
N ALA B 119 20.02 -20.66 31.51
CA ALA B 119 18.92 -21.20 32.31
C ALA B 119 18.74 -20.42 33.60
N MSE B 120 19.84 -20.08 34.26
CA MSE B 120 19.77 -19.33 35.50
C MSE B 120 19.15 -17.95 35.28
O MSE B 120 18.33 -17.50 36.07
CB MSE B 120 21.16 -19.21 36.12
CG MSE B 120 21.13 -18.79 37.59
SE MSE B 120 22.59 -17.63 38.10
CE MSE B 120 24.09 -18.74 37.54
N LYS B 121 19.50 -17.29 34.17
CA LYS B 121 18.92 -15.99 33.86
C LYS B 121 17.42 -16.12 33.59
N GLU B 122 17.01 -17.18 32.90
CA GLU B 122 15.57 -17.38 32.68
C GLU B 122 14.84 -17.58 34.01
N ALA B 123 15.43 -18.36 34.91
CA ALA B 123 14.83 -18.54 36.23
C ALA B 123 14.77 -17.22 36.98
N GLU B 124 15.79 -16.38 36.81
CA GLU B 124 15.80 -15.07 37.47
C GLU B 124 14.64 -14.20 36.98
N VAL B 125 14.40 -14.19 35.66
CA VAL B 125 13.27 -13.46 35.11
C VAL B 125 11.96 -14.00 35.68
N ILE B 126 11.85 -15.33 35.78
CA ILE B 126 10.66 -15.93 36.36
C ILE B 126 10.48 -15.51 37.82
N LYS B 127 11.58 -15.42 38.58
CA LYS B 127 11.49 -14.99 39.97
C LYS B 127 11.03 -13.54 40.07
N VAL B 128 11.50 -12.69 39.17
CA VAL B 128 11.02 -11.31 39.15
C VAL B 128 9.51 -11.28 38.90
N LEU B 129 9.05 -12.11 37.96
CA LEU B 129 7.60 -12.20 37.71
C LEU B 129 6.86 -12.70 38.95
N ASP B 130 7.46 -13.63 39.68
CA ASP B 130 6.88 -14.14 40.92
C ASP B 130 6.74 -13.03 41.96
N GLU B 131 7.76 -12.19 42.08
CA GLU B 131 7.68 -11.06 43.02
C GLU B 131 6.58 -10.10 42.62
N ILE B 132 6.45 -9.82 41.32
CA ILE B 132 5.36 -8.97 40.85
C ILE B 132 4.01 -9.57 41.23
N ILE B 133 3.86 -10.89 41.02
CA ILE B 133 2.61 -11.56 41.36
C ILE B 133 2.32 -11.41 42.85
N ALA B 134 3.35 -11.54 43.68
CA ALA B 134 3.16 -11.43 45.12
C ALA B 134 2.77 -10.01 45.54
N ALA B 135 3.18 -9.00 44.78
CA ALA B 135 3.01 -7.62 45.26
C ALA B 135 1.61 -7.05 45.07
N PHE B 136 0.71 -7.72 44.35
CA PHE B 136 -0.56 -7.08 44.08
C PHE B 136 -1.73 -7.93 44.54
N PRO B 137 -2.77 -7.32 45.11
CA PRO B 137 -3.86 -8.13 45.68
C PRO B 137 -4.64 -8.94 44.67
N THR B 138 -4.84 -8.40 43.46
CA THR B 138 -5.57 -9.15 42.43
C THR B 138 -4.87 -10.45 42.08
N THR B 139 -3.53 -10.47 42.13
CA THR B 139 -2.76 -11.64 41.73
C THR B 139 -2.26 -12.46 42.91
N SER B 140 -2.18 -11.89 44.09
CA SER B 140 -1.68 -12.61 45.25
C SER B 140 -2.78 -13.35 46.01
N SER B 141 -4.05 -13.03 45.75
CA SER B 141 -5.16 -13.68 46.43
C SER B 141 -5.81 -14.78 45.60
N THR B 142 -5.64 -14.76 44.28
CA THR B 142 -6.18 -15.78 43.40
C THR B 142 -5.06 -16.70 42.92
N PRO B 143 -5.36 -17.97 42.65
CA PRO B 143 -4.29 -18.91 42.28
C PRO B 143 -3.70 -18.56 40.91
N MSE B 144 -2.39 -18.33 40.91
CA MSE B 144 -1.63 -18.05 39.69
C MSE B 144 -0.93 -19.34 39.28
O MSE B 144 -0.79 -20.26 40.09
CB MSE B 144 -0.58 -16.95 39.94
CG MSE B 144 -1.08 -15.52 40.07
SE MSE B 144 -2.73 -15.06 39.16
CE MSE B 144 -1.94 -14.19 37.60
N CYS B 145 -0.45 -19.41 38.04
CA CYS B 145 0.43 -20.51 37.67
C CYS B 145 1.37 -20.07 36.56
N PHE B 146 2.48 -20.80 36.45
CA PHE B 146 3.44 -20.64 35.36
C PHE B 146 3.33 -21.82 34.43
N GLN B 147 3.36 -21.57 33.13
CA GLN B 147 3.40 -22.64 32.13
C GLN B 147 4.66 -22.44 31.29
N LEU B 148 5.53 -23.45 31.31
CA LEU B 148 6.81 -23.42 30.62
C LEU B 148 6.77 -24.34 29.41
N GLY B 149 7.42 -23.91 28.34
CA GLY B 149 7.66 -24.74 27.18
C GLY B 149 8.92 -24.29 26.49
N HIS B 150 9.19 -24.80 25.29
CA HIS B 150 10.39 -24.41 24.56
C HIS B 150 10.11 -24.46 23.07
N SER B 151 10.63 -23.47 22.35
CA SER B 151 10.40 -23.40 20.91
C SER B 151 10.97 -24.63 20.20
N ASP B 152 12.14 -25.10 20.66
CA ASP B 152 12.71 -26.32 20.09
C ASP B 152 11.84 -27.53 20.37
N LEU B 153 11.30 -27.62 21.59
CA LEU B 153 10.37 -28.71 21.89
C LEU B 153 9.13 -28.62 20.99
N LEU B 154 8.61 -27.41 20.80
CA LEU B 154 7.44 -27.24 19.95
C LEU B 154 7.72 -27.66 18.51
N GLN B 155 8.88 -27.27 17.97
CA GLN B 155 9.24 -27.66 16.61
C GLN B 155 9.43 -29.17 16.50
N LEU B 156 10.03 -29.79 17.53
CA LEU B 156 10.20 -31.24 17.49
C LEU B 156 8.85 -31.94 17.53
N ILE B 157 7.89 -31.40 18.29
CA ILE B 157 6.54 -31.96 18.28
C ILE B 157 5.92 -31.80 16.89
N PHE B 158 6.12 -30.63 16.27
CA PHE B 158 5.63 -30.42 14.90
C PHE B 158 6.20 -31.47 13.95
N ASP B 159 7.48 -31.80 14.11
CA ASP B 159 8.09 -32.86 13.32
C ASP B 159 7.43 -34.20 13.61
N PHE B 160 7.18 -34.49 14.89
CA PHE B 160 6.58 -35.76 15.30
C PHE B 160 5.17 -35.92 14.74
N CYS B 161 4.42 -34.82 14.64
CA CYS B 161 3.07 -34.86 14.11
C CYS B 161 3.02 -34.60 12.61
N ASN B 162 4.18 -34.48 11.96
CA ASN B 162 4.27 -34.29 10.51
C ASN B 162 3.48 -33.07 10.05
N VAL B 163 3.67 -31.96 10.75
CA VAL B 163 3.19 -30.67 10.30
C VAL B 163 4.27 -30.07 9.42
N GLU B 164 3.95 -29.85 8.16
CA GLU B 164 4.95 -29.32 7.24
C GLU B 164 5.30 -27.88 7.60
N HIS B 165 6.56 -27.53 7.38
CA HIS B 165 6.97 -26.14 7.50
C HIS B 165 6.15 -25.32 6.51
N GLY B 166 5.84 -24.10 6.90
CA GLY B 166 4.96 -23.27 6.12
C GLY B 166 3.54 -23.28 6.64
N ALA B 167 3.18 -24.29 7.43
CA ALA B 167 1.98 -24.25 8.24
C ALA B 167 2.29 -24.10 9.73
N ARG B 168 3.57 -24.15 10.11
CA ARG B 168 3.93 -24.19 11.52
C ARG B 168 3.74 -22.86 12.21
N GLN B 169 4.03 -21.75 11.51
CA GLN B 169 3.81 -20.45 12.13
C GLN B 169 2.33 -20.23 12.44
N ALA B 170 1.45 -20.57 11.50
CA ALA B 170 0.02 -20.45 11.74
C ALA B 170 -0.43 -21.38 12.85
N ALA B 171 0.12 -22.60 12.88
CA ALA B 171 -0.25 -23.54 13.93
C ALA B 171 0.17 -23.03 15.30
N ALA B 172 1.36 -22.45 15.40
CA ALA B 172 1.80 -21.89 16.68
C ALA B 172 0.92 -20.72 17.09
N GLU B 173 0.53 -19.88 16.14
CA GLU B 173 -0.37 -18.78 16.46
C GLU B 173 -1.72 -19.30 16.95
N VAL B 174 -2.22 -20.37 16.35
CA VAL B 174 -3.48 -20.96 16.81
C VAL B 174 -3.32 -21.56 18.21
N LEU B 175 -2.22 -22.29 18.44
CA LEU B 175 -2.01 -22.96 19.72
C LEU B 175 -1.73 -21.98 20.85
N SER B 176 -1.31 -20.76 20.54
CA SER B 176 -1.08 -19.78 21.60
C SER B 176 -2.36 -19.41 22.34
N LYS B 177 -3.51 -19.69 21.75
CA LYS B 177 -4.79 -19.40 22.38
C LYS B 177 -5.37 -20.59 23.14
N LEU B 178 -4.68 -21.73 23.15
CA LEU B 178 -5.25 -22.96 23.68
C LEU B 178 -5.51 -22.84 25.18
N ASN B 179 -6.74 -23.19 25.58
CA ASN B 179 -7.18 -23.22 26.96
C ASN B 179 -7.20 -21.83 27.60
N ILE B 180 -7.22 -20.78 26.78
CA ILE B 180 -7.34 -19.41 27.26
C ILE B 180 -8.69 -18.90 26.80
N ARG B 181 -9.49 -18.39 27.75
CA ARG B 181 -10.83 -17.88 27.46
C ARG B 181 -11.65 -18.93 26.73
N ASN B 182 -11.61 -20.16 27.24
CA ASN B 182 -12.36 -21.30 26.67
C ASN B 182 -12.03 -21.60 25.20
N PHE B 183 -10.83 -21.25 24.74
CA PHE B 183 -10.44 -21.67 23.41
C PHE B 183 -9.99 -23.12 23.56
N THR B 184 -10.98 -23.99 23.62
CA THR B 184 -10.76 -25.41 23.90
C THR B 184 -10.09 -26.10 22.73
N TRP B 185 -9.78 -27.38 22.93
CA TRP B 185 -9.13 -28.13 21.85
C TRP B 185 -10.03 -28.27 20.63
N GLN B 186 -11.36 -28.24 20.83
CA GLN B 186 -12.26 -28.32 19.68
C GLN B 186 -12.09 -27.14 18.74
N LYS B 187 -12.04 -25.93 19.30
CA LYS B 187 -11.87 -24.75 18.45
C LYS B 187 -10.49 -24.72 17.83
N VAL B 188 -9.47 -25.15 18.58
CA VAL B 188 -8.11 -25.22 18.04
C VAL B 188 -8.07 -26.17 16.86
N ARG B 189 -8.70 -27.34 17.00
CA ARG B 189 -8.75 -28.31 15.91
C ARG B 189 -9.48 -27.75 14.70
N SER B 190 -10.61 -27.08 14.94
CA SER B 190 -11.36 -26.51 13.82
C SER B 190 -10.54 -25.46 13.07
N GLU B 191 -9.76 -24.64 13.80
CA GLU B 191 -8.94 -23.64 13.12
C GLU B 191 -7.72 -24.25 12.45
N LEU B 192 -7.17 -25.32 13.02
CA LEU B 192 -6.00 -25.95 12.44
C LEU B 192 -6.35 -26.72 11.17
N ARG B 193 -7.54 -27.32 11.14
CA ARG B 193 -8.01 -28.04 9.97
C ARG B 193 -8.61 -27.13 8.91
N SER B 194 -8.86 -25.87 9.25
CA SER B 194 -9.43 -24.92 8.30
C SER B 194 -8.50 -24.77 7.10
N PRO B 195 -9.04 -24.43 5.92
CA PRO B 195 -8.18 -24.31 4.73
C PRO B 195 -7.11 -23.24 4.87
N LEU B 196 -7.27 -22.29 5.78
CA LEU B 196 -6.23 -21.30 6.01
C LEU B 196 -4.95 -21.95 6.53
N VAL B 197 -5.08 -22.91 7.45
CA VAL B 197 -3.91 -23.59 8.01
C VAL B 197 -3.72 -24.99 7.46
N GLY B 198 -4.70 -25.52 6.74
CA GLY B 198 -4.62 -26.81 6.06
C GLY B 198 -3.78 -27.92 6.68
N ILE B 199 -3.94 -28.16 7.97
CA ILE B 199 -3.25 -29.27 8.62
C ILE B 199 -4.14 -30.51 8.57
N SER B 200 -3.54 -31.65 8.27
CA SER B 200 -4.31 -32.86 8.06
C SER B 200 -4.92 -33.38 9.37
N ALA B 201 -5.97 -34.19 9.23
CA ALA B 201 -6.65 -34.70 10.41
C ALA B 201 -5.74 -35.58 11.26
N THR B 202 -4.93 -36.41 10.61
CA THR B 202 -4.00 -37.26 11.35
C THR B 202 -3.01 -36.42 12.16
N SER B 203 -2.51 -35.33 11.55
CA SER B 203 -1.57 -34.46 12.25
C SER B 203 -2.22 -33.83 13.49
N VAL B 204 -3.47 -33.39 13.36
CA VAL B 204 -4.18 -32.81 14.52
C VAL B 204 -4.38 -33.86 15.60
N ASP B 205 -4.73 -35.09 15.21
CA ASP B 205 -4.91 -36.15 16.21
C ASP B 205 -3.61 -36.41 16.95
N GLU B 206 -2.49 -36.38 16.24
CA GLU B 206 -1.20 -36.60 16.90
C GLU B 206 -0.85 -35.43 17.81
N LEU B 207 -1.16 -34.21 17.37
CA LEU B 207 -0.94 -33.04 18.21
C LEU B 207 -1.76 -33.10 19.48
N GLN B 208 -2.94 -33.72 19.43
CA GLN B 208 -3.79 -33.82 20.61
C GLN B 208 -3.11 -34.60 21.73
N ARG B 209 -2.18 -35.49 21.39
CA ARG B 209 -1.46 -36.24 22.39
C ARG B 209 -0.56 -35.35 23.26
N PHE B 210 -0.36 -34.10 22.87
CA PHE B 210 0.47 -33.17 23.63
C PHE B 210 -0.34 -32.07 24.31
N ASP B 211 -1.67 -32.17 24.30
CA ASP B 211 -2.53 -31.16 24.92
C ASP B 211 -2.75 -31.50 26.39
N TRP B 212 -1.76 -31.14 27.21
CA TRP B 212 -1.82 -31.35 28.65
C TRP B 212 -0.72 -30.54 29.29
N ARG B 213 -0.75 -30.50 30.63
CA ARG B 213 0.29 -29.89 31.43
C ARG B 213 0.47 -30.73 32.68
N ASP B 214 1.66 -30.66 33.27
CA ASP B 214 1.97 -31.44 34.46
C ASP B 214 3.19 -30.85 35.15
N THR B 215 3.42 -31.29 36.39
CA THR B 215 4.62 -30.89 37.12
C THR B 215 5.87 -31.40 36.41
N PRO B 216 7.00 -30.71 36.57
CA PRO B 216 8.13 -30.91 35.63
C PRO B 216 8.63 -32.35 35.49
N THR B 217 8.88 -33.07 36.60
CA THR B 217 9.43 -34.42 36.48
C THR B 217 8.47 -35.33 35.71
N LYS B 218 7.20 -35.32 36.11
CA LYS B 218 6.19 -36.14 35.43
C LYS B 218 6.02 -35.72 33.98
N ALA B 219 6.06 -34.41 33.71
CA ALA B 219 5.90 -33.95 32.32
C ALA B 219 7.06 -34.40 31.46
N PHE B 220 8.29 -34.36 32.00
CA PHE B 220 9.44 -34.84 31.25
C PHE B 220 9.30 -36.33 30.95
N THR B 221 8.86 -37.10 31.95
CA THR B 221 8.69 -38.53 31.72
C THR B 221 7.63 -38.78 30.65
N LYS B 222 6.54 -38.01 30.68
CA LYS B 222 5.48 -38.17 29.69
C LYS B 222 5.96 -37.83 28.29
N ILE B 223 6.70 -36.73 28.14
CA ILE B 223 7.22 -36.34 26.83
C ILE B 223 8.18 -37.40 26.30
N ARG B 224 9.06 -37.90 27.16
CA ARG B 224 10.00 -38.94 26.74
C ARG B 224 9.25 -40.21 26.32
N ASN B 225 8.20 -40.57 27.05
CA ASN B 225 7.42 -41.75 26.69
C ASN B 225 6.72 -41.56 25.35
N LEU B 226 6.23 -40.34 25.10
CA LEU B 226 5.62 -40.04 23.81
C LEU B 226 6.62 -40.12 22.67
N PHE B 227 7.86 -39.69 22.91
CA PHE B 227 8.86 -39.66 21.84
C PHE B 227 9.64 -40.96 21.71
N GLU B 228 9.44 -41.93 22.59
CA GLU B 228 10.19 -43.17 22.50
C GLU B 228 9.89 -43.87 21.18
N GLY B 229 10.92 -44.47 20.58
CA GLY B 229 10.76 -45.09 19.28
C GLY B 229 10.91 -44.16 18.11
N THR B 230 11.30 -42.91 18.34
CA THR B 230 11.50 -41.95 17.27
C THR B 230 12.89 -41.34 17.37
N GLU B 231 13.32 -40.70 16.28
CA GLU B 231 14.61 -40.04 16.23
C GLU B 231 14.67 -38.84 17.16
N TYR B 232 13.51 -38.31 17.56
CA TYR B 232 13.43 -37.09 18.34
C TYR B 232 13.74 -37.28 19.82
N TYR B 233 13.80 -38.53 20.31
CA TYR B 233 14.08 -38.77 21.73
C TYR B 233 15.38 -38.09 22.17
N ASP B 234 16.45 -38.27 21.40
CA ASP B 234 17.75 -37.77 21.83
C ASP B 234 17.85 -36.25 21.68
N LYS B 235 17.32 -35.70 20.58
CA LYS B 235 17.34 -34.25 20.43
C LYS B 235 16.45 -33.57 21.46
N VAL B 236 15.35 -34.22 21.86
CA VAL B 236 14.47 -33.68 22.88
C VAL B 236 15.11 -33.76 24.25
N SER B 237 16.00 -34.74 24.47
CA SER B 237 16.65 -34.90 25.76
C SER B 237 17.32 -33.61 26.21
N SER B 238 18.09 -32.96 25.32
CA SER B 238 18.80 -31.74 25.68
C SER B 238 17.83 -30.62 26.07
N THR B 239 16.75 -30.44 25.29
CA THR B 239 15.76 -29.43 25.62
C THR B 239 15.15 -29.67 27.00
N LEU B 240 14.77 -30.91 27.27
CA LEU B 240 14.20 -31.25 28.58
C LEU B 240 15.21 -31.01 29.69
N ALA B 241 16.49 -31.32 29.44
CA ALA B 241 17.53 -31.06 30.43
C ALA B 241 17.62 -29.58 30.75
N HIS B 242 17.59 -28.73 29.71
CA HIS B 242 17.59 -27.29 29.90
C HIS B 242 16.40 -26.85 30.75
N LEU B 243 15.21 -27.35 30.41
CA LEU B 243 14.01 -27.02 31.19
C LEU B 243 14.17 -27.45 32.65
N LYS B 244 14.71 -28.64 32.87
CA LYS B 244 14.96 -29.11 34.24
C LYS B 244 15.88 -28.17 34.98
N GLU B 245 16.96 -27.73 34.33
CA GLU B 245 17.87 -26.77 34.96
C GLU B 245 17.13 -25.50 35.35
N VAL B 246 16.29 -24.98 34.44
CA VAL B 246 15.49 -23.79 34.76
C VAL B 246 14.63 -24.04 35.99
N TYR B 247 13.97 -25.20 36.04
CA TYR B 247 13.10 -25.52 37.17
C TYR B 247 13.88 -25.56 38.48
N GLU B 248 15.07 -26.17 38.46
CA GLU B 248 15.86 -26.27 39.67
C GLU B 248 16.36 -24.91 40.13
N TYR B 249 16.76 -24.05 39.19
CA TYR B 249 17.16 -22.70 39.57
C TYR B 249 15.98 -21.91 40.13
N SER B 250 14.79 -22.09 39.55
CA SER B 250 13.60 -21.43 40.10
C SER B 250 13.31 -21.91 41.51
N LYS B 251 13.53 -23.20 41.77
CA LYS B 251 13.38 -23.71 43.13
C LYS B 251 14.42 -23.09 44.06
N LYS B 252 15.64 -22.87 43.55
CA LYS B 252 16.68 -22.26 44.36
C LYS B 252 16.35 -20.82 44.72
N PHE B 253 15.72 -20.10 43.79
CA PHE B 253 15.33 -18.71 44.00
C PHE B 253 14.00 -18.57 44.75
N LYS B 254 13.45 -19.69 45.25
CA LYS B 254 12.23 -19.69 46.06
C LYS B 254 11.05 -19.06 45.33
N VAL B 255 10.76 -19.57 44.13
CA VAL B 255 9.56 -19.16 43.42
C VAL B 255 8.36 -19.88 44.03
N ASN B 256 7.36 -19.11 44.44
CA ASN B 256 6.22 -19.68 45.16
C ASN B 256 5.11 -20.16 44.24
N THR B 257 4.92 -19.50 43.11
CA THR B 257 3.88 -19.92 42.17
C THR B 257 4.17 -21.30 41.59
N LYS B 258 3.11 -22.10 41.44
CA LYS B 258 3.25 -23.43 40.87
C LYS B 258 3.72 -23.35 39.43
N ILE B 259 4.54 -24.32 39.03
CA ILE B 259 5.16 -24.35 37.71
C ILE B 259 4.74 -25.63 37.01
N TYR B 260 4.12 -25.49 35.85
CA TYR B 260 3.74 -26.60 34.98
C TYR B 260 4.57 -26.55 33.71
N ILE B 261 4.73 -27.71 33.09
CA ILE B 261 5.31 -27.82 31.76
C ILE B 261 4.17 -28.08 30.79
N ALA B 262 3.99 -27.19 29.83
CA ALA B 262 2.98 -27.35 28.78
C ALA B 262 3.68 -27.50 27.44
N PRO B 263 3.76 -28.71 26.88
CA PRO B 263 4.59 -28.91 25.67
C PRO B 263 4.13 -28.10 24.47
N LEU B 264 2.87 -27.67 24.44
CA LEU B 264 2.34 -26.91 23.32
C LEU B 264 2.37 -25.40 23.57
N SER B 265 3.15 -24.94 24.55
CA SER B 265 3.33 -23.52 24.77
C SER B 265 3.88 -22.87 23.51
N SER B 266 3.21 -21.82 23.04
CA SER B 266 3.56 -21.24 21.74
C SER B 266 3.45 -19.73 21.65
N ILE B 267 3.17 -19.02 22.75
CA ILE B 267 2.91 -17.59 22.67
C ILE B 267 4.13 -16.86 22.14
N ASN B 268 3.96 -16.13 21.04
CA ASN B 268 5.04 -15.35 20.41
C ASN B 268 6.24 -16.24 20.08
N GLU B 269 5.96 -17.45 19.62
CA GLU B 269 7.03 -18.41 19.35
C GLU B 269 7.98 -17.88 18.29
N ALA B 270 7.47 -17.16 17.28
CA ALA B 270 8.34 -16.56 16.28
C ALA B 270 9.36 -15.64 16.92
N PHE B 271 8.95 -14.87 17.93
CA PHE B 271 9.87 -13.98 18.62
C PHE B 271 10.88 -14.75 19.46
N PHE B 272 10.45 -15.83 20.09
CA PHE B 272 11.29 -16.58 21.02
C PHE B 272 11.86 -17.86 20.40
N ARG B 273 12.28 -17.80 19.14
CA ARG B 273 12.79 -18.97 18.45
C ARG B 273 14.30 -18.91 18.41
N GLY B 274 14.95 -19.98 18.87
CA GLY B 274 14.30 -21.09 19.56
C GLY B 274 14.88 -21.14 20.95
N GLY B 275 14.08 -20.69 21.91
CA GLY B 275 14.50 -20.64 23.29
C GLY B 275 13.35 -21.01 24.20
N ILE B 276 13.54 -20.83 25.50
CA ILE B 276 12.45 -21.12 26.44
C ILE B 276 11.30 -20.16 26.19
N LEU B 277 10.08 -20.64 26.43
CA LEU B 277 8.86 -19.85 26.44
C LEU B 277 8.20 -20.02 27.80
N PHE B 278 7.68 -18.94 28.36
CA PHE B 278 6.94 -19.08 29.61
C PHE B 278 5.82 -18.06 29.68
N SER B 279 4.71 -18.47 30.28
CA SER B 279 3.59 -17.60 30.52
C SER B 279 3.15 -17.69 31.97
N CYS B 280 2.69 -16.56 32.48
CA CYS B 280 2.07 -16.46 33.80
C CYS B 280 0.59 -16.26 33.57
N LEU B 281 -0.22 -17.17 34.12
CA LEU B 281 -1.64 -17.23 33.86
C LEU B 281 -2.42 -17.24 35.16
N TYR B 282 -3.67 -16.79 35.06
CA TYR B 282 -4.64 -16.94 36.13
C TYR B 282 -5.13 -18.39 36.11
N ASP B 283 -4.77 -19.15 37.14
CA ASP B 283 -5.08 -20.58 37.21
C ASP B 283 -6.51 -20.73 37.73
N ARG B 284 -7.47 -20.57 36.82
CA ARG B 284 -8.88 -20.57 37.15
C ARG B 284 -9.61 -21.49 36.17
N LYS B 285 -10.93 -21.62 36.40
CA LYS B 285 -11.76 -22.39 35.48
C LYS B 285 -11.59 -21.89 34.06
N VAL B 286 -11.66 -20.58 33.88
CA VAL B 286 -11.38 -19.95 32.59
C VAL B 286 -10.03 -19.26 32.74
N MSE B 287 -9.00 -19.81 32.12
CA MSE B 287 -7.68 -19.21 32.22
C MSE B 287 -7.51 -17.97 31.38
O MSE B 287 -8.15 -17.82 30.32
CB MSE B 287 -6.60 -20.21 31.85
CG MSE B 287 -6.76 -21.58 32.49
SE MSE B 287 -5.00 -22.38 32.67
CE MSE B 287 -4.55 -22.57 30.78
N ASP B 288 -6.66 -17.07 31.85
CA ASP B 288 -6.27 -15.88 31.12
C ASP B 288 -4.78 -15.64 31.34
N VAL B 289 -4.17 -14.94 30.40
CA VAL B 289 -2.74 -14.68 30.45
C VAL B 289 -2.49 -13.40 31.23
N PHE B 290 -1.62 -13.48 32.24
CA PHE B 290 -1.15 -12.31 32.95
C PHE B 290 0.08 -11.71 32.27
N ALA B 291 1.07 -12.55 31.98
CA ALA B 291 2.26 -12.05 31.30
C ALA B 291 2.88 -13.16 30.48
N ALA B 292 3.74 -12.79 29.55
CA ALA B 292 4.42 -13.77 28.71
C ALA B 292 5.84 -13.32 28.41
N GLY B 293 6.71 -14.30 28.20
CA GLY B 293 8.08 -14.00 27.86
C GLY B 293 8.82 -15.23 27.41
N GLY B 294 10.14 -15.08 27.29
CA GLY B 294 11.00 -16.15 26.86
C GLY B 294 12.36 -15.62 26.50
N ARG B 295 13.16 -16.50 25.88
CA ARG B 295 14.51 -16.15 25.45
C ARG B 295 14.52 -15.89 23.96
N TYR B 296 15.12 -14.77 23.54
CA TYR B 296 15.10 -14.43 22.12
C TYR B 296 16.50 -14.15 21.59
N ASP B 297 17.47 -14.99 21.97
CA ASP B 297 18.79 -14.92 21.35
C ASP B 297 18.71 -15.13 19.86
N GLY B 298 17.87 -16.08 19.42
CA GLY B 298 17.82 -16.45 18.02
C GLY B 298 17.47 -15.27 17.13
N LEU B 299 16.45 -14.49 17.52
CA LEU B 299 16.08 -13.34 16.71
C LEU B 299 17.20 -12.30 16.66
N ILE B 300 17.87 -12.08 17.80
CA ILE B 300 18.97 -11.12 17.83
C ILE B 300 20.06 -11.54 16.85
N LYS B 301 20.42 -12.83 16.86
CA LYS B 301 21.44 -13.31 15.95
C LYS B 301 20.98 -13.23 14.50
N ALA B 302 19.69 -13.50 14.25
CA ALA B 302 19.19 -13.53 12.89
C ALA B 302 19.10 -12.13 12.28
N HIS B 303 18.90 -11.11 13.12
CA HIS B 303 18.71 -9.75 12.61
C HIS B 303 19.88 -8.83 12.98
N ARG B 304 21.03 -9.40 13.37
CA ARG B 304 22.21 -8.61 13.67
C ARG B 304 22.63 -7.79 12.46
N PRO B 305 23.34 -6.67 12.67
CA PRO B 305 23.75 -5.85 11.52
C PRO B 305 25.00 -6.38 10.81
N ILE B 307 26.13 -8.27 8.44
CA ILE B 307 25.81 -9.55 7.81
C ILE B 307 27.07 -10.34 7.51
N GLY B 308 28.18 -9.63 7.30
CA GLY B 308 29.45 -10.29 7.03
C GLY B 308 30.57 -9.90 7.97
N SER B 309 30.22 -9.44 9.17
CA SER B 309 31.18 -9.02 10.17
C SER B 309 30.99 -9.78 11.47
N ARG B 310 32.02 -9.74 12.32
CA ARG B 310 31.99 -10.44 13.59
C ARG B 310 30.80 -10.01 14.42
N PHE B 311 29.92 -10.96 14.72
CA PHE B 311 28.71 -10.70 15.49
C PHE B 311 29.07 -10.64 16.97
N GLU B 312 29.04 -9.42 17.55
CA GLU B 312 29.24 -9.26 18.99
C GLU B 312 28.03 -9.86 19.69
N GLU B 313 28.20 -11.08 20.20
CA GLU B 313 27.06 -11.89 20.60
C GLU B 313 26.33 -11.27 21.79
N ARG B 314 25.00 -11.30 21.73
CA ARG B 314 24.19 -10.84 22.83
C ARG B 314 22.99 -11.77 23.00
N HIS B 315 22.71 -12.11 24.25
CA HIS B 315 21.64 -13.01 24.63
C HIS B 315 20.67 -12.26 25.51
N ALA B 316 19.38 -12.52 25.33
CA ALA B 316 18.37 -11.79 26.08
C ALA B 316 17.25 -12.73 26.45
N VAL B 317 16.78 -12.62 27.69
CA VAL B 317 15.57 -13.28 28.15
C VAL B 317 14.72 -12.25 28.87
N GLY B 318 13.42 -12.30 28.64
CA GLY B 318 12.61 -11.31 29.32
C GLY B 318 11.12 -11.56 29.16
N PHE B 319 10.33 -10.67 29.76
CA PHE B 319 8.89 -10.74 29.65
C PHE B 319 8.32 -9.36 29.36
N SER B 320 7.05 -9.35 28.96
CA SER B 320 6.30 -8.12 28.76
C SER B 320 4.97 -8.24 29.47
N LEU B 321 4.54 -7.14 30.11
CA LEU B 321 3.34 -7.12 30.93
C LEU B 321 2.56 -5.84 30.68
N ASN B 322 1.28 -5.98 30.33
CA ASN B 322 0.39 -4.84 30.22
C ASN B 322 -0.14 -4.52 31.62
N TRP B 323 0.64 -3.73 32.37
CA TRP B 323 0.35 -3.54 33.79
C TRP B 323 -0.90 -2.70 34.01
N GLU B 324 -1.19 -1.76 33.11
CA GLU B 324 -2.40 -0.95 33.26
C GLU B 324 -3.67 -1.79 33.07
N LYS B 325 -3.64 -2.72 32.11
CA LYS B 325 -4.81 -3.57 31.86
C LYS B 325 -5.03 -4.54 33.02
N GLN B 326 -3.96 -5.12 33.55
CA GLN B 326 -4.08 -6.20 34.53
C GLN B 326 -4.11 -5.72 35.97
N LEU B 327 -3.53 -4.55 36.27
CA LEU B 327 -3.38 -4.12 37.65
C LEU B 327 -3.95 -2.75 37.97
N ALA B 328 -4.19 -1.89 36.98
CA ALA B 328 -4.74 -0.56 37.23
C ALA B 328 -6.09 -0.34 36.56
N LYS B 329 -6.75 -1.38 36.06
CA LYS B 329 -8.02 -1.20 35.37
C LYS B 329 -9.18 -1.21 36.34
N SER C 1 36.01 6.12 -1.07
CA SER C 1 35.56 7.06 -2.10
C SER C 1 34.11 7.46 -1.88
N THR C 2 33.31 6.53 -1.39
CA THR C 2 31.88 6.76 -1.21
C THR C 2 31.36 5.85 -0.10
N LEU C 3 30.20 6.22 0.45
CA LEU C 3 29.55 5.40 1.47
C LEU C 3 28.06 5.24 1.18
N LEU C 9 20.39 3.09 2.37
CA LEU C 9 20.90 2.14 3.34
C LEU C 9 19.80 1.41 4.08
N MSE C 10 18.96 2.16 4.77
CA MSE C 10 17.91 1.58 5.59
C MSE C 10 16.83 0.90 4.72
O MSE C 10 16.11 0.01 5.19
CB MSE C 10 17.29 2.65 6.48
CG MSE C 10 16.09 2.21 7.29
SE MSE C 10 14.47 2.87 6.46
CE MSE C 10 14.58 4.74 7.05
N ARG C 11 16.73 1.31 3.46
CA ARG C 11 15.85 0.63 2.51
C ARG C 11 16.32 -0.80 2.27
N ARG C 12 17.62 -0.96 2.08
CA ARG C 12 18.22 -2.29 2.01
C ARG C 12 18.02 -3.05 3.32
N PHE C 13 18.14 -2.36 4.46
CA PHE C 13 17.91 -2.97 5.75
C PHE C 13 16.49 -3.56 5.84
N ILE C 14 15.49 -2.81 5.39
CA ILE C 14 14.11 -3.28 5.47
C ILE C 14 13.88 -4.47 4.53
N VAL C 15 14.43 -4.41 3.32
CA VAL C 15 14.27 -5.54 2.40
C VAL C 15 14.92 -6.79 2.96
N LYS C 16 16.16 -6.66 3.44
CA LYS C 16 16.89 -7.78 4.02
C LYS C 16 16.14 -8.37 5.21
N ASP C 17 15.58 -7.51 6.08
CA ASP C 17 14.86 -8.00 7.24
C ASP C 17 13.58 -8.73 6.85
N THR C 18 12.87 -8.24 5.83
CA THR C 18 11.68 -8.94 5.36
C THR C 18 12.04 -10.33 4.83
N LEU C 19 13.13 -10.42 4.05
CA LEU C 19 13.57 -11.71 3.55
C LEU C 19 13.92 -12.66 4.70
N ILE C 20 14.68 -12.15 5.68
CA ILE C 20 15.05 -12.98 6.82
C ILE C 20 13.80 -13.50 7.51
N THR C 21 12.80 -12.63 7.67
CA THR C 21 11.56 -13.03 8.32
C THR C 21 10.86 -14.14 7.56
N ILE C 22 10.75 -13.99 6.24
CA ILE C 22 10.08 -15.03 5.45
C ILE C 22 10.79 -16.36 5.61
N PHE C 23 12.13 -16.34 5.60
CA PHE C 23 12.85 -17.59 5.80
C PHE C 23 12.61 -18.15 7.21
N ARG C 24 12.58 -17.27 8.22
CA ARG C 24 12.35 -17.69 9.60
C ARG C 24 11.01 -18.40 9.76
N ARG C 25 9.93 -17.81 9.24
CA ARG C 25 8.60 -18.40 9.45
C ARG C 25 8.50 -19.78 8.83
N HIS C 26 9.28 -20.02 7.78
CA HIS C 26 9.27 -21.31 7.09
C HIS C 26 10.30 -22.28 7.66
N GLY C 27 10.90 -21.96 8.81
CA GLY C 27 11.78 -22.91 9.47
C GLY C 27 13.20 -22.96 8.96
N ALA C 28 13.60 -22.07 8.06
CA ALA C 28 14.97 -22.09 7.60
C ALA C 28 15.87 -21.33 8.58
N VAL C 29 17.16 -21.67 8.57
CA VAL C 29 18.15 -21.00 9.41
C VAL C 29 19.29 -20.53 8.53
N GLU C 30 20.02 -19.54 9.03
CA GLU C 30 21.09 -18.94 8.25
C GLU C 30 22.33 -19.82 8.21
N ALA C 31 22.92 -19.92 7.03
CA ALA C 31 24.18 -20.59 6.78
C ALA C 31 25.25 -19.53 6.47
N PRO C 32 26.53 -19.91 6.46
CA PRO C 32 27.60 -18.89 6.36
C PRO C 32 27.50 -18.02 5.12
N THR C 33 27.76 -16.73 5.30
CA THR C 33 27.89 -15.80 4.19
C THR C 33 29.11 -16.16 3.34
N ALA C 34 28.98 -15.93 2.03
CA ALA C 34 30.01 -16.39 1.10
C ALA C 34 30.21 -15.38 -0.03
N THR C 35 31.44 -15.34 -0.54
CA THR C 35 31.80 -14.53 -1.70
C THR C 35 32.40 -15.41 -2.78
N LEU C 36 31.94 -15.23 -4.01
CA LEU C 36 32.47 -15.94 -5.17
C LEU C 36 33.48 -15.03 -5.89
N TYR C 37 34.74 -15.46 -5.92
CA TYR C 37 35.77 -14.76 -6.67
C TYR C 37 35.89 -15.38 -8.05
N PRO C 38 35.56 -14.65 -9.12
CA PRO C 38 35.60 -15.23 -10.46
C PRO C 38 37.02 -15.57 -10.90
N LYS C 39 37.09 -16.56 -11.76
CA LYS C 39 38.35 -17.05 -12.32
C LYS C 39 39.07 -15.95 -13.10
N SER C 40 40.39 -16.10 -13.21
CA SER C 40 41.20 -15.14 -13.95
C SER C 40 41.48 -15.57 -15.38
N SER C 41 41.32 -16.85 -15.70
CA SER C 41 41.39 -17.37 -17.07
C SER C 41 40.19 -18.28 -17.29
N HIS C 42 39.92 -18.61 -18.55
CA HIS C 42 38.68 -19.31 -18.88
C HIS C 42 38.58 -20.64 -18.16
N TYR C 43 39.68 -21.39 -18.11
CA TYR C 43 39.70 -22.71 -17.49
C TYR C 43 40.18 -22.69 -16.04
N GLY C 44 40.48 -21.52 -15.50
CA GLY C 44 40.92 -21.41 -14.13
C GLY C 44 39.77 -21.60 -13.15
N PRO C 45 40.08 -21.96 -11.91
CA PRO C 45 39.02 -22.23 -10.94
C PRO C 45 38.40 -20.95 -10.42
N ASN C 46 37.15 -21.09 -9.95
CA ASN C 46 36.45 -20.01 -9.26
C ASN C 46 36.55 -20.26 -7.78
N ALA C 47 36.93 -19.25 -7.01
CA ALA C 47 37.09 -19.49 -5.58
C ALA C 47 35.83 -19.06 -4.85
N VAL C 48 35.53 -19.74 -3.75
CA VAL C 48 34.47 -19.31 -2.86
C VAL C 48 35.03 -19.20 -1.46
N HIS C 49 34.89 -18.03 -0.86
CA HIS C 49 35.30 -17.78 0.52
C HIS C 49 34.05 -17.79 1.40
N LEU C 50 34.04 -18.66 2.41
CA LEU C 50 32.97 -18.72 3.38
C LEU C 50 33.36 -17.92 4.62
N LEU C 51 32.44 -17.07 5.09
CA LEU C 51 32.66 -16.28 6.30
C LEU C 51 32.28 -17.09 7.53
N ASP C 52 33.05 -18.15 7.77
CA ASP C 52 32.87 -19.07 8.90
C ASP C 52 34.09 -18.98 9.82
N ARG C 53 34.15 -19.89 10.78
CA ARG C 53 35.21 -19.84 11.79
C ARG C 53 36.59 -20.02 11.14
N ASN C 54 36.72 -20.97 10.22
CA ASN C 54 38.01 -21.29 9.62
C ASN C 54 38.37 -20.38 8.46
N GLY C 55 37.45 -19.56 7.96
CA GLY C 55 37.70 -18.79 6.76
C GLY C 55 37.94 -19.68 5.57
N THR C 56 37.10 -20.70 5.42
CA THR C 56 37.29 -21.72 4.39
C THR C 56 37.28 -21.12 3.00
N VAL C 57 38.21 -21.57 2.17
CA VAL C 57 38.28 -21.21 0.75
C VAL C 57 38.19 -22.49 -0.06
N LEU C 58 37.27 -22.52 -1.02
CA LEU C 58 37.07 -23.70 -1.86
C LEU C 58 37.30 -23.33 -3.32
N GLN C 59 38.03 -24.19 -4.02
CA GLN C 59 38.26 -24.03 -5.44
C GLN C 59 37.22 -24.85 -6.19
N LEU C 60 36.41 -24.18 -7.00
CA LEU C 60 35.31 -24.68 -7.79
C LEU C 60 35.66 -24.75 -9.26
N PRO C 61 35.04 -25.66 -10.01
CA PRO C 61 35.36 -25.79 -11.44
C PRO C 61 35.09 -24.51 -12.21
N PHE C 62 35.74 -24.41 -13.37
CA PHE C 62 35.80 -23.15 -14.11
C PHE C 62 34.45 -22.71 -14.65
N ASP C 63 33.49 -23.62 -14.80
CA ASP C 63 32.20 -23.26 -15.37
C ASP C 63 31.18 -22.83 -14.34
N LEU C 64 31.54 -22.85 -13.05
CA LEU C 64 30.61 -22.47 -11.99
C LEU C 64 30.80 -20.99 -11.66
N VAL C 65 30.28 -20.15 -12.57
CA VAL C 65 30.42 -18.71 -12.46
C VAL C 65 29.18 -18.05 -11.88
N MSE C 66 28.06 -18.76 -11.83
CA MSE C 66 26.84 -18.26 -11.21
C MSE C 66 26.97 -18.22 -9.69
O MSE C 66 27.65 -19.04 -9.08
CB MSE C 66 25.65 -19.14 -11.63
CG MSE C 66 25.59 -20.48 -10.93
SE MSE C 66 26.83 -21.80 -11.69
CE MSE C 66 26.51 -21.51 -13.60
N GLY C 67 26.29 -17.24 -9.08
CA GLY C 67 26.36 -17.07 -7.63
C GLY C 67 25.90 -18.30 -6.86
N HIS C 68 24.96 -19.06 -7.43
CA HIS C 68 24.46 -20.24 -6.73
C HIS C 68 25.55 -21.25 -6.43
N ALA C 69 26.70 -21.15 -7.12
CA ALA C 69 27.83 -22.02 -6.82
C ALA C 69 28.24 -21.94 -5.35
N ARG C 70 27.99 -20.78 -4.71
CA ARG C 70 28.27 -20.66 -3.27
C ARG C 70 27.64 -21.81 -2.47
N SER C 71 26.41 -22.19 -2.83
CA SER C 71 25.76 -23.29 -2.13
C SER C 71 26.57 -24.57 -2.24
N LEU C 72 27.03 -24.87 -3.46
CA LEU C 72 27.87 -26.04 -3.64
C LEU C 72 29.07 -25.97 -2.72
N ALA C 73 29.70 -24.80 -2.63
CA ALA C 73 30.86 -24.65 -1.76
C ALA C 73 30.50 -25.02 -0.33
N ARG C 74 29.39 -24.48 0.19
CA ARG C 74 28.98 -24.82 1.54
C ARG C 74 28.82 -26.33 1.70
N ILE C 75 28.15 -26.95 0.73
CA ILE C 75 27.90 -28.38 0.81
C ILE C 75 29.22 -29.14 0.76
N ALA C 76 30.19 -28.64 -0.01
CA ALA C 76 31.46 -29.32 -0.06
C ALA C 76 32.26 -29.14 1.22
N SER C 77 31.99 -28.08 1.97
CA SER C 77 32.84 -27.76 3.12
C SER C 77 32.51 -28.63 4.34
N GLY C 78 31.26 -29.08 4.46
CA GLY C 78 30.84 -29.86 5.61
C GLY C 78 29.34 -29.96 5.73
N PRO C 79 28.85 -30.30 6.91
CA PRO C 79 27.39 -30.40 7.09
C PRO C 79 26.73 -29.04 6.91
N VAL C 80 25.50 -29.08 6.41
CA VAL C 80 24.69 -27.87 6.22
C VAL C 80 23.32 -28.16 6.82
N PRO C 81 22.58 -27.14 7.25
CA PRO C 81 21.23 -27.40 7.77
C PRO C 81 20.29 -27.86 6.67
N GLN C 82 19.25 -28.59 7.07
CA GLN C 82 18.27 -29.10 6.13
C GLN C 82 17.65 -27.96 5.31
N ARG C 83 17.18 -26.92 5.98
CA ARG C 83 16.61 -25.76 5.31
C ARG C 83 17.45 -24.53 5.66
N ALA C 84 18.10 -23.95 4.66
CA ALA C 84 19.04 -22.87 4.94
C ALA C 84 18.94 -21.76 3.90
N TYR C 85 19.30 -20.56 4.33
CA TYR C 85 19.47 -19.41 3.47
C TYR C 85 20.82 -18.77 3.79
N SER C 86 21.41 -18.14 2.78
CA SER C 86 22.74 -17.54 2.94
C SER C 86 22.85 -16.31 2.07
N PHE C 87 23.38 -15.24 2.65
CA PHE C 87 23.67 -14.03 1.91
C PHE C 87 25.03 -14.17 1.27
N GLY C 88 25.20 -13.49 0.13
CA GLY C 88 26.46 -13.59 -0.59
C GLY C 88 26.54 -12.56 -1.68
N ASN C 89 27.72 -12.49 -2.29
CA ASN C 89 27.92 -11.64 -3.45
C ASN C 89 28.95 -12.29 -4.36
N ILE C 90 29.18 -11.66 -5.50
CA ILE C 90 30.25 -12.03 -6.42
C ILE C 90 31.24 -10.87 -6.44
N PHE C 91 32.52 -11.18 -6.21
CA PHE C 91 33.51 -10.13 -6.10
C PHE C 91 33.61 -9.35 -7.41
N ARG C 92 33.66 -8.03 -7.29
CA ARG C 92 33.88 -7.15 -8.42
C ARG C 92 34.87 -6.09 -7.99
N ASP C 93 35.80 -5.75 -8.89
CA ASP C 93 36.74 -4.69 -8.59
C ASP C 93 35.99 -3.41 -8.29
N ARG C 94 36.46 -2.69 -7.26
CA ARG C 94 35.80 -1.45 -6.88
C ARG C 94 35.81 -0.42 -8.00
N GLN C 95 36.77 -0.51 -8.92
CA GLN C 95 36.81 0.41 -10.05
C GLN C 95 35.65 0.19 -11.02
N ASP C 96 34.99 -0.98 -10.95
CA ASP C 96 33.83 -1.28 -11.78
C ASP C 96 32.54 -1.30 -10.95
N GLY C 97 32.54 -0.56 -9.84
CA GLY C 97 31.35 -0.42 -9.02
C GLY C 97 31.10 -1.55 -8.04
N GLY C 98 32.13 -2.30 -7.66
CA GLY C 98 31.93 -3.38 -6.71
C GLY C 98 31.84 -2.86 -5.27
N GLN C 99 30.96 -3.49 -4.49
CA GLN C 99 30.76 -3.18 -3.08
C GLN C 99 31.00 -4.45 -2.27
N PRO C 100 32.25 -4.72 -1.88
CA PRO C 100 32.55 -6.02 -1.25
C PRO C 100 31.83 -6.25 0.06
N ASP C 101 31.35 -5.19 0.71
CA ASP C 101 30.66 -5.30 1.99
C ASP C 101 29.15 -5.34 1.85
N VAL C 102 28.62 -5.35 0.62
CA VAL C 102 27.20 -5.51 0.38
C VAL C 102 26.99 -6.90 -0.17
N TYR C 103 26.26 -7.73 0.59
CA TYR C 103 25.94 -9.08 0.16
C TYR C 103 24.50 -9.07 -0.37
N GLY C 104 24.36 -8.59 -1.60
CA GLY C 104 23.08 -8.34 -2.24
C GLY C 104 22.40 -9.53 -2.87
N GLU C 105 22.97 -10.72 -2.73
CA GLU C 105 22.37 -11.95 -3.19
C GLU C 105 22.01 -12.83 -2.00
N VAL C 106 21.04 -13.71 -2.22
CA VAL C 106 20.65 -14.70 -1.21
C VAL C 106 20.43 -16.04 -1.89
N ASP C 107 20.94 -17.10 -1.27
CA ASP C 107 20.78 -18.46 -1.76
C ASP C 107 19.94 -19.24 -0.77
N PHE C 108 18.86 -19.86 -1.26
CA PHE C 108 18.02 -20.72 -0.43
C PHE C 108 18.13 -22.16 -0.91
N ASP C 109 18.35 -23.10 0.01
CA ASP C 109 18.55 -24.48 -0.35
C ASP C 109 17.91 -25.42 0.66
N ILE C 110 17.32 -26.49 0.15
CA ILE C 110 16.89 -27.62 0.96
C ILE C 110 17.79 -28.80 0.58
N VAL C 111 18.52 -29.31 1.58
CA VAL C 111 19.52 -30.34 1.38
C VAL C 111 19.16 -31.52 2.26
N THR C 112 18.88 -32.65 1.62
CA THR C 112 18.49 -33.87 2.31
C THR C 112 19.50 -34.97 2.03
N THR C 113 19.44 -36.03 2.82
CA THR C 113 20.33 -37.17 2.62
C THR C 113 19.60 -38.44 2.16
N ASP C 114 18.28 -38.41 2.05
CA ASP C 114 17.52 -39.63 1.77
C ASP C 114 17.07 -39.79 0.32
N ALA C 115 16.75 -38.70 -0.37
CA ALA C 115 16.21 -38.73 -1.74
C ALA C 115 14.82 -39.37 -1.80
N MSE C 116 14.10 -39.44 -0.70
CA MSE C 116 12.79 -40.08 -0.69
C MSE C 116 11.69 -39.23 -1.30
O MSE C 116 10.74 -39.76 -1.89
CB MSE C 116 12.41 -40.47 0.73
CG MSE C 116 11.69 -41.81 0.86
SE MSE C 116 12.83 -43.33 0.41
CE MSE C 116 12.55 -43.47 -1.52
N ASP C 117 11.78 -37.90 -1.15
CA ASP C 117 10.68 -37.00 -1.45
C ASP C 117 11.20 -35.78 -2.22
N LEU C 118 11.93 -36.06 -3.30
CA LEU C 118 12.59 -34.99 -4.07
C LEU C 118 11.59 -34.00 -4.66
N ALA C 119 10.51 -34.50 -5.27
CA ALA C 119 9.52 -33.61 -5.87
C ALA C 119 8.89 -32.71 -4.82
N MSE C 120 8.58 -33.27 -3.66
CA MSE C 120 8.10 -32.52 -2.53
C MSE C 120 9.04 -31.36 -2.16
O MSE C 120 8.60 -30.23 -1.98
CB MSE C 120 7.91 -33.45 -1.34
CG MSE C 120 6.79 -33.06 -0.39
SE MSE C 120 6.96 -33.91 1.35
CE MSE C 120 6.53 -35.75 0.87
N LYS C 121 10.34 -31.66 -2.03
CA LYS C 121 11.29 -30.62 -1.65
C LYS C 121 11.39 -29.53 -2.70
N GLU C 122 11.34 -29.90 -3.99
CA GLU C 122 11.34 -28.88 -5.03
C GLU C 122 10.10 -28.00 -4.93
N ALA C 123 8.93 -28.61 -4.68
CA ALA C 123 7.71 -27.82 -4.51
C ALA C 123 7.81 -26.91 -3.29
N GLU C 124 8.46 -27.37 -2.23
CA GLU C 124 8.64 -26.53 -1.05
C GLU C 124 9.51 -25.32 -1.36
N VAL C 125 10.58 -25.53 -2.12
CA VAL C 125 11.42 -24.41 -2.56
C VAL C 125 10.59 -23.42 -3.39
N ILE C 126 9.75 -23.94 -4.28
CA ILE C 126 8.89 -23.07 -5.08
C ILE C 126 7.94 -22.29 -4.18
N LYS C 127 7.42 -22.94 -3.14
CA LYS C 127 6.50 -22.27 -2.22
C LYS C 127 7.21 -21.16 -1.46
N VAL C 128 8.45 -21.39 -1.03
CA VAL C 128 9.21 -20.34 -0.38
C VAL C 128 9.39 -19.15 -1.31
N LEU C 129 9.72 -19.42 -2.57
CA LEU C 129 9.85 -18.34 -3.55
C LEU C 129 8.52 -17.60 -3.74
N ASP C 130 7.41 -18.35 -3.73
CA ASP C 130 6.08 -17.76 -3.84
C ASP C 130 5.81 -16.82 -2.66
N GLU C 131 6.20 -17.22 -1.46
CA GLU C 131 6.01 -16.36 -0.30
C GLU C 131 6.82 -15.07 -0.43
N ILE C 132 8.05 -15.19 -0.93
CA ILE C 132 8.85 -13.98 -1.18
C ILE C 132 8.14 -13.07 -2.16
N ILE C 133 7.61 -13.64 -3.24
CA ILE C 133 6.88 -12.86 -4.24
C ILE C 133 5.69 -12.16 -3.60
N ALA C 134 4.98 -12.86 -2.71
CA ALA C 134 3.82 -12.25 -2.06
C ALA C 134 4.22 -11.11 -1.14
N ALA C 135 5.43 -11.15 -0.58
CA ALA C 135 5.81 -10.21 0.46
C ALA C 135 6.27 -8.85 -0.07
N PHE C 136 6.42 -8.66 -1.38
CA PHE C 136 6.97 -7.36 -1.77
C PHE C 136 6.05 -6.66 -2.75
N PRO C 137 5.87 -5.34 -2.62
CA PRO C 137 4.86 -4.65 -3.45
C PRO C 137 5.18 -4.69 -4.93
N THR C 138 6.47 -4.61 -5.30
CA THR C 138 6.83 -4.67 -6.71
C THR C 138 6.41 -5.98 -7.35
N THR C 139 6.46 -7.08 -6.60
CA THR C 139 6.17 -8.40 -7.17
C THR C 139 4.77 -8.91 -6.84
N SER C 140 4.12 -8.38 -5.81
CA SER C 140 2.80 -8.87 -5.43
C SER C 140 1.66 -8.13 -6.14
N SER C 141 1.94 -6.98 -6.73
CA SER C 141 0.91 -6.19 -7.41
C SER C 141 0.93 -6.36 -8.92
N THR C 142 2.03 -6.81 -9.49
CA THR C 142 2.22 -7.03 -10.91
C THR C 142 2.20 -8.53 -11.23
N PRO C 143 1.78 -8.92 -12.43
CA PRO C 143 1.67 -10.36 -12.76
C PRO C 143 3.03 -11.04 -12.80
N MSE C 144 3.17 -12.08 -11.99
CA MSE C 144 4.35 -12.95 -11.94
C MSE C 144 4.00 -14.31 -12.54
O MSE C 144 2.81 -14.62 -12.70
CB MSE C 144 4.83 -13.17 -10.49
CG MSE C 144 5.45 -11.99 -9.75
SE MSE C 144 6.53 -10.74 -10.76
CE MSE C 144 8.28 -11.41 -10.20
N CYS C 145 4.99 -15.13 -12.85
CA CYS C 145 4.71 -16.50 -13.24
C CYS C 145 5.93 -17.38 -12.96
N PHE C 146 5.68 -18.68 -12.85
CA PHE C 146 6.71 -19.69 -12.72
C PHE C 146 6.81 -20.49 -14.02
N GLN C 147 8.03 -20.75 -14.47
CA GLN C 147 8.26 -21.59 -15.63
C GLN C 147 9.11 -22.78 -15.21
N LEU C 148 8.57 -23.98 -15.40
CA LEU C 148 9.23 -25.22 -15.02
C LEU C 148 9.73 -25.95 -16.26
N GLY C 149 10.89 -26.58 -16.11
CA GLY C 149 11.42 -27.49 -17.10
C GLY C 149 12.27 -28.53 -16.40
N HIS C 150 13.01 -29.33 -17.16
CA HIS C 150 13.87 -30.32 -16.55
C HIS C 150 15.09 -30.52 -17.43
N SER C 151 16.25 -30.69 -16.79
CA SER C 151 17.47 -30.89 -17.55
C SER C 151 17.40 -32.16 -18.40
N ASP C 152 16.79 -33.21 -17.87
CA ASP C 152 16.59 -34.44 -18.64
C ASP C 152 15.66 -34.20 -19.83
N LEU C 153 14.60 -33.42 -19.62
CA LEU C 153 13.70 -33.09 -20.73
C LEU C 153 14.43 -32.30 -21.81
N LEU C 154 15.24 -31.32 -21.40
CA LEU C 154 16.00 -30.53 -22.37
C LEU C 154 16.99 -31.38 -23.14
N GLN C 155 17.68 -32.29 -22.45
CA GLN C 155 18.62 -33.17 -23.13
C GLN C 155 17.91 -34.08 -24.11
N LEU C 156 16.73 -34.59 -23.72
CA LEU C 156 15.97 -35.45 -24.62
C LEU C 156 15.47 -34.66 -25.84
N ILE C 157 15.10 -33.40 -25.65
CA ILE C 157 14.73 -32.56 -26.80
C ILE C 157 15.94 -32.39 -27.72
N PHE C 158 17.12 -32.14 -27.13
CA PHE C 158 18.33 -32.05 -27.93
C PHE C 158 18.57 -33.32 -28.73
N ASP C 159 18.33 -34.48 -28.11
CA ASP C 159 18.46 -35.76 -28.82
C ASP C 159 17.47 -35.85 -29.96
N PHE C 160 16.23 -35.41 -29.72
CA PHE C 160 15.18 -35.44 -30.73
C PHE C 160 15.51 -34.52 -31.90
N CYS C 161 16.17 -33.39 -31.63
CA CYS C 161 16.55 -32.45 -32.67
C CYS C 161 17.94 -32.70 -33.24
N ASN C 162 18.61 -33.77 -32.80
CA ASN C 162 19.92 -34.16 -33.34
C ASN C 162 20.94 -33.02 -33.22
N VAL C 163 20.98 -32.44 -32.02
CA VAL C 163 21.98 -31.45 -31.66
C VAL C 163 23.20 -32.18 -31.09
N GLU C 164 24.37 -31.94 -31.67
CA GLU C 164 25.58 -32.61 -31.23
C GLU C 164 25.86 -32.24 -29.78
N HIS C 165 26.43 -33.21 -29.04
CA HIS C 165 26.73 -32.98 -27.63
C HIS C 165 27.71 -31.82 -27.44
N GLY C 166 28.67 -31.68 -28.33
CA GLY C 166 29.67 -30.64 -28.21
C GLY C 166 29.13 -29.22 -28.38
N ALA C 167 27.91 -29.08 -28.89
CA ALA C 167 27.24 -27.79 -28.98
C ALA C 167 26.14 -27.58 -27.94
N ARG C 168 25.85 -28.57 -27.09
CA ARG C 168 24.67 -28.47 -26.24
C ARG C 168 24.85 -27.47 -25.11
N GLN C 169 26.05 -27.35 -24.54
CA GLN C 169 26.26 -26.34 -23.51
C GLN C 169 26.00 -24.93 -24.05
N ALA C 170 26.57 -24.64 -25.22
CA ALA C 170 26.36 -23.34 -25.84
C ALA C 170 24.88 -23.14 -26.20
N ALA C 171 24.23 -24.20 -26.69
CA ALA C 171 22.81 -24.09 -27.03
C ALA C 171 21.97 -23.78 -25.81
N ALA C 172 22.28 -24.43 -24.69
CA ALA C 172 21.56 -24.15 -23.44
C ALA C 172 21.80 -22.72 -22.98
N GLU C 173 23.04 -22.23 -23.09
CA GLU C 173 23.32 -20.86 -22.70
C GLU C 173 22.54 -19.88 -23.56
N VAL C 174 22.43 -20.16 -24.86
CA VAL C 174 21.64 -19.29 -25.73
C VAL C 174 20.16 -19.36 -25.37
N LEU C 175 19.63 -20.56 -25.14
CA LEU C 175 18.21 -20.72 -24.87
C LEU C 175 17.80 -20.16 -23.52
N SER C 176 18.76 -20.00 -22.60
CA SER C 176 18.43 -19.42 -21.31
C SER C 176 17.96 -17.97 -21.43
N LYS C 177 18.24 -17.32 -22.56
CA LYS C 177 17.81 -15.95 -22.82
C LYS C 177 16.50 -15.86 -23.58
N LEU C 178 15.90 -16.99 -23.94
CA LEU C 178 14.75 -16.97 -24.84
C LEU C 178 13.56 -16.24 -24.22
N ASN C 179 13.02 -15.27 -24.97
CA ASN C 179 11.85 -14.49 -24.59
C ASN C 179 12.09 -13.62 -23.37
N ILE C 180 13.35 -13.35 -23.03
CA ILE C 180 13.70 -12.46 -21.93
C ILE C 180 14.36 -11.22 -22.52
N ARG C 181 13.87 -10.05 -22.12
CA ARG C 181 14.40 -8.77 -22.61
C ARG C 181 14.41 -8.71 -24.13
N ASN C 182 13.26 -9.09 -24.73
CA ASN C 182 13.04 -9.07 -26.17
C ASN C 182 13.98 -9.98 -26.94
N PHE C 183 14.55 -11.00 -26.30
CA PHE C 183 15.39 -11.98 -27.02
C PHE C 183 14.46 -13.04 -27.60
N THR C 184 13.84 -12.69 -28.72
CA THR C 184 12.86 -13.54 -29.36
C THR C 184 13.53 -14.74 -30.02
N TRP C 185 12.71 -15.60 -30.64
CA TRP C 185 13.25 -16.77 -31.31
C TRP C 185 14.16 -16.40 -32.46
N GLN C 186 13.94 -15.24 -33.08
CA GLN C 186 14.79 -14.85 -34.21
C GLN C 186 16.23 -14.68 -33.77
N LYS C 187 16.45 -13.95 -32.66
CA LYS C 187 17.81 -13.78 -32.15
C LYS C 187 18.37 -15.11 -31.67
N VAL C 188 17.53 -15.95 -31.06
CA VAL C 188 17.99 -17.26 -30.61
C VAL C 188 18.50 -18.07 -31.79
N ARG C 189 17.74 -18.09 -32.88
CA ARG C 189 18.12 -18.87 -34.05
C ARG C 189 19.36 -18.29 -34.71
N SER C 190 19.46 -16.96 -34.76
CA SER C 190 20.65 -16.35 -35.33
C SER C 190 21.90 -16.71 -34.53
N GLU C 191 21.78 -16.77 -33.20
CA GLU C 191 22.92 -17.16 -32.38
C GLU C 191 23.21 -18.66 -32.47
N LEU C 192 22.17 -19.49 -32.63
CA LEU C 192 22.39 -20.94 -32.68
C LEU C 192 23.01 -21.35 -34.01
N ARG C 193 22.65 -20.68 -35.11
CA ARG C 193 23.23 -21.00 -36.40
C ARG C 193 24.60 -20.37 -36.60
N SER C 194 25.00 -19.46 -35.71
CA SER C 194 26.31 -18.84 -35.80
C SER C 194 27.40 -19.90 -35.72
N PRO C 195 28.57 -19.65 -36.32
CA PRO C 195 29.64 -20.67 -36.30
C PRO C 195 30.14 -20.98 -34.90
N LEU C 196 29.93 -20.09 -33.93
CA LEU C 196 30.33 -20.37 -32.56
C LEU C 196 29.58 -21.57 -32.00
N VAL C 197 28.30 -21.71 -32.33
CA VAL C 197 27.49 -22.82 -31.86
C VAL C 197 27.32 -23.88 -32.95
N GLY C 198 27.17 -23.45 -34.20
CA GLY C 198 27.11 -24.35 -35.34
C GLY C 198 26.05 -25.42 -35.31
N ILE C 199 24.82 -25.03 -34.98
CA ILE C 199 23.68 -25.93 -35.03
C ILE C 199 23.03 -25.82 -36.40
N SER C 200 22.64 -26.96 -36.97
CA SER C 200 22.13 -26.98 -38.33
C SER C 200 20.76 -26.32 -38.42
N ALA C 201 20.41 -25.90 -39.63
CA ALA C 201 19.12 -25.24 -39.85
C ALA C 201 17.96 -26.17 -39.52
N THR C 202 18.08 -27.43 -39.91
CA THR C 202 17.04 -28.41 -39.59
C THR C 202 16.89 -28.58 -38.09
N SER C 203 18.00 -28.64 -37.36
CA SER C 203 17.92 -28.79 -35.91
C SER C 203 17.25 -27.59 -35.25
N VAL C 204 17.57 -26.37 -35.70
CA VAL C 204 16.95 -25.19 -35.14
C VAL C 204 15.46 -25.17 -35.45
N ASP C 205 15.08 -25.54 -36.67
CA ASP C 205 13.67 -25.59 -37.01
C ASP C 205 12.94 -26.61 -36.16
N GLU C 206 13.60 -27.73 -35.85
CA GLU C 206 12.98 -28.73 -34.98
C GLU C 206 12.87 -28.23 -33.54
N LEU C 207 13.89 -27.51 -33.07
CA LEU C 207 13.84 -26.94 -31.73
C LEU C 207 12.72 -25.93 -31.59
N GLN C 208 12.39 -25.22 -32.68
CA GLN C 208 11.30 -24.24 -32.64
C GLN C 208 9.97 -24.88 -32.28
N ARG C 209 9.80 -26.18 -32.53
CA ARG C 209 8.59 -26.88 -32.15
C ARG C 209 8.39 -26.97 -30.65
N PHE C 210 9.41 -26.64 -29.85
CA PHE C 210 9.31 -26.65 -28.40
C PHE C 210 9.32 -25.26 -27.81
N ASP C 211 9.24 -24.21 -28.64
CA ASP C 211 9.25 -22.84 -28.18
C ASP C 211 7.82 -22.42 -27.85
N TRP C 212 7.39 -22.82 -26.65
CA TRP C 212 6.07 -22.49 -26.15
C TRP C 212 6.04 -22.81 -24.66
N ARG C 213 4.97 -22.39 -24.00
CA ARG C 213 4.71 -22.73 -22.61
C ARG C 213 3.22 -22.95 -22.43
N ASP C 214 2.87 -23.76 -21.43
CA ASP C 214 1.46 -24.04 -21.18
C ASP C 214 1.30 -24.61 -19.77
N THR C 215 0.06 -24.61 -19.31
CA THR C 215 -0.26 -25.19 -18.01
C THR C 215 0.05 -26.69 -18.01
N PRO C 216 0.35 -27.27 -16.85
CA PRO C 216 1.02 -28.59 -16.81
C PRO C 216 0.34 -29.70 -17.60
N THR C 217 -0.97 -29.91 -17.42
CA THR C 217 -1.64 -31.02 -18.11
C THR C 217 -1.55 -30.84 -19.63
N LYS C 218 -1.89 -29.65 -20.12
CA LYS C 218 -1.85 -29.39 -21.55
C LYS C 218 -0.44 -29.54 -22.08
N ALA C 219 0.55 -29.04 -21.34
CA ALA C 219 1.94 -29.14 -21.77
C ALA C 219 2.41 -30.58 -21.82
N PHE C 220 2.00 -31.39 -20.84
CA PHE C 220 2.40 -32.79 -20.82
C PHE C 220 1.85 -33.53 -22.03
N THR C 221 0.56 -33.33 -22.33
CA THR C 221 0.01 -33.98 -23.52
C THR C 221 0.67 -33.45 -24.79
N LYS C 222 1.00 -32.16 -24.83
CA LYS C 222 1.66 -31.59 -26.00
C LYS C 222 3.04 -32.19 -26.23
N ILE C 223 3.83 -32.33 -25.16
CA ILE C 223 5.14 -32.94 -25.28
C ILE C 223 5.01 -34.40 -25.69
N ARG C 224 4.07 -35.12 -25.08
CA ARG C 224 3.87 -36.53 -25.44
C ARG C 224 3.51 -36.66 -26.91
N ASN C 225 2.65 -35.78 -27.42
CA ASN C 225 2.27 -35.85 -28.82
C ASN C 225 3.42 -35.48 -29.74
N LEU C 226 4.27 -34.54 -29.31
CA LEU C 226 5.46 -34.20 -30.10
C LEU C 226 6.41 -35.40 -30.19
N PHE C 227 6.54 -36.15 -29.10
CA PHE C 227 7.44 -37.29 -29.05
C PHE C 227 6.81 -38.61 -29.49
N GLU C 228 5.51 -38.60 -29.81
CA GLU C 228 4.84 -39.84 -30.19
C GLU C 228 5.48 -40.45 -31.42
N GLY C 229 5.61 -41.78 -31.43
CA GLY C 229 6.23 -42.46 -32.54
C GLY C 229 7.74 -42.53 -32.50
N THR C 230 8.37 -42.08 -31.42
CA THR C 230 9.82 -42.09 -31.32
C THR C 230 10.26 -42.86 -30.08
N GLU C 231 11.55 -43.20 -30.04
CA GLU C 231 12.12 -43.95 -28.94
C GLU C 231 12.12 -43.18 -27.64
N TYR C 232 12.05 -41.85 -27.69
CA TYR C 232 12.14 -41.04 -26.49
C TYR C 232 10.83 -40.96 -25.73
N TYR C 233 9.70 -41.33 -26.37
CA TYR C 233 8.39 -41.21 -25.75
C TYR C 233 8.36 -41.83 -24.37
N ASP C 234 8.94 -43.03 -24.23
CA ASP C 234 8.89 -43.68 -22.93
C ASP C 234 9.83 -42.99 -21.95
N LYS C 235 11.05 -42.67 -22.38
CA LYS C 235 11.99 -42.06 -21.46
C LYS C 235 11.57 -40.66 -21.04
N VAL C 236 10.77 -39.98 -21.86
CA VAL C 236 10.24 -38.68 -21.46
C VAL C 236 9.14 -38.86 -20.43
N SER C 237 8.39 -39.96 -20.52
CA SER C 237 7.23 -40.14 -19.65
C SER C 237 7.61 -39.94 -18.19
N SER C 238 8.67 -40.62 -17.74
CA SER C 238 9.06 -40.54 -16.34
C SER C 238 9.38 -39.10 -15.95
N THR C 239 10.12 -38.38 -16.80
CA THR C 239 10.42 -36.99 -16.51
C THR C 239 9.13 -36.20 -16.33
N LEU C 240 8.19 -36.37 -17.26
CA LEU C 240 6.94 -35.64 -17.16
C LEU C 240 6.22 -36.01 -15.87
N ALA C 241 6.26 -37.29 -15.51
CA ALA C 241 5.62 -37.71 -14.26
C ALA C 241 6.21 -36.95 -13.09
N HIS C 242 7.55 -36.85 -13.06
CA HIS C 242 8.18 -36.10 -11.97
C HIS C 242 7.65 -34.68 -11.94
N LEU C 243 7.63 -34.02 -13.11
CA LEU C 243 7.13 -32.65 -13.14
C LEU C 243 5.70 -32.59 -12.64
N LYS C 244 4.87 -33.56 -13.07
CA LYS C 244 3.49 -33.58 -12.62
C LYS C 244 3.44 -33.67 -11.09
N GLU C 245 4.25 -34.55 -10.52
CA GLU C 245 4.26 -34.68 -9.07
C GLU C 245 4.59 -33.34 -8.42
N VAL C 246 5.62 -32.67 -8.93
CA VAL C 246 5.99 -31.37 -8.38
C VAL C 246 4.79 -30.44 -8.42
N TYR C 247 4.11 -30.41 -9.58
CA TYR C 247 2.96 -29.52 -9.73
C TYR C 247 1.89 -29.85 -8.71
N GLU C 248 1.62 -31.14 -8.49
CA GLU C 248 0.57 -31.48 -7.54
C GLU C 248 0.97 -31.04 -6.14
N TYR C 249 2.25 -31.21 -5.78
CA TYR C 249 2.69 -30.75 -4.47
C TYR C 249 2.58 -29.24 -4.38
N SER C 250 2.85 -28.54 -5.49
CA SER C 250 2.69 -27.10 -5.47
C SER C 250 1.24 -26.73 -5.20
N LYS C 251 0.29 -27.52 -5.72
CA LYS C 251 -1.11 -27.28 -5.41
C LYS C 251 -1.40 -27.57 -3.95
N LYS C 252 -0.74 -28.58 -3.37
CA LYS C 252 -0.98 -28.92 -1.98
C LYS C 252 -0.50 -27.80 -1.05
N PHE C 253 0.61 -27.17 -1.40
CA PHE C 253 1.17 -26.08 -0.60
C PHE C 253 0.51 -24.73 -0.88
N LYS C 254 -0.54 -24.70 -1.70
CA LYS C 254 -1.31 -23.48 -1.97
C LYS C 254 -0.39 -22.38 -2.53
N VAL C 255 0.31 -22.71 -3.60
CA VAL C 255 1.13 -21.74 -4.32
C VAL C 255 0.22 -20.85 -5.15
N ASN C 256 0.36 -19.54 -4.99
CA ASN C 256 -0.56 -18.62 -5.67
C ASN C 256 -0.14 -18.35 -7.12
N THR C 257 1.16 -18.18 -7.35
CA THR C 257 1.64 -17.76 -8.66
C THR C 257 1.33 -18.80 -9.73
N LYS C 258 0.95 -18.33 -10.91
CA LYS C 258 0.65 -19.22 -12.03
C LYS C 258 1.90 -20.01 -12.43
N ILE C 259 1.69 -21.27 -12.81
CA ILE C 259 2.79 -22.19 -13.11
C ILE C 259 2.64 -22.67 -14.54
N TYR C 260 3.66 -22.43 -15.36
CA TYR C 260 3.73 -22.90 -16.74
C TYR C 260 4.83 -23.95 -16.86
N ILE C 261 4.69 -24.83 -17.85
CA ILE C 261 5.74 -25.75 -18.24
C ILE C 261 6.36 -25.21 -19.52
N ALA C 262 7.65 -24.90 -19.47
CA ALA C 262 8.40 -24.43 -20.63
C ALA C 262 9.46 -25.46 -20.98
N PRO C 263 9.27 -26.25 -22.04
CA PRO C 263 10.19 -27.38 -22.28
C PRO C 263 11.62 -26.96 -22.56
N LEU C 264 11.86 -25.74 -23.01
CA LEU C 264 13.19 -25.27 -23.34
C LEU C 264 13.83 -24.49 -22.19
N SER C 265 13.33 -24.65 -20.97
CA SER C 265 13.96 -24.03 -19.80
C SER C 265 15.39 -24.53 -19.70
N SER C 266 16.33 -23.58 -19.62
CA SER C 266 17.74 -23.98 -19.68
C SER C 266 18.64 -23.14 -18.78
N ILE C 267 18.09 -22.25 -17.95
CA ILE C 267 18.93 -21.35 -17.17
C ILE C 267 19.82 -22.15 -16.24
N ASN C 268 21.14 -21.99 -16.38
CA ASN C 268 22.12 -22.68 -15.55
C ASN C 268 21.94 -24.20 -15.59
N GLU C 269 21.61 -24.72 -16.78
CA GLU C 269 21.34 -26.16 -16.90
C GLU C 269 22.56 -26.98 -16.50
N ALA C 270 23.77 -26.51 -16.84
CA ALA C 270 24.98 -27.23 -16.44
C ALA C 270 25.04 -27.42 -14.93
N PHE C 271 24.65 -26.40 -14.17
CA PHE C 271 24.64 -26.51 -12.73
C PHE C 271 23.55 -27.46 -12.25
N PHE C 272 22.36 -27.39 -12.88
CA PHE C 272 21.20 -28.18 -12.47
C PHE C 272 21.04 -29.43 -13.31
N ARG C 273 22.11 -30.17 -13.51
CA ARG C 273 22.09 -31.38 -14.32
C ARG C 273 22.12 -32.57 -13.38
N GLY C 274 21.16 -33.47 -13.52
CA GLY C 274 19.98 -33.31 -14.34
C GLY C 274 18.80 -33.37 -13.40
N GLY C 275 18.23 -32.21 -13.14
CA GLY C 275 17.14 -32.14 -12.22
C GLY C 275 16.12 -31.14 -12.73
N ILE C 276 15.12 -30.84 -11.90
CA ILE C 276 14.15 -29.84 -12.29
C ILE C 276 14.84 -28.51 -12.47
N LEU C 277 14.31 -27.70 -13.37
CA LEU C 277 14.72 -26.31 -13.53
C LEU C 277 13.49 -25.44 -13.36
N PHE C 278 13.64 -24.31 -12.67
CA PHE C 278 12.51 -23.40 -12.57
C PHE C 278 13.01 -21.96 -12.53
N SER C 279 12.22 -21.08 -13.13
CA SER C 279 12.49 -19.65 -13.09
C SER C 279 11.21 -18.93 -12.68
N CYS C 280 11.40 -17.82 -11.96
CA CYS C 280 10.32 -16.91 -11.61
C CYS C 280 10.46 -15.67 -12.47
N LEU C 281 9.41 -15.31 -13.21
CA LEU C 281 9.51 -14.24 -14.19
C LEU C 281 8.43 -13.20 -13.97
N TYR C 282 8.73 -11.99 -14.44
CA TYR C 282 7.74 -10.92 -14.58
C TYR C 282 6.93 -11.20 -15.84
N ASP C 283 5.66 -11.55 -15.67
CA ASP C 283 4.82 -11.97 -16.80
C ASP C 283 4.28 -10.73 -17.49
N ARG C 284 5.13 -10.16 -18.35
CA ARG C 284 4.85 -8.92 -19.06
C ARG C 284 5.23 -9.09 -20.51
N LYS C 285 5.00 -8.04 -21.30
CA LYS C 285 5.39 -8.08 -22.71
C LYS C 285 6.90 -8.28 -22.83
N VAL C 286 7.68 -7.57 -22.02
CA VAL C 286 9.12 -7.76 -21.95
C VAL C 286 9.44 -8.47 -20.65
N MSE C 287 9.52 -9.80 -20.68
CA MSE C 287 9.77 -10.55 -19.45
C MSE C 287 11.17 -10.32 -18.92
O MSE C 287 12.10 -10.00 -19.65
CB MSE C 287 9.59 -12.05 -19.64
CG MSE C 287 8.67 -12.51 -20.74
SE MSE C 287 8.14 -14.33 -20.32
CE MSE C 287 7.12 -14.01 -18.69
N ASP C 288 11.30 -10.50 -17.60
CA ASP C 288 12.58 -10.47 -16.92
C ASP C 288 12.57 -11.51 -15.83
N VAL C 289 13.76 -11.98 -15.45
CA VAL C 289 13.89 -13.02 -14.45
C VAL C 289 14.05 -12.38 -13.08
N PHE C 290 13.22 -12.82 -12.13
CA PHE C 290 13.32 -12.44 -10.73
C PHE C 290 14.29 -13.34 -10.00
N ALA C 291 14.11 -14.65 -10.11
CA ALA C 291 15.01 -15.62 -9.51
C ALA C 291 14.93 -16.92 -10.30
N ALA C 292 15.95 -17.75 -10.12
CA ALA C 292 16.01 -19.04 -10.80
C ALA C 292 16.66 -20.05 -9.88
N GLY C 293 16.34 -21.32 -10.12
CA GLY C 293 16.89 -22.38 -9.30
C GLY C 293 16.64 -23.74 -9.94
N GLY C 294 16.87 -24.76 -9.13
CA GLY C 294 16.66 -26.12 -9.57
C GLY C 294 17.28 -27.10 -8.59
N ARG C 295 17.33 -28.36 -9.02
CA ARG C 295 17.91 -29.44 -8.23
C ARG C 295 19.29 -29.74 -8.79
N TYR C 296 20.28 -29.85 -7.92
CA TYR C 296 21.63 -30.07 -8.40
C TYR C 296 22.29 -31.25 -7.69
N ASP C 297 21.54 -32.34 -7.49
CA ASP C 297 22.16 -33.57 -6.99
C ASP C 297 23.23 -34.06 -7.95
N GLY C 298 23.00 -33.92 -9.26
CA GLY C 298 23.96 -34.42 -10.23
C GLY C 298 25.33 -33.80 -10.09
N LEU C 299 25.40 -32.47 -9.96
CA LEU C 299 26.71 -31.82 -9.83
C LEU C 299 27.41 -32.26 -8.54
N ILE C 300 26.65 -32.38 -7.46
CA ILE C 300 27.20 -32.86 -6.19
C ILE C 300 27.77 -34.26 -6.38
N LYS C 301 27.04 -35.13 -7.08
CA LYS C 301 27.47 -36.49 -7.30
C LYS C 301 28.73 -36.51 -8.16
N ALA C 302 28.80 -35.59 -9.13
CA ALA C 302 29.93 -35.57 -10.05
C ALA C 302 31.22 -35.12 -9.36
N HIS C 303 31.12 -34.23 -8.37
CA HIS C 303 32.32 -33.69 -7.74
C HIS C 303 32.54 -34.13 -6.30
N ARG C 304 31.68 -34.96 -5.74
CA ARG C 304 31.89 -35.41 -4.36
C ARG C 304 32.90 -36.57 -4.37
N PRO C 305 34.08 -36.42 -3.75
CA PRO C 305 35.01 -37.54 -3.66
C PRO C 305 34.43 -38.66 -2.79
N ARG C 306 34.80 -39.90 -3.14
CA ARG C 306 34.22 -41.06 -2.49
C ARG C 306 35.25 -41.81 -1.66
N ARG C 314 24.29 -36.75 -0.55
CA ARG C 314 23.52 -35.53 -0.29
C ARG C 314 22.86 -34.94 -1.55
N HIS C 315 21.60 -34.55 -1.40
CA HIS C 315 20.76 -34.02 -2.46
C HIS C 315 20.34 -32.60 -2.12
N ALA C 316 20.30 -31.73 -3.13
CA ALA C 316 20.02 -30.33 -2.87
C ALA C 316 19.14 -29.74 -3.96
N VAL C 317 18.14 -28.96 -3.54
CA VAL C 317 17.35 -28.14 -4.46
C VAL C 317 17.28 -26.73 -3.88
N GLY C 318 17.38 -25.73 -4.75
CA GLY C 318 17.33 -24.37 -4.22
C GLY C 318 17.26 -23.34 -5.31
N PHE C 319 17.22 -22.08 -4.88
CA PHE C 319 17.20 -20.95 -5.81
C PHE C 319 18.18 -19.89 -5.34
N SER C 320 18.46 -18.96 -6.24
CA SER C 320 19.29 -17.80 -5.92
C SER C 320 18.59 -16.54 -6.38
N LEU C 321 18.69 -15.49 -5.57
CA LEU C 321 17.99 -14.23 -5.84
C LEU C 321 18.91 -13.06 -5.57
N ASN C 322 19.09 -12.19 -6.56
CA ASN C 322 19.80 -10.92 -6.37
C ASN C 322 18.79 -9.93 -5.79
N TRP C 323 18.63 -9.98 -4.47
CA TRP C 323 17.56 -9.23 -3.83
C TRP C 323 17.82 -7.73 -3.87
N GLU C 324 19.08 -7.31 -3.83
CA GLU C 324 19.35 -5.87 -3.89
C GLU C 324 18.96 -5.30 -5.24
N LYS C 325 19.23 -6.03 -6.31
CA LYS C 325 18.87 -5.57 -7.65
C LYS C 325 17.35 -5.59 -7.86
N GLN C 326 16.66 -6.62 -7.36
CA GLN C 326 15.25 -6.80 -7.69
C GLN C 326 14.31 -6.12 -6.72
N LEU C 327 14.73 -5.84 -5.48
CA LEU C 327 13.84 -5.32 -4.46
C LEU C 327 14.32 -4.03 -3.84
N ALA C 328 15.60 -3.70 -3.96
CA ALA C 328 16.12 -2.44 -3.45
C ALA C 328 16.66 -1.66 -4.64
N ASP D 8 -28.89 33.08 6.27
CA ASP D 8 -27.46 33.40 6.19
C ASP D 8 -26.60 32.14 6.26
N LEU D 9 -27.02 31.19 7.10
CA LEU D 9 -26.32 29.90 7.18
C LEU D 9 -26.44 29.14 5.87
N MSE D 10 -27.61 29.17 5.24
CA MSE D 10 -27.82 28.42 4.02
C MSE D 10 -26.97 28.98 2.87
O MSE D 10 -26.50 28.22 2.03
CB MSE D 10 -29.31 28.43 3.64
CG MSE D 10 -29.59 27.74 2.32
SE MSE D 10 -29.70 25.80 2.44
CE MSE D 10 -29.93 25.58 4.36
N ARG D 11 -26.77 30.30 2.85
CA ARG D 11 -25.87 30.89 1.86
C ARG D 11 -24.46 30.30 1.99
N ARG D 12 -23.96 30.23 3.22
CA ARG D 12 -22.64 29.64 3.45
C ARG D 12 -22.60 28.18 3.06
N PHE D 13 -23.66 27.43 3.39
CA PHE D 13 -23.71 26.01 3.02
C PHE D 13 -23.64 25.84 1.51
N ILE D 14 -24.43 26.62 0.76
CA ILE D 14 -24.46 26.46 -0.68
C ILE D 14 -23.13 26.87 -1.29
N VAL D 15 -22.52 27.94 -0.78
CA VAL D 15 -21.23 28.37 -1.31
C VAL D 15 -20.18 27.28 -1.08
N LYS D 16 -20.15 26.72 0.13
CA LYS D 16 -19.18 25.67 0.42
C LYS D 16 -19.40 24.45 -0.47
N ASP D 17 -20.66 24.06 -0.66
CA ASP D 17 -20.96 22.94 -1.56
C ASP D 17 -20.52 23.22 -2.99
N THR D 18 -20.72 24.44 -3.45
CA THR D 18 -20.28 24.82 -4.79
C THR D 18 -18.78 24.74 -4.94
N LEU D 19 -18.04 25.21 -3.94
CA LEU D 19 -16.58 25.10 -3.98
C LEU D 19 -16.16 23.63 -4.03
N ILE D 20 -16.75 22.80 -3.17
CA ILE D 20 -16.39 21.38 -3.17
C ILE D 20 -16.65 20.77 -4.55
N THR D 21 -17.78 21.12 -5.16
CA THR D 21 -18.10 20.60 -6.49
C THR D 21 -17.06 21.03 -7.52
N ILE D 22 -16.65 22.30 -7.48
CA ILE D 22 -15.64 22.76 -8.42
C ILE D 22 -14.34 21.98 -8.23
N PHE D 23 -13.94 21.75 -6.98
CA PHE D 23 -12.71 20.99 -6.73
C PHE D 23 -12.85 19.55 -7.23
N ARG D 24 -14.01 18.93 -7.00
CA ARG D 24 -14.25 17.58 -7.50
C ARG D 24 -14.15 17.54 -9.02
N ARG D 25 -14.71 18.54 -9.69
CA ARG D 25 -14.66 18.63 -11.14
C ARG D 25 -13.23 18.71 -11.66
N HIS D 26 -12.27 19.05 -10.80
CA HIS D 26 -10.87 19.17 -11.20
C HIS D 26 -10.00 18.10 -10.58
N GLY D 27 -10.61 17.03 -10.06
CA GLY D 27 -9.87 15.87 -9.62
C GLY D 27 -9.33 15.95 -8.22
N ALA D 28 -9.68 16.98 -7.47
CA ALA D 28 -9.18 17.11 -6.11
C ALA D 28 -10.06 16.33 -5.14
N VAL D 29 -9.45 15.91 -4.04
CA VAL D 29 -10.14 15.24 -2.95
C VAL D 29 -9.79 15.99 -1.66
N GLU D 30 -10.65 15.86 -0.66
CA GLU D 30 -10.49 16.63 0.56
C GLU D 30 -9.37 16.06 1.43
N ALA D 31 -8.56 16.96 1.97
CA ALA D 31 -7.50 16.68 2.93
C ALA D 31 -7.91 17.18 4.32
N PRO D 32 -7.23 16.77 5.39
CA PRO D 32 -7.73 17.06 6.74
C PRO D 32 -7.91 18.54 7.01
N THR D 33 -9.03 18.87 7.66
CA THR D 33 -9.27 20.22 8.13
C THR D 33 -8.23 20.60 9.19
N ALA D 34 -7.86 21.87 9.22
CA ALA D 34 -6.77 22.32 10.08
C ALA D 34 -7.07 23.70 10.66
N THR D 35 -6.55 23.94 11.85
CA THR D 35 -6.62 25.24 12.49
C THR D 35 -5.21 25.72 12.80
N LEU D 36 -4.90 26.97 12.46
CA LEU D 36 -3.61 27.58 12.74
C LEU D 36 -3.72 28.45 14.00
N TYR D 37 -3.01 28.07 15.06
CA TYR D 37 -2.93 28.85 16.28
C TYR D 37 -1.70 29.75 16.22
N PRO D 38 -1.87 31.08 16.18
CA PRO D 38 -0.71 31.97 16.05
C PRO D 38 0.20 31.93 17.26
N LYS D 39 1.48 32.24 17.01
CA LYS D 39 2.50 32.26 18.04
C LYS D 39 2.18 33.29 19.13
N SER D 40 2.72 33.05 20.32
CA SER D 40 2.53 33.94 21.45
C SER D 40 3.70 34.90 21.65
N SER D 41 4.85 34.62 21.07
CA SER D 41 5.99 35.53 21.04
C SER D 41 6.53 35.57 19.61
N HIS D 42 7.37 36.57 19.33
CA HIS D 42 7.79 36.80 17.95
C HIS D 42 8.53 35.59 17.36
N TYR D 43 9.42 34.98 18.14
CA TYR D 43 10.18 33.84 17.65
C TYR D 43 9.55 32.50 18.02
N GLY D 44 8.40 32.50 18.69
CA GLY D 44 7.74 31.26 19.05
C GLY D 44 7.08 30.59 17.87
N PRO D 45 6.83 29.30 17.98
CA PRO D 45 6.24 28.55 16.87
C PRO D 45 4.74 28.81 16.73
N ASN D 46 4.25 28.62 15.51
CA ASN D 46 2.82 28.64 15.24
C ASN D 46 2.34 27.20 15.19
N ALA D 47 1.26 26.90 15.89
CA ALA D 47 0.82 25.51 15.92
C ALA D 47 -0.26 25.28 14.88
N VAL D 48 -0.32 24.07 14.34
CA VAL D 48 -1.41 23.67 13.47
C VAL D 48 -2.01 22.39 14.00
N HIS D 49 -3.33 22.40 14.23
CA HIS D 49 -4.07 21.23 14.69
C HIS D 49 -4.82 20.67 13.49
N LEU D 50 -4.55 19.40 13.17
CA LEU D 50 -5.26 18.70 12.12
C LEU D 50 -6.47 17.99 12.72
N LEU D 51 -7.62 18.14 12.06
CA LEU D 51 -8.85 17.48 12.49
C LEU D 51 -8.91 16.08 11.90
N ASP D 52 -7.97 15.25 12.35
CA ASP D 52 -7.84 13.87 11.91
C ASP D 52 -8.15 12.93 13.07
N ARG D 53 -7.96 11.63 12.84
CA ARG D 53 -8.30 10.64 13.85
C ARG D 53 -7.37 10.68 15.06
N ASN D 54 -6.25 11.39 14.98
CA ASN D 54 -5.31 11.47 16.08
C ASN D 54 -5.24 12.85 16.71
N GLY D 55 -5.87 13.86 16.12
CA GLY D 55 -5.70 15.21 16.61
C GLY D 55 -4.27 15.68 16.48
N THR D 56 -3.67 15.45 15.32
CA THR D 56 -2.26 15.75 15.12
C THR D 56 -1.99 17.24 15.30
N VAL D 57 -0.92 17.54 16.02
CA VAL D 57 -0.46 18.91 16.22
C VAL D 57 0.96 19.04 15.68
N LEU D 58 1.18 20.01 14.82
CA LEU D 58 2.49 20.27 14.22
C LEU D 58 2.93 21.67 14.59
N GLN D 59 4.20 21.83 14.99
CA GLN D 59 4.77 23.14 15.28
C GLN D 59 5.50 23.63 14.04
N LEU D 60 5.07 24.78 13.52
CA LEU D 60 5.62 25.40 12.32
C LEU D 60 6.46 26.63 12.70
N PRO D 61 7.44 26.99 11.86
CA PRO D 61 8.36 28.09 12.19
C PRO D 61 7.65 29.42 12.43
N PHE D 62 8.36 30.31 13.12
CA PHE D 62 7.74 31.51 13.66
C PHE D 62 7.25 32.49 12.61
N ASP D 63 7.80 32.46 11.39
CA ASP D 63 7.42 33.42 10.38
C ASP D 63 6.28 32.93 9.49
N LEU D 64 5.79 31.71 9.74
CA LEU D 64 4.71 31.15 8.94
C LEU D 64 3.38 31.46 9.62
N VAL D 65 2.96 32.71 9.47
CA VAL D 65 1.74 33.19 10.10
C VAL D 65 0.55 33.22 9.15
N MSE D 66 0.77 32.93 7.87
CA MSE D 66 -0.30 32.90 6.88
C MSE D 66 -1.06 31.57 6.92
O MSE D 66 -0.50 30.54 7.29
CB MSE D 66 0.26 33.16 5.49
CG MSE D 66 1.05 32.01 4.88
SE MSE D 66 2.84 31.82 5.64
CE MSE D 66 3.40 33.71 5.75
N GLY D 67 -2.36 31.61 6.57
CA GLY D 67 -3.19 30.43 6.69
C GLY D 67 -2.71 29.28 5.83
N HIS D 68 -2.11 29.58 4.68
CA HIS D 68 -1.65 28.53 3.77
C HIS D 68 -0.58 27.65 4.42
N ALA D 69 0.05 28.12 5.51
CA ALA D 69 0.99 27.29 6.24
C ALA D 69 0.36 25.97 6.69
N ARG D 70 -0.96 25.96 6.88
CA ARG D 70 -1.64 24.71 7.21
C ARG D 70 -1.27 23.60 6.23
N SER D 71 -1.19 23.94 4.94
CA SER D 71 -0.81 22.94 3.94
C SER D 71 0.56 22.37 4.24
N LEU D 72 1.54 23.24 4.53
CA LEU D 72 2.87 22.76 4.90
C LEU D 72 2.77 21.80 6.07
N ALA D 73 1.97 22.13 7.08
CA ALA D 73 1.79 21.22 8.21
C ALA D 73 1.34 19.86 7.72
N ARG D 74 0.31 19.83 6.88
CA ARG D 74 -0.17 18.55 6.36
C ARG D 74 0.96 17.81 5.65
N ILE D 75 1.73 18.52 4.84
CA ILE D 75 2.80 17.86 4.09
C ILE D 75 3.85 17.32 5.03
N ALA D 76 4.11 18.02 6.14
CA ALA D 76 5.08 17.51 7.11
C ALA D 76 4.53 16.33 7.91
N SER D 77 3.21 16.19 8.00
CA SER D 77 2.64 15.19 8.89
C SER D 77 2.65 13.80 8.27
N GLY D 78 2.60 13.70 6.95
CA GLY D 78 2.56 12.42 6.28
C GLY D 78 2.19 12.54 4.82
N PRO D 79 1.73 11.43 4.22
CA PRO D 79 1.33 11.46 2.81
C PRO D 79 0.12 12.36 2.59
N VAL D 80 0.09 12.96 1.40
CA VAL D 80 -1.03 13.83 0.99
C VAL D 80 -1.48 13.43 -0.40
N PRO D 81 -2.71 13.73 -0.77
CA PRO D 81 -3.15 13.47 -2.14
C PRO D 81 -2.47 14.41 -3.12
N GLN D 82 -2.33 13.95 -4.36
CA GLN D 82 -1.74 14.78 -5.41
C GLN D 82 -2.49 16.09 -5.57
N ARG D 83 -3.81 16.02 -5.72
CA ARG D 83 -4.68 17.18 -5.83
C ARG D 83 -5.65 17.18 -4.67
N ALA D 84 -5.57 18.20 -3.82
CA ALA D 84 -6.34 18.21 -2.58
C ALA D 84 -6.95 19.58 -2.34
N TYR D 85 -8.00 19.59 -1.54
CA TYR D 85 -8.56 20.82 -0.97
C TYR D 85 -8.79 20.59 0.51
N SER D 86 -8.68 21.66 1.29
CA SER D 86 -8.79 21.52 2.74
C SER D 86 -9.41 22.78 3.32
N PHE D 87 -10.39 22.62 4.20
CA PHE D 87 -10.97 23.74 4.91
C PHE D 87 -10.16 24.03 6.17
N GLY D 88 -10.19 25.29 6.59
CA GLY D 88 -9.42 25.69 7.76
C GLY D 88 -9.76 27.10 8.20
N ASN D 89 -9.18 27.48 9.35
CA ASN D 89 -9.30 28.84 9.86
C ASN D 89 -8.04 29.18 10.66
N ILE D 90 -7.97 30.42 11.12
CA ILE D 90 -6.92 30.89 12.01
C ILE D 90 -7.57 31.27 13.34
N PHE D 91 -7.03 30.74 14.44
CA PHE D 91 -7.64 30.94 15.74
C PHE D 91 -7.69 32.41 16.13
N ARG D 92 -8.90 32.89 16.38
CA ARG D 92 -9.17 34.13 17.08
C ARG D 92 -10.01 33.79 18.30
N ASP D 93 -9.68 34.38 19.45
CA ASP D 93 -10.42 34.04 20.66
C ASP D 93 -11.87 34.54 20.56
N ARG D 94 -12.69 34.08 21.50
CA ARG D 94 -14.11 34.43 21.49
C ARG D 94 -14.31 35.93 21.63
N GLN D 95 -13.58 36.58 22.55
CA GLN D 95 -13.79 37.99 22.84
C GLN D 95 -13.43 38.90 21.67
N ASP D 96 -12.74 38.40 20.65
CA ASP D 96 -12.38 39.20 19.48
C ASP D 96 -13.10 38.73 18.22
N GLY D 97 -14.26 38.08 18.36
CA GLY D 97 -15.04 37.68 17.22
C GLY D 97 -14.63 36.38 16.57
N GLY D 98 -13.96 35.49 17.29
CA GLY D 98 -13.56 34.22 16.72
C GLY D 98 -14.72 33.23 16.66
N GLN D 99 -14.76 32.46 15.57
CA GLN D 99 -15.74 31.40 15.35
C GLN D 99 -14.98 30.10 15.15
N PRO D 100 -14.63 29.39 16.23
CA PRO D 100 -13.72 28.24 16.08
C PRO D 100 -14.31 27.08 15.31
N ASP D 101 -15.64 27.00 15.19
CA ASP D 101 -16.29 25.93 14.46
C ASP D 101 -16.64 26.30 13.03
N VAL D 102 -16.23 27.49 12.58
CA VAL D 102 -16.40 27.91 11.20
C VAL D 102 -15.05 27.88 10.51
N TYR D 103 -14.90 27.01 9.53
CA TYR D 103 -13.68 26.90 8.74
C TYR D 103 -13.89 27.64 7.42
N GLY D 104 -13.77 28.96 7.48
CA GLY D 104 -14.07 29.87 6.39
C GLY D 104 -12.97 30.07 5.38
N GLU D 105 -11.86 29.37 5.52
CA GLU D 105 -10.76 29.41 4.55
C GLU D 105 -10.65 28.06 3.87
N VAL D 106 -10.08 28.07 2.67
CA VAL D 106 -9.80 26.86 1.92
C VAL D 106 -8.41 26.95 1.29
N ASP D 107 -7.69 25.83 1.34
CA ASP D 107 -6.36 25.66 0.75
C ASP D 107 -6.50 24.62 -0.36
N PHE D 108 -5.90 24.90 -1.54
CA PHE D 108 -6.03 23.89 -2.58
C PHE D 108 -4.79 23.01 -2.73
N ASP D 109 -3.70 23.53 -3.30
CA ASP D 109 -2.47 22.77 -3.56
C ASP D 109 -2.59 21.54 -4.49
N ILE D 110 -1.63 21.45 -5.41
CA ILE D 110 -1.31 20.29 -6.23
C ILE D 110 0.10 19.85 -5.87
N VAL D 111 0.25 18.57 -5.51
CA VAL D 111 1.51 18.04 -5.03
C VAL D 111 1.96 16.92 -5.96
N THR D 112 3.14 17.09 -6.56
CA THR D 112 3.74 16.12 -7.45
C THR D 112 5.02 15.59 -6.80
N THR D 113 5.53 14.49 -7.34
CA THR D 113 6.75 13.91 -6.82
C THR D 113 7.96 14.04 -7.75
N ASP D 114 7.76 14.54 -8.96
CA ASP D 114 8.82 14.77 -9.93
C ASP D 114 8.95 16.27 -10.18
N ALA D 115 9.84 16.64 -11.10
CA ALA D 115 10.12 18.04 -11.39
C ALA D 115 9.89 18.41 -12.85
N MSE D 116 9.37 17.50 -13.67
CA MSE D 116 9.28 17.74 -15.11
C MSE D 116 8.20 18.73 -15.54
O MSE D 116 8.41 19.56 -16.43
CB MSE D 116 9.06 16.43 -15.88
CG MSE D 116 9.97 15.29 -15.46
SE MSE D 116 11.87 15.75 -15.45
CE MSE D 116 12.01 16.68 -17.16
N ASP D 117 7.03 18.66 -14.89
CA ASP D 117 5.90 19.45 -15.36
C ASP D 117 5.43 20.44 -14.29
N LEU D 118 6.38 21.17 -13.69
CA LEU D 118 6.00 22.10 -12.63
C LEU D 118 5.11 23.22 -13.15
N ALA D 119 5.51 23.83 -14.27
CA ALA D 119 4.75 24.93 -14.84
C ALA D 119 3.32 24.52 -15.17
N MSE D 120 3.15 23.29 -15.65
CA MSE D 120 1.85 22.70 -15.88
C MSE D 120 0.99 22.73 -14.63
O MSE D 120 -0.14 23.23 -14.65
CB MSE D 120 2.02 21.25 -16.36
CG MSE D 120 0.87 20.71 -17.17
SE MSE D 120 0.82 18.77 -17.10
CE MSE D 120 1.52 18.44 -18.87
N LYS D 121 1.51 22.23 -13.52
CA LYS D 121 0.72 22.13 -12.30
C LYS D 121 0.34 23.51 -11.78
N GLU D 122 1.27 24.47 -11.86
CA GLU D 122 0.93 25.84 -11.46
C GLU D 122 -0.20 26.38 -12.34
N ALA D 123 -0.13 26.12 -13.65
CA ALA D 123 -1.18 26.56 -14.55
C ALA D 123 -2.51 25.92 -14.19
N GLU D 124 -2.49 24.66 -13.76
CA GLU D 124 -3.74 24.00 -13.36
C GLU D 124 -4.34 24.71 -12.15
N VAL D 125 -3.49 25.11 -11.20
CA VAL D 125 -3.97 25.86 -10.05
C VAL D 125 -4.63 27.19 -10.49
N ILE D 126 -4.00 27.93 -11.41
CA ILE D 126 -4.67 29.15 -11.86
C ILE D 126 -6.01 28.83 -12.54
N LYS D 127 -6.09 27.73 -13.29
CA LYS D 127 -7.37 27.40 -13.93
C LYS D 127 -8.45 27.09 -12.90
N VAL D 128 -8.09 26.39 -11.82
CA VAL D 128 -9.07 26.13 -10.76
C VAL D 128 -9.55 27.46 -10.18
N LEU D 129 -8.64 28.40 -9.97
CA LEU D 129 -9.06 29.71 -9.49
C LEU D 129 -9.98 30.41 -10.50
N ASP D 130 -9.69 30.26 -11.79
CA ASP D 130 -10.52 30.87 -12.82
C ASP D 130 -11.95 30.33 -12.79
N GLU D 131 -12.10 29.01 -12.65
CA GLU D 131 -13.47 28.47 -12.54
C GLU D 131 -14.16 28.92 -11.25
N ILE D 132 -13.42 28.97 -10.14
CA ILE D 132 -14.02 29.51 -8.92
C ILE D 132 -14.55 30.92 -9.19
N ILE D 133 -13.77 31.72 -9.91
CA ILE D 133 -14.22 33.07 -10.26
C ILE D 133 -15.50 33.01 -11.09
N ALA D 134 -15.55 32.08 -12.04
CA ALA D 134 -16.71 31.97 -12.91
C ALA D 134 -17.98 31.55 -12.17
N ALA D 135 -17.83 30.79 -11.09
CA ALA D 135 -18.99 30.16 -10.47
C ALA D 135 -19.80 31.08 -9.54
N PHE D 136 -19.32 32.27 -9.23
CA PHE D 136 -20.05 33.06 -8.24
C PHE D 136 -20.38 34.43 -8.79
N PRO D 137 -21.58 34.95 -8.50
CA PRO D 137 -22.01 36.22 -9.12
C PRO D 137 -21.14 37.39 -8.73
N THR D 138 -20.64 37.43 -7.49
CA THR D 138 -19.81 38.54 -7.05
C THR D 138 -18.54 38.67 -7.89
N THR D 139 -18.00 37.55 -8.38
CA THR D 139 -16.73 37.55 -9.09
C THR D 139 -16.85 37.43 -10.60
N SER D 140 -17.98 36.96 -11.12
CA SER D 140 -18.12 36.73 -12.55
C SER D 140 -18.63 37.93 -13.34
N SER D 141 -19.21 38.95 -12.69
CA SER D 141 -19.76 40.08 -13.42
C SER D 141 -18.82 41.27 -13.50
N THR D 142 -17.86 41.38 -12.58
CA THR D 142 -16.84 42.40 -12.45
C THR D 142 -15.48 41.85 -12.87
N PRO D 143 -14.60 42.66 -13.47
CA PRO D 143 -13.32 42.11 -13.97
C PRO D 143 -12.36 41.71 -12.87
N MSE D 144 -11.88 40.48 -12.95
CA MSE D 144 -10.78 40.02 -12.11
C MSE D 144 -9.48 40.07 -12.90
O MSE D 144 -9.48 40.39 -14.09
CB MSE D 144 -11.03 38.61 -11.60
CG MSE D 144 -12.41 38.34 -11.04
SE MSE D 144 -12.80 39.43 -9.50
CE MSE D 144 -11.87 38.40 -8.13
N CYS D 145 -8.37 39.77 -12.23
CA CYS D 145 -7.10 39.61 -12.94
C CYS D 145 -6.19 38.71 -12.13
N PHE D 146 -5.22 38.12 -12.83
CA PHE D 146 -4.13 37.36 -12.22
C PHE D 146 -2.85 38.15 -12.36
N GLN D 147 -2.07 38.21 -11.29
CA GLN D 147 -0.76 38.86 -11.29
C GLN D 147 0.29 37.83 -10.93
N LEU D 148 1.24 37.62 -11.83
CA LEU D 148 2.28 36.60 -11.66
C LEU D 148 3.63 37.24 -11.39
N GLY D 149 4.42 36.59 -10.54
CA GLY D 149 5.81 36.92 -10.32
C GLY D 149 6.55 35.67 -9.91
N HIS D 150 7.80 35.81 -9.48
CA HIS D 150 8.58 34.65 -9.09
C HIS D 150 9.54 35.05 -7.97
N SER D 151 9.71 34.15 -7.00
CA SER D 151 10.60 34.43 -5.89
C SER D 151 12.03 34.65 -6.38
N ASP D 152 12.46 33.87 -7.38
CA ASP D 152 13.77 34.09 -7.98
C ASP D 152 13.85 35.45 -8.65
N LEU D 153 12.77 35.86 -9.34
CA LEU D 153 12.75 37.19 -9.96
C LEU D 153 12.85 38.28 -8.91
N LEU D 154 12.12 38.15 -7.81
CA LEU D 154 12.19 39.16 -6.76
C LEU D 154 13.59 39.25 -6.14
N GLN D 155 14.20 38.10 -5.86
CA GLN D 155 15.55 38.10 -5.30
C GLN D 155 16.56 38.67 -6.28
N LEU D 156 16.43 38.36 -7.58
CA LEU D 156 17.34 38.91 -8.56
C LEU D 156 17.15 40.42 -8.71
N ILE D 157 15.91 40.90 -8.61
CA ILE D 157 15.68 42.34 -8.61
C ILE D 157 16.34 42.97 -7.39
N PHE D 158 16.21 42.34 -6.23
CA PHE D 158 16.91 42.82 -5.04
C PHE D 158 18.41 42.87 -5.25
N ASP D 159 18.96 41.86 -5.93
CA ASP D 159 20.39 41.86 -6.24
C ASP D 159 20.76 43.03 -7.15
N PHE D 160 19.93 43.29 -8.17
CA PHE D 160 20.20 44.38 -9.09
C PHE D 160 20.11 45.73 -8.40
N CYS D 161 19.19 45.87 -7.44
CA CYS D 161 19.03 47.12 -6.71
C CYS D 161 19.91 47.20 -5.48
N ASN D 162 20.76 46.19 -5.25
CA ASN D 162 21.72 46.19 -4.14
C ASN D 162 21.02 46.36 -2.79
N VAL D 163 19.95 45.59 -2.59
CA VAL D 163 19.29 45.51 -1.30
C VAL D 163 19.99 44.43 -0.49
N GLU D 164 20.60 44.83 0.63
CA GLU D 164 21.34 43.87 1.44
C GLU D 164 20.41 42.82 2.04
N HIS D 165 20.89 41.59 2.14
CA HIS D 165 20.15 40.56 2.85
C HIS D 165 20.01 40.97 4.31
N GLY D 166 18.87 40.66 4.89
CA GLY D 166 18.53 41.14 6.21
C GLY D 166 17.57 42.31 6.19
N ALA D 167 17.46 42.98 5.05
CA ALA D 167 16.37 43.90 4.78
C ALA D 167 15.36 43.34 3.78
N ARG D 168 15.63 42.16 3.22
CA ARG D 168 14.83 41.64 2.11
C ARG D 168 13.49 41.06 2.56
N GLN D 169 13.43 40.36 3.69
CA GLN D 169 12.15 39.84 4.14
C GLN D 169 11.19 40.98 4.48
N ALA D 170 11.69 42.00 5.18
CA ALA D 170 10.88 43.18 5.46
C ALA D 170 10.49 43.90 4.17
N ALA D 171 11.42 43.98 3.21
CA ALA D 171 11.12 44.65 1.95
C ALA D 171 10.03 43.92 1.19
N ALA D 172 10.08 42.59 1.17
CA ALA D 172 9.02 41.82 0.53
C ALA D 172 7.70 41.99 1.27
N GLU D 173 7.74 42.04 2.62
CA GLU D 173 6.52 42.22 3.38
C GLU D 173 5.87 43.57 3.08
N VAL D 174 6.67 44.63 2.97
CA VAL D 174 6.09 45.93 2.62
C VAL D 174 5.59 45.92 1.17
N LEU D 175 6.35 45.32 0.26
CA LEU D 175 5.98 45.32 -1.15
C LEU D 175 4.76 44.46 -1.44
N SER D 176 4.42 43.52 -0.56
CA SER D 176 3.23 42.71 -0.79
C SER D 176 1.93 43.52 -0.72
N LYS D 177 1.97 44.73 -0.15
CA LYS D 177 0.79 45.58 -0.05
C LYS D 177 0.67 46.57 -1.20
N LEU D 178 1.61 46.58 -2.13
CA LEU D 178 1.67 47.63 -3.14
C LEU D 178 0.44 47.63 -4.04
N ASN D 179 -0.19 48.80 -4.17
CA ASN D 179 -1.35 49.04 -5.03
C ASN D 179 -2.57 48.24 -4.62
N ILE D 180 -2.62 47.72 -3.40
CA ILE D 180 -3.78 47.02 -2.88
C ILE D 180 -4.34 47.84 -1.71
N ARG D 181 -5.66 48.05 -1.72
CA ARG D 181 -6.37 48.74 -0.65
C ARG D 181 -5.77 50.12 -0.37
N ASN D 182 -5.59 50.90 -1.43
CA ASN D 182 -5.11 52.28 -1.40
C ASN D 182 -3.73 52.44 -0.79
N PHE D 183 -2.92 51.37 -0.76
CA PHE D 183 -1.54 51.50 -0.27
C PHE D 183 -0.64 51.91 -1.43
N THR D 184 -0.62 53.22 -1.70
CA THR D 184 0.15 53.73 -2.81
C THR D 184 1.65 53.64 -2.51
N TRP D 185 2.45 53.85 -3.54
CA TRP D 185 3.90 53.72 -3.44
C TRP D 185 4.57 55.01 -2.96
N LYS D 187 3.29 55.66 -0.25
CA LYS D 187 3.46 55.21 1.13
C LYS D 187 4.54 54.14 1.25
N VAL D 188 4.64 53.27 0.26
CA VAL D 188 5.61 52.18 0.31
C VAL D 188 7.01 52.73 0.53
N ARG D 189 7.38 53.74 -0.27
CA ARG D 189 8.69 54.37 -0.10
C ARG D 189 8.91 54.79 1.35
N SER D 190 7.94 55.52 1.90
CA SER D 190 8.08 56.00 3.28
C SER D 190 8.18 54.84 4.26
N GLU D 191 7.43 53.77 4.01
CA GLU D 191 7.54 52.61 4.88
C GLU D 191 8.83 51.85 4.62
N LEU D 192 9.30 51.86 3.38
CA LEU D 192 10.52 51.14 3.04
C LEU D 192 11.77 51.86 3.52
N ARG D 193 11.77 53.21 3.54
CA ARG D 193 12.89 53.99 4.03
C ARG D 193 12.87 54.19 5.55
N SER D 194 11.78 53.83 6.21
CA SER D 194 11.65 53.99 7.66
C SER D 194 12.79 53.27 8.38
N PRO D 195 13.12 53.70 9.60
CA PRO D 195 14.25 53.07 10.31
C PRO D 195 14.09 51.56 10.54
N LEU D 196 12.87 51.03 10.48
CA LEU D 196 12.71 49.58 10.60
C LEU D 196 13.38 48.87 9.42
N VAL D 197 13.20 49.38 8.22
CA VAL D 197 13.79 48.82 7.00
C VAL D 197 14.85 49.81 6.53
N GLY D 198 16.12 49.41 6.62
CA GLY D 198 17.20 50.30 6.21
C GLY D 198 17.67 50.28 4.77
N ILE D 199 16.76 50.36 3.79
CA ILE D 199 17.18 50.42 2.39
C ILE D 199 17.36 51.87 1.97
N SER D 200 18.46 52.13 1.25
CA SER D 200 18.88 53.47 0.87
C SER D 200 17.96 54.07 -0.20
N ALA D 201 18.04 55.41 -0.31
CA ALA D 201 17.25 56.13 -1.30
C ALA D 201 17.61 55.72 -2.72
N THR D 202 18.91 55.54 -3.01
CA THR D 202 19.32 55.11 -4.34
C THR D 202 18.76 53.72 -4.66
N SER D 203 18.80 52.81 -3.69
CA SER D 203 18.21 51.49 -3.89
C SER D 203 16.72 51.60 -4.14
N VAL D 204 16.05 52.52 -3.44
CA VAL D 204 14.62 52.74 -3.66
C VAL D 204 14.38 53.26 -5.07
N ASP D 205 15.23 54.17 -5.55
CA ASP D 205 15.10 54.67 -6.91
C ASP D 205 15.28 53.54 -7.92
N GLU D 206 16.19 52.61 -7.64
CA GLU D 206 16.38 51.47 -8.53
C GLU D 206 15.17 50.52 -8.48
N LEU D 207 14.64 50.29 -7.28
CA LEU D 207 13.40 49.55 -7.10
C LEU D 207 12.22 50.26 -7.73
N GLN D 208 12.34 51.57 -7.97
CA GLN D 208 11.26 52.34 -8.58
C GLN D 208 10.90 51.77 -9.95
N ARG D 209 11.87 51.17 -10.63
CA ARG D 209 11.56 50.42 -11.83
C ARG D 209 10.80 49.17 -11.41
N PHE D 210 10.41 48.35 -12.37
CA PHE D 210 9.65 47.13 -12.08
C PHE D 210 8.31 47.41 -11.40
N ASP D 211 7.93 48.69 -11.26
CA ASP D 211 6.64 49.07 -10.69
C ASP D 211 5.68 49.19 -11.88
N TRP D 212 5.22 48.03 -12.35
CA TRP D 212 4.28 47.99 -13.45
C TRP D 212 3.73 46.57 -13.54
N ARG D 213 2.77 46.41 -14.44
CA ARG D 213 2.25 45.11 -14.80
C ARG D 213 2.00 45.15 -16.30
N ASP D 214 2.08 44.00 -16.95
CA ASP D 214 1.93 43.96 -18.40
C ASP D 214 1.64 42.53 -18.85
N THR D 215 1.19 42.42 -20.10
CA THR D 215 1.02 41.12 -20.70
C THR D 215 2.40 40.45 -20.83
N PRO D 216 2.45 39.11 -20.81
CA PRO D 216 3.75 38.43 -20.59
C PRO D 216 4.85 38.79 -21.57
N THR D 217 4.59 38.78 -22.87
CA THR D 217 5.66 39.02 -23.83
C THR D 217 6.26 40.41 -23.64
N LYS D 218 5.41 41.43 -23.54
CA LYS D 218 5.88 42.79 -23.35
C LYS D 218 6.63 42.93 -22.02
N ALA D 219 6.11 42.30 -20.96
CA ALA D 219 6.76 42.39 -19.65
C ALA D 219 8.12 41.71 -19.66
N PHE D 220 8.23 40.57 -20.33
CA PHE D 220 9.50 39.85 -20.42
C PHE D 220 10.53 40.67 -21.17
N THR D 221 10.14 41.25 -22.31
CA THR D 221 11.08 42.09 -23.05
C THR D 221 11.44 43.32 -22.22
N LYS D 222 10.48 43.86 -21.47
CA LYS D 222 10.74 45.02 -20.63
C LYS D 222 11.76 44.70 -19.55
N ILE D 223 11.61 43.54 -18.90
CA ILE D 223 12.56 43.13 -17.86
C ILE D 223 13.93 42.89 -18.48
N ARG D 224 13.98 42.25 -19.66
CA ARG D 224 15.25 42.00 -20.31
C ARG D 224 15.97 43.29 -20.66
N ASN D 225 15.23 44.29 -21.15
CA ASN D 225 15.84 45.59 -21.47
C ASN D 225 16.28 46.31 -20.20
N LEU D 226 15.51 46.16 -19.11
CA LEU D 226 15.90 46.76 -17.84
C LEU D 226 17.20 46.14 -17.30
N PHE D 227 17.35 44.82 -17.46
CA PHE D 227 18.50 44.09 -16.97
C PHE D 227 19.63 44.03 -17.97
N GLU D 228 19.43 44.55 -19.19
CA GLU D 228 20.46 44.49 -20.21
C GLU D 228 21.72 45.22 -19.75
N GLY D 229 22.87 44.65 -20.08
CA GLY D 229 24.13 45.22 -19.66
C GLY D 229 24.58 44.85 -18.28
N THR D 230 23.87 43.95 -17.59
CA THR D 230 24.24 43.52 -16.26
C THR D 230 24.37 42.00 -16.22
N GLU D 231 25.05 41.51 -15.18
CA GLU D 231 25.24 40.07 -15.02
C GLU D 231 23.95 39.34 -14.70
N TYR D 232 22.94 40.03 -14.17
CA TYR D 232 21.73 39.34 -13.72
C TYR D 232 20.80 38.99 -14.87
N TYR D 233 20.95 39.66 -16.02
CA TYR D 233 20.16 39.33 -17.19
C TYR D 233 20.34 37.87 -17.57
N ASP D 234 21.61 37.44 -17.62
CA ASP D 234 22.01 36.11 -18.04
C ASP D 234 21.72 35.06 -16.96
N VAL D 236 18.67 35.55 -15.05
CA VAL D 236 17.26 35.90 -14.93
C VAL D 236 16.47 35.32 -16.08
N SER D 237 17.12 35.19 -17.24
CA SER D 237 16.44 34.74 -18.44
C SER D 237 15.67 33.45 -18.19
N SER D 238 16.34 32.45 -17.60
CA SER D 238 15.69 31.15 -17.40
C SER D 238 14.43 31.29 -16.57
N THR D 239 14.47 32.09 -15.50
CA THR D 239 13.29 32.28 -14.67
C THR D 239 12.13 32.79 -15.53
N LEU D 240 12.39 33.80 -16.36
CA LEU D 240 11.34 34.33 -17.22
C LEU D 240 10.81 33.25 -18.14
N ALA D 241 11.69 32.38 -18.64
CA ALA D 241 11.25 31.30 -19.51
C ALA D 241 10.22 30.44 -18.80
N HIS D 242 10.49 30.10 -17.54
CA HIS D 242 9.53 29.33 -16.75
C HIS D 242 8.20 30.05 -16.71
N LEU D 243 8.22 31.35 -16.43
CA LEU D 243 6.97 32.11 -16.37
C LEU D 243 6.23 32.01 -17.69
N LYS D 244 6.94 32.13 -18.81
CA LYS D 244 6.28 32.03 -20.11
C LYS D 244 5.56 30.71 -20.23
N GLU D 245 6.25 29.63 -19.86
CA GLU D 245 5.63 28.31 -19.95
C GLU D 245 4.34 28.29 -19.15
N VAL D 246 4.39 28.80 -17.91
CA VAL D 246 3.21 28.78 -17.07
C VAL D 246 2.07 29.50 -17.78
N TYR D 247 2.33 30.72 -18.25
CA TYR D 247 1.26 31.49 -18.85
C TYR D 247 0.71 30.78 -20.08
N GLU D 248 1.59 30.23 -20.90
CA GLU D 248 1.11 29.60 -22.11
C GLU D 248 0.32 28.34 -21.81
N TYR D 249 0.70 27.60 -20.76
CA TYR D 249 -0.12 26.45 -20.39
C TYR D 249 -1.51 26.92 -20.01
N SER D 250 -1.60 28.08 -19.35
CA SER D 250 -2.89 28.66 -19.01
C SER D 250 -3.71 28.95 -20.26
N LYS D 251 -3.05 29.36 -21.35
CA LYS D 251 -3.78 29.55 -22.60
C LYS D 251 -4.32 28.24 -23.14
N LYS D 252 -3.58 27.14 -22.97
CA LYS D 252 -4.06 25.85 -23.44
C LYS D 252 -5.28 25.42 -22.64
N PHE D 253 -5.30 25.73 -21.34
CA PHE D 253 -6.41 25.39 -20.47
C PHE D 253 -7.56 26.39 -20.58
N LYS D 254 -7.47 27.36 -21.49
CA LYS D 254 -8.55 28.32 -21.74
C LYS D 254 -8.93 29.07 -20.46
N VAL D 255 -7.93 29.73 -19.88
CA VAL D 255 -8.15 30.59 -18.73
C VAL D 255 -8.79 31.90 -19.21
N ASN D 256 -9.96 32.22 -18.67
CA ASN D 256 -10.71 33.38 -19.13
C ASN D 256 -10.11 34.69 -18.61
N THR D 257 -9.62 34.69 -17.37
CA THR D 257 -9.18 35.91 -16.72
C THR D 257 -7.87 36.44 -17.31
N LYS D 258 -7.78 37.77 -17.40
CA LYS D 258 -6.56 38.39 -17.90
C LYS D 258 -5.39 38.11 -16.95
N ILE D 259 -4.21 37.96 -17.53
CA ILE D 259 -3.00 37.60 -16.79
C ILE D 259 -1.95 38.67 -17.04
N TYR D 260 -1.47 39.29 -15.96
CA TYR D 260 -0.41 40.27 -15.98
C TYR D 260 0.83 39.71 -15.29
N ILE D 261 1.99 40.24 -15.67
CA ILE D 261 3.24 39.98 -14.96
C ILE D 261 3.58 41.20 -14.14
N ALA D 262 3.65 41.02 -12.82
CA ALA D 262 4.03 42.08 -11.89
C ALA D 262 5.36 41.70 -11.25
N PRO D 263 6.48 42.31 -11.66
CA PRO D 263 7.79 41.85 -11.21
C PRO D 263 8.02 41.99 -9.72
N LEU D 264 7.29 42.86 -9.03
CA LEU D 264 7.45 43.06 -7.60
C LEU D 264 6.44 42.26 -6.78
N SER D 265 5.78 41.27 -7.38
CA SER D 265 4.88 40.42 -6.63
C SER D 265 5.64 39.74 -5.51
N SER D 266 5.12 39.87 -4.28
CA SER D 266 5.88 39.42 -3.11
C SER D 266 5.01 38.79 -2.02
N ILE D 267 3.72 38.58 -2.25
CA ILE D 267 2.82 38.14 -1.18
C ILE D 267 3.27 36.78 -0.65
N ASN D 268 3.57 36.72 0.65
CA ASN D 268 4.02 35.50 1.32
C ASN D 268 5.27 34.92 0.65
N GLU D 269 6.17 35.80 0.20
CA GLU D 269 7.36 35.35 -0.53
C GLU D 269 8.21 34.42 0.31
N ALA D 270 8.29 34.67 1.62
CA ALA D 270 9.02 33.77 2.51
C ALA D 270 8.47 32.36 2.41
N PHE D 271 7.14 32.22 2.28
CA PHE D 271 6.55 30.90 2.14
C PHE D 271 6.85 30.29 0.78
N PHE D 272 6.80 31.09 -0.28
CA PHE D 272 6.96 30.58 -1.65
C PHE D 272 8.39 30.76 -2.15
N ARG D 273 9.37 30.41 -1.34
CA ARG D 273 10.77 30.54 -1.71
C ARG D 273 11.32 29.18 -2.09
N GLY D 274 11.88 29.07 -3.29
CA GLY D 274 11.80 30.13 -4.26
C GLY D 274 11.06 29.60 -5.47
N GLY D 275 9.80 30.02 -5.61
CA GLY D 275 8.96 29.54 -6.68
C GLY D 275 8.07 30.63 -7.24
N ILE D 276 7.15 30.24 -8.12
CA ILE D 276 6.20 31.20 -8.67
C ILE D 276 5.32 31.74 -7.55
N LEU D 277 4.92 33.01 -7.69
CA LEU D 277 3.90 33.63 -6.86
C LEU D 277 2.81 34.19 -7.76
N PHE D 278 1.56 34.06 -7.34
CA PHE D 278 0.46 34.61 -8.11
C PHE D 278 -0.64 35.10 -7.18
N SER D 279 -1.32 36.14 -7.60
CA SER D 279 -2.45 36.67 -6.87
C SER D 279 -3.63 36.83 -7.83
N CYS D 280 -4.82 36.58 -7.31
CA CYS D 280 -6.07 36.86 -8.01
C CYS D 280 -6.72 38.05 -7.31
N LEU D 281 -6.93 39.13 -8.08
CA LEU D 281 -7.35 40.41 -7.55
C LEU D 281 -8.57 40.94 -8.32
N TYR D 282 -9.32 41.82 -7.66
CA TYR D 282 -10.37 42.59 -8.32
C TYR D 282 -9.72 43.73 -9.10
N ASP D 283 -9.76 43.64 -10.43
CA ASP D 283 -9.07 44.57 -11.32
C ASP D 283 -9.93 45.79 -11.70
N ARG D 284 -10.09 46.69 -10.74
CA ARG D 284 -10.17 48.14 -11.00
C ARG D 284 -10.03 48.95 -9.72
N LYS D 285 -10.51 50.20 -9.76
CA LYS D 285 -9.89 51.39 -9.20
C LYS D 285 -9.07 51.17 -7.93
N VAL D 286 -9.62 50.54 -6.92
CA VAL D 286 -8.84 50.19 -5.74
C VAL D 286 -8.78 48.67 -5.71
N MSE D 287 -7.58 48.13 -5.86
CA MSE D 287 -7.42 46.70 -5.99
C MSE D 287 -7.47 46.04 -4.63
O MSE D 287 -6.89 46.53 -3.66
CB MSE D 287 -6.11 46.35 -6.70
CG MSE D 287 -6.23 46.39 -8.21
SE MSE D 287 -4.65 45.70 -9.11
CE MSE D 287 -5.40 45.57 -10.89
N ASP D 288 -8.21 44.95 -4.56
CA ASP D 288 -8.24 44.12 -3.37
C ASP D 288 -7.90 42.69 -3.78
N VAL D 289 -7.39 41.93 -2.82
CA VAL D 289 -6.94 40.57 -3.08
C VAL D 289 -8.10 39.61 -2.89
N PHE D 290 -8.35 38.78 -3.89
CA PHE D 290 -9.29 37.68 -3.77
C PHE D 290 -8.60 36.44 -3.22
N ALA D 291 -7.48 36.05 -3.83
CA ALA D 291 -6.73 34.90 -3.34
C ALA D 291 -5.26 35.06 -3.71
N ALA D 292 -4.41 34.28 -3.03
CA ALA D 292 -2.98 34.33 -3.32
C ALA D 292 -2.38 32.95 -3.15
N GLY D 293 -1.32 32.69 -3.89
CA GLY D 293 -0.65 31.42 -3.80
C GLY D 293 0.69 31.41 -4.52
N GLY D 294 1.23 30.22 -4.67
CA GLY D 294 2.51 30.05 -5.32
C GLY D 294 3.03 28.64 -5.06
N ARG D 295 4.29 28.45 -5.44
CA ARG D 295 4.97 27.17 -5.28
C ARG D 295 5.90 27.23 -4.08
N TYR D 296 5.85 26.22 -3.22
CA TYR D 296 6.63 26.19 -1.99
C TYR D 296 7.41 24.88 -1.85
N ASP D 297 8.05 24.42 -2.93
CA ASP D 297 8.93 23.26 -2.84
C ASP D 297 10.07 23.53 -1.86
N GLY D 298 10.65 24.73 -1.92
CA GLY D 298 11.81 25.02 -1.12
C GLY D 298 11.55 24.84 0.36
N LEU D 299 10.43 25.38 0.85
CA LEU D 299 10.11 25.24 2.27
C LEU D 299 9.90 23.78 2.63
N ILE D 300 9.26 23.02 1.75
CA ILE D 300 9.04 21.59 2.01
C ILE D 300 10.37 20.90 2.22
N LYS D 301 11.35 21.18 1.35
CA LYS D 301 12.67 20.55 1.53
C LYS D 301 13.35 21.08 2.78
N ALA D 302 13.19 22.38 3.09
CA ALA D 302 13.91 22.98 4.20
C ALA D 302 13.41 22.49 5.55
N HIS D 303 12.12 22.20 5.67
CA HIS D 303 11.54 21.79 6.95
C HIS D 303 11.03 20.35 6.92
N ARG D 304 11.77 19.48 6.23
CA ARG D 304 11.53 18.05 6.33
C ARG D 304 11.85 17.57 7.75
N PRO D 305 11.14 16.54 8.24
CA PRO D 305 11.39 15.95 9.56
C PRO D 305 12.84 15.49 9.79
N GLU D 312 11.89 11.74 0.62
CA GLU D 312 10.95 11.74 -0.49
C GLU D 312 10.72 13.15 -1.03
N GLU D 313 11.25 13.42 -2.22
CA GLU D 313 11.13 14.75 -2.81
C GLU D 313 9.69 15.02 -3.22
N ARG D 314 9.11 16.10 -2.68
CA ARG D 314 7.73 16.46 -2.97
C ARG D 314 7.64 17.93 -3.30
N HIS D 315 6.85 18.25 -4.33
CA HIS D 315 6.67 19.60 -4.84
C HIS D 315 5.21 20.00 -4.74
N ALA D 316 4.96 21.26 -4.39
CA ALA D 316 3.59 21.71 -4.16
C ALA D 316 3.41 23.13 -4.66
N VAL D 317 2.28 23.36 -5.35
CA VAL D 317 1.85 24.70 -5.71
C VAL D 317 0.39 24.84 -5.31
N GLY D 318 0.00 26.00 -4.79
CA GLY D 318 -1.38 26.11 -4.38
C GLY D 318 -1.77 27.53 -4.03
N PHE D 319 -3.03 27.69 -3.62
CA PHE D 319 -3.55 28.99 -3.21
C PHE D 319 -4.34 28.85 -1.93
N SER D 320 -4.64 29.99 -1.30
CA SER D 320 -5.51 30.02 -0.15
C SER D 320 -6.56 31.11 -0.33
N LEU D 321 -7.79 30.81 0.06
CA LEU D 321 -8.91 31.71 -0.17
C LEU D 321 -9.79 31.76 1.07
N ASN D 322 -10.04 32.97 1.57
CA ASN D 322 -10.99 33.16 2.68
C ASN D 322 -12.39 33.21 2.07
N TRP D 323 -12.95 32.02 1.86
CA TRP D 323 -14.18 31.92 1.08
C TRP D 323 -15.39 32.48 1.82
N GLU D 324 -15.42 32.38 3.15
CA GLU D 324 -16.56 32.94 3.88
C GLU D 324 -16.56 34.46 3.78
N LYS D 325 -15.38 35.08 3.86
CA LYS D 325 -15.29 36.53 3.75
C LYS D 325 -15.61 37.01 2.34
N GLN D 326 -15.14 36.28 1.32
CA GLN D 326 -15.22 36.77 -0.05
C GLN D 326 -16.50 36.36 -0.79
N LEU D 327 -17.15 35.27 -0.38
CA LEU D 327 -18.27 34.72 -1.14
C LEU D 327 -19.55 34.53 -0.34
N ALA D 328 -19.50 34.47 0.98
CA ALA D 328 -20.68 34.29 1.81
C ALA D 328 -20.89 35.47 2.74
N LYS D 329 -20.65 36.69 2.24
CA LYS D 329 -20.74 37.88 3.06
C LYS D 329 -22.19 38.40 3.14
#